data_8EFO
#
_entry.id   8EFO
#
_cell.length_a   1.00
_cell.length_b   1.00
_cell.length_c   1.00
_cell.angle_alpha   90.00
_cell.angle_beta   90.00
_cell.angle_gamma   90.00
#
_symmetry.space_group_name_H-M   'P 1'
#
loop_
_entity.id
_entity.type
_entity.pdbx_description
1 polymer 'Mu-type opioid receptor'
2 polymer 'Guanine nucleotide-binding protein G(i) subunit alpha-1'
3 polymer 'Guanine nucleotide-binding protein G(I)/G(S)/G(T) subunit beta-1'
4 polymer 'Guanine nucleotide-binding protein G(I)/G(S)/G(O) subunit gamma-2'
5 polymer scFv16
6 non-polymer "N-[(2S)-2-(dimethylamino)-3-(4-hydroxyphenyl)propyl]-N'-[(2S)-1-(thiophen-3-yl)propan-2-yl]urea"
7 non-polymer CHOLESTEROL
#
loop_
_entity_poly.entity_id
_entity_poly.type
_entity_poly.pdbx_seq_one_letter_code
_entity_poly.pdbx_strand_id
1 'polypeptide(L)'
;DSSAAPTNASNCTDALAYSSCSPAPSPGSWVNLSHLDGNLSDPCGPNRTDLGGRDSLCPPTGSPSMITAITIMALYSIVC
VVGLFGNFLVMYVIVRYTKMKTATNIYIFNLALADALATSTLPFQSVNYLMGTWPFGTILCKIVISIDYYNMFTSIFTLC
TMSVDRYIAVCHPVKALDFRTPRNAKIINVCNWILSSAIGLPVMFMATTKYRQGSIDCTLTFSHPTWYWENLLKICVFIF
AFIMPVLIITVCYGLMILRLKSVRMLSGSKEKDRNLRRITRMVLVVVAVFIVCWTPIHIYVIIKALVTIPETTFQTVSWH
FCIALGYTNSCLNPVLYAFLDENFKRCFREFCIPTSSNIEQQNSTRI
;
R,M
2 'polypeptide(L)'
;MGCTLSAEDKAAVERSKMIDRNLREDGEKAAREVKLLLLGAGESGKSTIVKQMKIIHEAGYSEEECKQYKAVVYSNTIQS
IIAIIRAMGRLKIDFGDSARADDARQLFVLAGAAEEGFMTAELAGVIKRLWKDSGVQACFNRSREYQLNDSAAYYLNDLD
RIAQPNYIPTQQDVLRTRVKTTGIVETHFTFKDLHFKMFDVGAQRSERKKWIHCFEGVTAIIFCVALSDYDLVLAEDEEM
NRMHESMKLFDSICNNKWFTDTSIILFLNKKDLFEEKIKKSPLTICYPEYAGSNTYEEAAAYIQCQFEDLNKRKDTKEIY
THFTCSTDTKNVQFVFDAVTDVIIKNNLKDCGLF
;
A,F
3 'polypeptide(L)'
;MHHHHHHHHGSLLQSELDQLRQEAEQLKNQIRDARKACADATLSQITNNIDPVGRIQMRTRRTLRGHLAKIYAMHWGTDS
RLLVSASQDGKLIIWDSYTTNKVHAIPLRSSWVMTCAYAPSGNYVACGGLDNICSIYNLKTREGNVRVSRELAGHTGYLS
CCRFLDDNQIVTSSGDTTCALWDIETGQQTTTFTGHTGDVMSLSLAPDTRLFVSGACDASAKLWDVREGMCRQTFTGHES
DINAICFFPNGNAFATGSDDATCRLFDLRADQELMTYSHDNIICGITSVSFSKSGRLLLAGYDDFNCNVWDALKADRAGV
LAGHDNRVSCLGVTDDGMAVATGSWDSFLKIWN
;
B
4 'polypeptide(L)' MASNNTASIAQARKLVEQLKMEANIDRIKVSKAAADLMAYCEAHAKEDPLLTPVPASENPFREKKFFC C
5 'polypeptide(L)'
;MVQLVESGGGLVQPGGSRKLSCSASGFAFSSFGMHWVRQAPEKGLEWVAYISSGSGTIYYADTVKGRFTISRDDPKNTLF
LQMTSLRSEDTAMYYCVRSIYYYGSSPFDFWGQGTTLTVSAGGGGSGGGGSGGGGSADIVMTQATSSVPVTPGESVSISC
RSSKSLLHSNGNTYLYWFLQRPGQSPQLLIYRMSNLASGVPDRFSGSGSGTAFTLTISRLEAEDVGVYYCMQHLEYPLTF
GAGTKLEL
;
E
#
loop_
_chem_comp.id
_chem_comp.type
_chem_comp.name
_chem_comp.formula
8QY non-polymer N-[(2S)-2-(dimethylamino)-3-(4-hydroxyphenyl)propyl]-N'-[(2S)-1-(thiophen-3-yl)propan-2-yl]urea 'C19 H27 N3 O2 S'
CLR non-polymer CHOLESTEROL 'C27 H46 O'
#
# COMPACT_ATOMS: atom_id res chain seq x y z
N SER A 65 -15.01 -44.47 -36.86
CA SER A 65 -13.94 -45.38 -36.46
C SER A 65 -12.60 -44.66 -36.41
N MET A 66 -12.11 -44.23 -37.56
CA MET A 66 -10.83 -43.53 -37.69
C MET A 66 -10.99 -42.04 -37.91
N ILE A 67 -11.95 -41.64 -38.75
CA ILE A 67 -12.20 -40.21 -38.99
C ILE A 67 -12.73 -39.54 -37.73
N THR A 68 -13.56 -40.28 -36.96
CA THR A 68 -14.04 -39.79 -35.67
C THR A 68 -12.89 -39.59 -34.68
N ALA A 69 -11.94 -40.54 -34.66
CA ALA A 69 -10.79 -40.44 -33.77
C ALA A 69 -9.89 -39.25 -34.13
N ILE A 70 -9.69 -39.00 -35.42
CA ILE A 70 -8.84 -37.88 -35.83
C ILE A 70 -9.56 -36.56 -35.58
N THR A 71 -10.89 -36.56 -35.58
CA THR A 71 -11.64 -35.33 -35.32
C THR A 71 -11.57 -34.93 -33.86
N ILE A 72 -11.74 -35.89 -32.95
CA ILE A 72 -11.74 -35.59 -31.51
C ILE A 72 -10.33 -35.25 -31.04
N MET A 73 -9.31 -35.99 -31.51
CA MET A 73 -7.93 -35.74 -31.08
C MET A 73 -7.42 -34.39 -31.57
N ALA A 74 -7.80 -33.99 -32.78
CA ALA A 74 -7.46 -32.65 -33.27
C ALA A 74 -8.18 -31.58 -32.48
N LEU A 75 -9.45 -31.85 -32.13
CA LEU A 75 -10.26 -30.92 -31.32
C LEU A 75 -9.58 -30.61 -29.98
N TYR A 76 -9.07 -31.65 -29.31
CA TYR A 76 -8.25 -31.43 -28.12
C TYR A 76 -6.95 -30.73 -28.45
N SER A 77 -6.33 -31.09 -29.59
CA SER A 77 -5.03 -30.54 -29.96
C SER A 77 -5.09 -29.05 -30.26
N ILE A 78 -6.12 -28.61 -30.99
CA ILE A 78 -6.31 -27.19 -31.27
C ILE A 78 -6.51 -26.39 -29.98
N VAL A 79 -7.36 -26.92 -29.09
CA VAL A 79 -7.60 -26.29 -27.79
C VAL A 79 -6.33 -26.29 -26.94
N CYS A 80 -5.52 -27.37 -27.02
CA CYS A 80 -4.32 -27.45 -26.20
C CYS A 80 -3.23 -26.51 -26.69
N VAL A 81 -2.98 -26.49 -28.00
CA VAL A 81 -1.88 -25.67 -28.54
C VAL A 81 -2.19 -24.19 -28.40
N VAL A 82 -3.41 -23.77 -28.77
CA VAL A 82 -3.79 -22.36 -28.63
C VAL A 82 -3.94 -21.99 -27.15
N GLY A 83 -4.33 -22.94 -26.31
CA GLY A 83 -4.47 -22.66 -24.88
C GLY A 83 -3.13 -22.47 -24.19
N LEU A 84 -2.18 -23.35 -24.45
CA LEU A 84 -0.84 -23.20 -23.87
C LEU A 84 -0.10 -22.00 -24.44
N PHE A 85 -0.35 -21.66 -25.71
CA PHE A 85 0.29 -20.49 -26.31
C PHE A 85 -0.20 -19.19 -25.65
N GLY A 86 -1.52 -18.99 -25.64
CA GLY A 86 -2.09 -17.78 -25.07
C GLY A 86 -1.81 -17.58 -23.59
N ASN A 87 -1.93 -18.64 -22.79
CA ASN A 87 -1.79 -18.52 -21.34
C ASN A 87 -0.36 -18.18 -20.92
N PHE A 88 0.62 -18.89 -21.49
CA PHE A 88 2.02 -18.60 -21.16
C PHE A 88 2.49 -17.28 -21.76
N LEU A 89 1.86 -16.81 -22.84
CA LEU A 89 2.24 -15.50 -23.39
C LEU A 89 1.79 -14.36 -22.48
N VAL A 90 0.70 -14.55 -21.74
CA VAL A 90 0.23 -13.50 -20.84
C VAL A 90 1.05 -13.48 -19.56
N MET A 91 1.41 -14.66 -19.05
CA MET A 91 2.35 -14.73 -17.92
C MET A 91 3.75 -14.25 -18.28
N TYR A 92 4.10 -14.24 -19.57
CA TYR A 92 5.40 -13.71 -19.96
C TYR A 92 5.41 -12.19 -19.97
N VAL A 93 4.39 -11.57 -20.60
CA VAL A 93 4.33 -10.12 -20.73
C VAL A 93 4.19 -9.44 -19.37
N ILE A 94 3.43 -10.06 -18.46
CA ILE A 94 3.21 -9.47 -17.13
C ILE A 94 4.50 -9.50 -16.30
N VAL A 95 5.18 -10.66 -16.27
CA VAL A 95 6.37 -10.80 -15.43
C VAL A 95 7.54 -10.00 -16.00
N ARG A 96 7.70 -10.00 -17.34
CA ARG A 96 8.80 -9.26 -17.95
C ARG A 96 8.60 -7.75 -17.87
N TYR A 97 7.42 -7.26 -18.22
CA TYR A 97 7.19 -5.83 -18.40
C TYR A 97 6.41 -5.21 -17.24
N THR A 98 5.21 -5.74 -16.96
CA THR A 98 4.37 -5.18 -15.91
C THR A 98 4.99 -5.38 -14.53
N LYS A 99 5.50 -6.59 -14.26
CA LYS A 99 6.13 -7.01 -13.00
C LYS A 99 5.15 -6.93 -11.81
N MET A 100 3.86 -7.13 -12.11
CA MET A 100 2.76 -7.20 -11.15
C MET A 100 2.74 -6.02 -10.18
N LYS A 101 2.88 -4.82 -10.73
CA LYS A 101 2.83 -3.60 -9.94
C LYS A 101 1.42 -3.03 -9.81
N THR A 102 0.45 -3.63 -10.50
CA THR A 102 -0.91 -3.12 -10.58
C THR A 102 -1.85 -4.21 -10.06
N ALA A 103 -2.91 -3.79 -9.36
CA ALA A 103 -3.84 -4.72 -8.73
C ALA A 103 -4.56 -5.58 -9.76
N THR A 104 -5.04 -4.97 -10.84
CA THR A 104 -5.80 -5.69 -11.87
C THR A 104 -4.94 -6.73 -12.57
N ASN A 105 -3.68 -6.39 -12.88
CA ASN A 105 -2.77 -7.30 -13.56
C ASN A 105 -2.42 -8.53 -12.72
N ILE A 106 -2.51 -8.41 -11.38
CA ILE A 106 -2.31 -9.57 -10.51
C ILE A 106 -3.41 -10.60 -10.75
N TYR A 107 -4.65 -10.15 -10.90
CA TYR A 107 -5.77 -11.07 -11.18
C TYR A 107 -5.61 -11.75 -12.54
N ILE A 108 -5.12 -11.01 -13.54
CA ILE A 108 -4.94 -11.56 -14.88
C ILE A 108 -3.83 -12.61 -14.88
N PHE A 109 -2.78 -12.38 -14.07
CA PHE A 109 -1.72 -13.37 -13.91
C PHE A 109 -2.23 -14.66 -13.26
N ASN A 110 -3.02 -14.53 -12.19
CA ASN A 110 -3.65 -15.70 -11.58
C ASN A 110 -4.66 -16.36 -12.50
N LEU A 111 -5.29 -15.59 -13.39
CA LEU A 111 -6.20 -16.18 -14.36
C LEU A 111 -5.44 -16.99 -15.41
N ALA A 112 -4.34 -16.44 -15.92
CA ALA A 112 -3.54 -17.14 -16.91
C ALA A 112 -2.85 -18.36 -16.33
N LEU A 113 -2.45 -18.29 -15.05
CA LEU A 113 -1.81 -19.42 -14.39
C LEU A 113 -2.79 -20.58 -14.19
N ALA A 114 -4.01 -20.27 -13.73
CA ALA A 114 -5.03 -21.30 -13.54
C ALA A 114 -5.46 -21.93 -14.85
N ASP A 115 -5.55 -21.12 -15.92
CA ASP A 115 -5.94 -21.65 -17.23
C ASP A 115 -4.84 -22.52 -17.82
N ALA A 116 -3.57 -22.15 -17.63
CA ALA A 116 -2.46 -22.92 -18.18
C ALA A 116 -2.35 -24.30 -17.54
N LEU A 117 -2.57 -24.38 -16.22
CA LEU A 117 -2.57 -25.67 -15.54
C LEU A 117 -3.72 -26.54 -16.01
N ALA A 118 -4.91 -25.95 -16.19
CA ALA A 118 -6.05 -26.69 -16.73
C ALA A 118 -5.78 -27.14 -18.17
N THR A 119 -5.12 -26.29 -18.97
CA THR A 119 -4.75 -26.65 -20.33
C THR A 119 -3.72 -27.77 -20.34
N SER A 120 -2.85 -27.82 -19.32
CA SER A 120 -1.85 -28.88 -19.20
C SER A 120 -2.49 -30.26 -19.02
N THR A 121 -3.70 -30.32 -18.48
CA THR A 121 -4.41 -31.59 -18.31
C THR A 121 -4.84 -32.18 -19.66
N LEU A 122 -5.00 -31.35 -20.69
CA LEU A 122 -5.50 -31.79 -21.99
C LEU A 122 -4.69 -32.86 -22.72
N PRO A 123 -3.33 -32.84 -22.79
CA PRO A 123 -2.64 -33.98 -23.39
C PRO A 123 -2.86 -35.30 -22.67
N PHE A 124 -2.96 -35.27 -21.34
CA PHE A 124 -3.26 -36.47 -20.58
C PHE A 124 -4.65 -37.00 -20.89
N GLN A 125 -5.64 -36.10 -21.03
CA GLN A 125 -6.98 -36.50 -21.44
C GLN A 125 -7.01 -37.02 -22.87
N SER A 126 -6.21 -36.41 -23.75
CA SER A 126 -6.08 -36.84 -25.14
C SER A 126 -5.63 -38.30 -25.25
N VAL A 127 -4.50 -38.62 -24.60
CA VAL A 127 -3.97 -39.99 -24.53
C VAL A 127 -5.01 -40.97 -23.98
N ASN A 128 -5.78 -40.53 -22.97
CA ASN A 128 -6.78 -41.38 -22.32
C ASN A 128 -7.86 -41.83 -23.30
N TYR A 129 -8.38 -40.91 -24.12
CA TYR A 129 -9.39 -41.28 -25.09
C TYR A 129 -8.81 -42.09 -26.24
N LEU A 130 -7.65 -41.67 -26.76
CA LEU A 130 -7.05 -42.30 -27.94
C LEU A 130 -6.68 -43.76 -27.66
N MET A 131 -5.87 -44.00 -26.63
CA MET A 131 -5.52 -45.38 -26.26
C MET A 131 -6.71 -46.15 -25.71
N GLY A 132 -7.66 -45.45 -25.09
CA GLY A 132 -8.77 -46.10 -24.42
C GLY A 132 -8.47 -46.57 -23.01
N THR A 133 -7.28 -46.29 -22.51
CA THR A 133 -6.88 -46.65 -21.16
C THR A 133 -5.95 -45.57 -20.63
N TRP A 134 -5.71 -45.61 -19.32
CA TRP A 134 -4.81 -44.67 -18.65
C TRP A 134 -3.46 -45.33 -18.41
N PRO A 135 -2.43 -45.03 -19.20
CA PRO A 135 -1.12 -45.69 -19.02
C PRO A 135 -0.19 -44.98 -18.04
N PHE A 136 -0.61 -43.83 -17.49
CA PHE A 136 0.28 -42.98 -16.71
C PHE A 136 0.50 -43.48 -15.29
N GLY A 137 -0.34 -44.39 -14.80
CA GLY A 137 -0.17 -44.94 -13.47
C GLY A 137 -0.98 -44.21 -12.42
N THR A 138 -1.05 -44.84 -11.24
CA THR A 138 -1.96 -44.41 -10.18
C THR A 138 -1.54 -43.07 -9.57
N ILE A 139 -0.24 -42.90 -9.31
CA ILE A 139 0.24 -41.69 -8.62
C ILE A 139 0.08 -40.45 -9.49
N LEU A 140 0.19 -40.59 -10.82
CA LEU A 140 0.00 -39.44 -11.69
C LEU A 140 -1.49 -39.19 -11.93
N CYS A 141 -2.28 -40.27 -12.01
CA CYS A 141 -3.76 -40.17 -12.05
C CYS A 141 -4.32 -39.33 -10.91
N LYS A 142 -3.75 -39.49 -9.70
CA LYS A 142 -4.13 -38.65 -8.57
C LYS A 142 -3.79 -37.18 -8.84
N ILE A 143 -2.66 -36.93 -9.49
CA ILE A 143 -2.21 -35.55 -9.74
C ILE A 143 -3.02 -34.92 -10.86
N VAL A 144 -3.20 -35.64 -11.97
CA VAL A 144 -3.80 -35.08 -13.19
C VAL A 144 -5.28 -34.75 -12.97
N ILE A 145 -6.02 -35.63 -12.28
CA ILE A 145 -7.42 -35.34 -11.95
C ILE A 145 -7.52 -34.15 -11.00
N SER A 146 -6.60 -34.08 -10.03
CA SER A 146 -6.59 -32.97 -9.07
C SER A 146 -6.35 -31.63 -9.77
N ILE A 147 -5.37 -31.57 -10.67
CA ILE A 147 -5.09 -30.35 -11.44
C ILE A 147 -6.28 -29.96 -12.31
N ASP A 148 -7.03 -30.95 -12.80
CA ASP A 148 -8.21 -30.69 -13.62
C ASP A 148 -9.31 -29.98 -12.82
N TYR A 149 -9.72 -30.56 -11.68
CA TYR A 149 -10.83 -30.01 -10.91
C TYR A 149 -10.44 -28.73 -10.16
N TYR A 150 -9.28 -28.73 -9.51
CA TYR A 150 -8.84 -27.59 -8.69
C TYR A 150 -8.65 -26.33 -9.53
N ASN A 151 -7.95 -26.44 -10.65
CA ASN A 151 -7.72 -25.27 -11.49
C ASN A 151 -8.94 -24.87 -12.32
N MET A 152 -9.94 -25.75 -12.45
CA MET A 152 -11.22 -25.32 -12.99
C MET A 152 -11.92 -24.34 -12.05
N PHE A 153 -12.04 -24.72 -10.77
CA PHE A 153 -12.62 -23.82 -9.77
C PHE A 153 -11.76 -22.58 -9.55
N THR A 154 -10.44 -22.70 -9.66
CA THR A 154 -9.56 -21.55 -9.48
C THR A 154 -9.73 -20.53 -10.61
N SER A 155 -9.82 -21.00 -11.85
CA SER A 155 -10.03 -20.12 -13.00
C SER A 155 -11.38 -19.42 -12.92
N ILE A 156 -12.45 -20.17 -12.61
CA ILE A 156 -13.80 -19.61 -12.59
C ILE A 156 -13.96 -18.64 -11.42
N PHE A 157 -13.37 -18.94 -10.26
CA PHE A 157 -13.42 -18.00 -9.14
C PHE A 157 -12.62 -16.74 -9.43
N THR A 158 -11.57 -16.84 -10.25
CA THR A 158 -10.87 -15.65 -10.71
C THR A 158 -11.74 -14.82 -11.66
N LEU A 159 -12.56 -15.50 -12.47
CA LEU A 159 -13.55 -14.79 -13.29
C LEU A 159 -14.58 -14.08 -12.43
N CYS A 160 -15.01 -14.74 -11.34
CA CYS A 160 -15.92 -14.13 -10.39
C CYS A 160 -15.27 -12.94 -9.68
N THR A 161 -13.99 -13.08 -9.33
CA THR A 161 -13.31 -12.03 -8.57
C THR A 161 -13.07 -10.79 -9.42
N MET A 162 -12.71 -10.97 -10.69
CA MET A 162 -12.58 -9.84 -11.60
C MET A 162 -13.94 -9.22 -11.90
N SER A 163 -15.01 -10.00 -11.84
CA SER A 163 -16.36 -9.44 -11.90
C SER A 163 -16.65 -8.60 -10.66
N VAL A 164 -16.23 -9.10 -9.49
CA VAL A 164 -16.35 -8.32 -8.25
C VAL A 164 -15.43 -7.11 -8.28
N ASP A 165 -14.24 -7.26 -8.87
CA ASP A 165 -13.29 -6.16 -9.00
C ASP A 165 -13.85 -5.03 -9.87
N ARG A 166 -14.36 -5.37 -11.06
CA ARG A 166 -14.90 -4.36 -11.96
C ARG A 166 -16.21 -3.77 -11.46
N TYR A 167 -16.94 -4.50 -10.63
CA TYR A 167 -18.16 -3.94 -10.03
C TYR A 167 -17.83 -2.87 -9.00
N ILE A 168 -16.92 -3.16 -8.08
CA ILE A 168 -16.52 -2.21 -7.05
C ILE A 168 -15.81 -1.00 -7.65
N ALA A 169 -15.06 -1.22 -8.74
CA ALA A 169 -14.34 -0.14 -9.42
C ALA A 169 -15.27 0.96 -9.92
N VAL A 170 -16.42 0.58 -10.45
CA VAL A 170 -17.35 1.55 -11.03
C VAL A 170 -18.42 1.96 -10.02
N CYS A 171 -19.13 0.99 -9.44
CA CYS A 171 -20.33 1.31 -8.67
C CYS A 171 -19.99 1.88 -7.29
N HIS A 172 -18.91 1.42 -6.66
CA HIS A 172 -18.52 1.87 -5.33
C HIS A 172 -17.10 2.45 -5.36
N PRO A 173 -16.92 3.65 -5.91
CA PRO A 173 -15.57 4.14 -6.19
C PRO A 173 -14.76 4.52 -4.96
N VAL A 174 -15.41 4.98 -3.89
CA VAL A 174 -14.69 5.39 -2.68
C VAL A 174 -14.12 4.16 -1.97
N LYS A 175 -14.95 3.13 -1.79
CA LYS A 175 -14.48 1.88 -1.20
C LYS A 175 -13.59 1.09 -2.15
N ALA A 176 -13.63 1.38 -3.46
CA ALA A 176 -12.71 0.77 -4.41
C ALA A 176 -11.27 1.15 -4.12
N LEU A 177 -11.04 2.36 -3.56
CA LEU A 177 -9.70 2.76 -3.16
C LEU A 177 -9.12 1.83 -2.10
N ASP A 178 -9.95 1.40 -1.15
CA ASP A 178 -9.54 0.35 -0.22
C ASP A 178 -9.41 -1.00 -0.93
N PHE A 179 -10.30 -1.27 -1.89
CA PHE A 179 -10.37 -2.58 -2.53
C PHE A 179 -9.26 -2.76 -3.57
N ARG A 180 -9.14 -1.81 -4.50
CA ARG A 180 -8.21 -1.93 -5.62
C ARG A 180 -6.80 -1.47 -5.22
N THR A 181 -6.17 -2.29 -4.39
CA THR A 181 -4.77 -2.11 -4.05
C THR A 181 -4.02 -3.40 -4.36
N PRO A 182 -2.74 -3.32 -4.72
CA PRO A 182 -1.94 -4.54 -4.92
C PRO A 182 -1.82 -5.42 -3.67
N ARG A 183 -1.96 -4.85 -2.47
CA ARG A 183 -1.93 -5.66 -1.26
C ARG A 183 -3.21 -6.48 -1.11
N ASN A 184 -4.37 -5.88 -1.42
CA ASN A 184 -5.64 -6.58 -1.26
C ASN A 184 -5.83 -7.62 -2.36
N ALA A 185 -5.36 -7.31 -3.58
CA ALA A 185 -5.47 -8.24 -4.70
C ALA A 185 -4.73 -9.54 -4.44
N LYS A 186 -3.59 -9.47 -3.75
CA LYS A 186 -2.85 -10.68 -3.39
C LYS A 186 -3.59 -11.51 -2.36
N ILE A 187 -4.31 -10.87 -1.43
CA ILE A 187 -4.99 -11.59 -0.37
C ILE A 187 -6.20 -12.35 -0.92
N ILE A 188 -7.00 -11.68 -1.76
CA ILE A 188 -8.22 -12.29 -2.29
C ILE A 188 -7.89 -13.41 -3.27
N ASN A 189 -6.82 -13.25 -4.04
CA ASN A 189 -6.38 -14.31 -4.95
C ASN A 189 -5.94 -15.56 -4.21
N VAL A 190 -5.17 -15.41 -3.13
CA VAL A 190 -4.77 -16.54 -2.29
C VAL A 190 -5.98 -17.23 -1.69
N CYS A 191 -7.00 -16.45 -1.31
CA CYS A 191 -8.25 -17.02 -0.82
C CYS A 191 -8.97 -17.83 -1.90
N ASN A 192 -8.88 -17.40 -3.16
CA ASN A 192 -9.47 -18.15 -4.27
C ASN A 192 -8.81 -19.52 -4.42
N TRP A 193 -7.48 -19.59 -4.34
CA TRP A 193 -6.78 -20.87 -4.35
C TRP A 193 -7.11 -21.70 -3.11
N ILE A 194 -7.34 -21.06 -1.97
CA ILE A 194 -7.72 -21.76 -0.74
C ILE A 194 -9.15 -22.30 -0.84
N LEU A 195 -10.08 -21.51 -1.41
CA LEU A 195 -11.45 -21.97 -1.57
C LEU A 195 -11.54 -23.14 -2.56
N SER A 196 -10.73 -23.11 -3.62
CA SER A 196 -10.66 -24.23 -4.53
C SER A 196 -10.00 -25.46 -3.88
N SER A 197 -9.11 -25.24 -2.92
CA SER A 197 -8.48 -26.35 -2.18
C SER A 197 -9.51 -27.16 -1.39
N ALA A 198 -10.61 -26.53 -0.97
CA ALA A 198 -11.70 -27.23 -0.28
C ALA A 198 -12.27 -28.37 -1.11
N ILE A 199 -12.29 -28.22 -2.44
CA ILE A 199 -12.63 -29.33 -3.32
C ILE A 199 -11.38 -29.93 -3.98
N GLY A 200 -10.27 -29.17 -4.06
CA GLY A 200 -9.05 -29.68 -4.67
C GLY A 200 -8.45 -30.85 -3.91
N LEU A 201 -8.33 -30.71 -2.58
CA LEU A 201 -7.75 -31.78 -1.76
C LEU A 201 -8.56 -33.08 -1.74
N PRO A 202 -9.90 -33.09 -1.58
CA PRO A 202 -10.61 -34.39 -1.66
C PRO A 202 -10.53 -35.07 -3.03
N VAL A 203 -10.44 -34.30 -4.12
CA VAL A 203 -10.25 -34.88 -5.45
C VAL A 203 -8.91 -35.61 -5.53
N MET A 204 -7.88 -35.06 -4.87
CA MET A 204 -6.57 -35.73 -4.78
C MET A 204 -6.67 -37.10 -4.11
N PHE A 205 -7.46 -37.20 -3.03
CA PHE A 205 -7.61 -38.49 -2.34
C PHE A 205 -8.46 -39.47 -3.13
N MET A 206 -9.66 -39.03 -3.54
CA MET A 206 -10.65 -39.94 -4.12
C MET A 206 -10.23 -40.51 -5.47
N ALA A 207 -9.37 -39.82 -6.21
CA ALA A 207 -8.94 -40.28 -7.53
C ALA A 207 -8.06 -41.52 -7.41
N THR A 208 -8.49 -42.61 -8.03
CA THR A 208 -7.72 -43.85 -8.11
C THR A 208 -7.91 -44.45 -9.49
N THR A 209 -7.18 -45.52 -9.77
CA THR A 209 -7.28 -46.26 -11.02
C THR A 209 -8.08 -47.53 -10.82
N LYS A 210 -9.09 -47.74 -11.65
CA LYS A 210 -9.97 -48.91 -11.56
C LYS A 210 -9.87 -49.71 -12.86
N TYR A 211 -9.66 -51.01 -12.73
CA TYR A 211 -9.54 -51.90 -13.89
C TYR A 211 -10.94 -52.24 -14.40
N ARG A 212 -11.26 -51.79 -15.61
CA ARG A 212 -12.54 -52.10 -16.26
C ARG A 212 -12.23 -52.72 -17.61
N GLN A 213 -12.57 -54.02 -17.76
CA GLN A 213 -12.40 -54.82 -18.98
C GLN A 213 -10.92 -54.85 -19.39
N GLY A 214 -10.04 -54.95 -18.39
CA GLY A 214 -8.62 -54.92 -18.62
C GLY A 214 -8.04 -53.57 -19.03
N SER A 215 -8.84 -52.51 -18.96
CA SER A 215 -8.40 -51.16 -19.27
C SER A 215 -8.39 -50.31 -18.01
N ILE A 216 -7.24 -49.70 -17.72
CA ILE A 216 -7.13 -48.80 -16.58
C ILE A 216 -7.99 -47.57 -16.83
N ASP A 217 -8.77 -47.17 -15.83
CA ASP A 217 -9.64 -46.01 -15.92
C ASP A 217 -9.28 -45.04 -14.81
N CYS A 218 -9.03 -43.80 -15.18
CA CYS A 218 -8.56 -42.76 -14.27
C CYS A 218 -9.77 -41.91 -13.90
N THR A 219 -10.34 -42.17 -12.72
CA THR A 219 -11.61 -41.57 -12.34
C THR A 219 -11.72 -41.46 -10.82
N LEU A 220 -12.68 -40.66 -10.37
CA LEU A 220 -12.92 -40.44 -8.95
C LEU A 220 -13.78 -41.57 -8.38
N THR A 221 -13.19 -42.40 -7.54
CA THR A 221 -13.93 -43.42 -6.80
C THR A 221 -14.42 -42.86 -5.47
N PHE A 222 -15.68 -43.14 -5.15
CA PHE A 222 -16.35 -42.58 -3.99
C PHE A 222 -16.60 -43.64 -2.93
N SER A 223 -16.67 -43.20 -1.68
CA SER A 223 -16.99 -44.10 -0.58
C SER A 223 -18.46 -44.51 -0.64
N HIS A 224 -18.77 -45.64 -0.01
CA HIS A 224 -20.15 -46.14 0.02
C HIS A 224 -21.02 -45.21 0.86
N PRO A 225 -22.22 -44.84 0.38
CA PRO A 225 -22.85 -45.18 -0.90
C PRO A 225 -22.28 -44.41 -2.09
N THR A 226 -21.93 -45.18 -3.14
CA THR A 226 -21.28 -44.60 -4.32
C THR A 226 -22.21 -43.66 -5.07
N TRP A 227 -23.50 -44.02 -5.18
CA TRP A 227 -24.46 -43.22 -5.93
C TRP A 227 -24.73 -41.87 -5.27
N TYR A 228 -24.68 -41.81 -3.94
CA TYR A 228 -24.99 -40.56 -3.24
C TYR A 228 -23.86 -39.55 -3.40
N TRP A 229 -22.63 -39.95 -3.09
CA TRP A 229 -21.51 -39.00 -3.11
C TRP A 229 -21.11 -38.60 -4.52
N GLU A 230 -21.27 -39.49 -5.50
CA GLU A 230 -20.92 -39.15 -6.88
C GLU A 230 -21.84 -38.07 -7.44
N ASN A 231 -23.15 -38.21 -7.22
CA ASN A 231 -24.08 -37.18 -7.67
C ASN A 231 -23.97 -35.92 -6.84
N LEU A 232 -23.60 -36.03 -5.55
CA LEU A 232 -23.44 -34.86 -4.70
C LEU A 232 -22.29 -33.98 -5.16
N LEU A 233 -21.21 -34.59 -5.65
CA LEU A 233 -20.11 -33.82 -6.22
C LEU A 233 -20.54 -33.15 -7.52
N LYS A 234 -21.37 -33.82 -8.32
CA LYS A 234 -21.86 -33.26 -9.57
C LYS A 234 -22.74 -32.05 -9.34
N ILE A 235 -23.52 -32.05 -8.26
CA ILE A 235 -24.35 -30.88 -7.92
C ILE A 235 -23.47 -29.70 -7.50
N CYS A 236 -22.44 -29.97 -6.68
CA CYS A 236 -21.53 -28.92 -6.22
C CYS A 236 -20.76 -28.29 -7.37
N VAL A 237 -20.29 -29.10 -8.32
CA VAL A 237 -19.66 -28.57 -9.53
C VAL A 237 -20.66 -27.76 -10.35
N PHE A 238 -21.91 -28.24 -10.42
CA PHE A 238 -22.97 -27.50 -11.09
C PHE A 238 -23.27 -26.17 -10.39
N ILE A 239 -23.42 -26.19 -9.07
CA ILE A 239 -23.75 -24.97 -8.34
C ILE A 239 -22.55 -24.03 -8.26
N PHE A 240 -21.43 -24.51 -7.70
CA PHE A 240 -20.34 -23.61 -7.34
C PHE A 240 -19.50 -23.18 -8.53
N ALA A 241 -19.46 -23.95 -9.62
CA ALA A 241 -18.71 -23.54 -10.80
C ALA A 241 -19.57 -23.05 -11.94
N PHE A 242 -20.89 -23.27 -11.92
CA PHE A 242 -21.75 -22.72 -12.95
C PHE A 242 -22.86 -21.82 -12.42
N ILE A 243 -23.68 -22.30 -11.49
CA ILE A 243 -24.89 -21.57 -11.09
C ILE A 243 -24.55 -20.32 -10.30
N MET A 244 -23.76 -20.47 -9.23
CA MET A 244 -23.30 -19.30 -8.48
C MET A 244 -22.39 -18.35 -9.28
N PRO A 245 -21.43 -18.81 -10.12
CA PRO A 245 -20.69 -17.82 -10.95
C PRO A 245 -21.53 -17.06 -11.96
N VAL A 246 -22.54 -17.69 -12.58
CA VAL A 246 -23.44 -16.95 -13.48
C VAL A 246 -24.19 -15.87 -12.72
N LEU A 247 -24.61 -16.16 -11.47
CA LEU A 247 -25.19 -15.13 -10.61
C LEU A 247 -24.18 -14.02 -10.30
N ILE A 248 -22.92 -14.38 -10.06
CA ILE A 248 -21.90 -13.37 -9.80
C ILE A 248 -21.62 -12.54 -11.05
N ILE A 249 -21.41 -13.20 -12.19
CA ILE A 249 -20.97 -12.50 -13.40
C ILE A 249 -22.08 -11.63 -13.99
N THR A 250 -23.30 -12.19 -14.14
CA THR A 250 -24.38 -11.47 -14.82
C THR A 250 -24.84 -10.25 -14.00
N VAL A 251 -25.03 -10.42 -12.70
CA VAL A 251 -25.55 -9.33 -11.87
C VAL A 251 -24.52 -8.22 -11.71
N CYS A 252 -23.26 -8.56 -11.38
CA CYS A 252 -22.24 -7.55 -11.12
C CYS A 252 -21.87 -6.78 -12.39
N TYR A 253 -21.70 -7.47 -13.51
CA TYR A 253 -21.50 -6.76 -14.77
C TYR A 253 -22.77 -6.07 -15.25
N GLY A 254 -23.94 -6.63 -14.97
CA GLY A 254 -25.19 -6.00 -15.37
C GLY A 254 -25.44 -4.69 -14.65
N LEU A 255 -25.22 -4.67 -13.33
CA LEU A 255 -25.32 -3.43 -12.57
C LEU A 255 -24.21 -2.46 -12.93
N MET A 256 -23.06 -2.98 -13.40
CA MET A 256 -21.96 -2.13 -13.84
C MET A 256 -22.34 -1.31 -15.07
N ILE A 257 -23.01 -1.94 -16.04
CA ILE A 257 -23.44 -1.25 -17.26
C ILE A 257 -24.48 -0.16 -16.93
N LEU A 258 -25.36 -0.45 -15.97
CA LEU A 258 -26.36 0.53 -15.54
C LEU A 258 -25.72 1.77 -14.92
N ARG A 259 -24.66 1.57 -14.12
CA ARG A 259 -23.95 2.70 -13.53
C ARG A 259 -23.18 3.49 -14.59
N LEU A 260 -22.60 2.79 -15.58
CA LEU A 260 -21.83 3.46 -16.63
C LEU A 260 -22.70 4.35 -17.50
N LYS A 261 -23.94 3.93 -17.76
CA LYS A 261 -24.89 4.79 -18.49
C LYS A 261 -25.22 6.04 -17.69
N SER A 262 -25.26 5.94 -16.35
CA SER A 262 -25.50 7.10 -15.51
C SER A 262 -24.32 8.06 -15.52
N VAL A 263 -23.10 7.52 -15.60
CA VAL A 263 -21.88 8.35 -15.65
C VAL A 263 -21.90 9.22 -16.90
N ARG A 264 -21.69 10.53 -16.71
CA ARG A 264 -21.78 11.52 -17.77
C ARG A 264 -20.50 11.63 -18.59
N MET A 265 -19.43 10.90 -18.24
CA MET A 265 -18.24 10.92 -19.09
C MET A 265 -18.47 10.12 -20.36
N LEU A 266 -19.06 8.93 -20.24
CA LEU A 266 -19.34 8.11 -21.41
C LEU A 266 -20.55 8.63 -22.18
N SER A 267 -21.48 9.28 -21.50
CA SER A 267 -22.55 9.98 -22.19
C SER A 267 -22.03 11.28 -22.81
N GLY A 268 -22.80 11.81 -23.75
CA GLY A 268 -22.47 13.10 -24.35
C GLY A 268 -22.21 13.07 -25.85
N SER A 269 -20.98 13.39 -26.25
CA SER A 269 -20.60 13.39 -27.66
C SER A 269 -20.58 11.97 -28.21
N LYS A 270 -20.66 11.88 -29.55
CA LYS A 270 -20.68 10.59 -30.25
C LYS A 270 -19.39 9.80 -30.02
N GLU A 271 -18.24 10.48 -29.97
CA GLU A 271 -16.97 9.81 -29.69
C GLU A 271 -16.96 9.23 -28.27
N LYS A 272 -17.44 9.99 -27.29
CA LYS A 272 -17.55 9.48 -25.93
C LYS A 272 -18.63 8.40 -25.85
N ASP A 273 -19.74 8.56 -26.58
CA ASP A 273 -20.79 7.54 -26.61
C ASP A 273 -20.29 6.24 -27.22
N ARG A 274 -19.46 6.32 -28.25
CA ARG A 274 -18.90 5.12 -28.89
C ARG A 274 -18.04 4.31 -27.93
N ASN A 275 -17.31 5.00 -27.03
CA ASN A 275 -16.52 4.30 -26.02
C ASN A 275 -17.41 3.58 -25.02
N LEU A 276 -18.59 4.12 -24.72
CA LEU A 276 -19.57 3.39 -23.91
C LEU A 276 -20.01 2.11 -24.61
N ARG A 277 -20.20 2.16 -25.93
CA ARG A 277 -20.62 0.98 -26.69
C ARG A 277 -19.57 -0.14 -26.65
N ARG A 278 -18.29 0.22 -26.87
CA ARG A 278 -17.25 -0.80 -26.91
C ARG A 278 -17.03 -1.44 -25.53
N ILE A 279 -17.14 -0.66 -24.45
CA ILE A 279 -17.05 -1.24 -23.11
C ILE A 279 -18.25 -2.16 -22.84
N THR A 280 -19.46 -1.72 -23.21
CA THR A 280 -20.66 -2.54 -23.01
C THR A 280 -20.61 -3.82 -23.83
N ARG A 281 -20.14 -3.73 -25.08
CA ARG A 281 -20.00 -4.92 -25.91
C ARG A 281 -18.93 -5.86 -25.36
N MET A 282 -17.81 -5.31 -24.87
CA MET A 282 -16.75 -6.14 -24.30
C MET A 282 -17.21 -6.83 -23.02
N VAL A 283 -18.03 -6.14 -22.22
CA VAL A 283 -18.62 -6.76 -21.04
C VAL A 283 -19.60 -7.87 -21.42
N LEU A 284 -20.45 -7.63 -22.41
CA LEU A 284 -21.45 -8.62 -22.82
C LEU A 284 -20.83 -9.87 -23.43
N VAL A 285 -19.76 -9.71 -24.22
CA VAL A 285 -19.04 -10.86 -24.76
C VAL A 285 -18.41 -11.68 -23.63
N VAL A 286 -17.84 -10.99 -22.62
CA VAL A 286 -17.25 -11.65 -21.46
C VAL A 286 -18.29 -12.46 -20.69
N VAL A 287 -19.49 -11.89 -20.52
CA VAL A 287 -20.60 -12.63 -19.91
C VAL A 287 -21.03 -13.79 -20.80
N ALA A 288 -21.10 -13.55 -22.12
CA ALA A 288 -21.58 -14.56 -23.06
C ALA A 288 -20.63 -15.75 -23.18
N VAL A 289 -19.32 -15.47 -23.28
CA VAL A 289 -18.31 -16.53 -23.47
C VAL A 289 -18.30 -17.49 -22.29
N PHE A 290 -18.45 -16.97 -21.07
CA PHE A 290 -18.63 -17.85 -19.91
C PHE A 290 -19.90 -18.67 -20.02
N ILE A 291 -20.99 -18.06 -20.49
CA ILE A 291 -22.24 -18.78 -20.67
C ILE A 291 -22.15 -19.77 -21.83
N VAL A 292 -21.58 -19.37 -22.97
CA VAL A 292 -21.51 -20.25 -24.14
C VAL A 292 -20.61 -21.46 -23.88
N CYS A 293 -19.52 -21.27 -23.14
CA CYS A 293 -18.58 -22.37 -22.93
C CYS A 293 -19.07 -23.38 -21.89
N TRP A 294 -19.48 -22.93 -20.70
CA TRP A 294 -19.71 -23.84 -19.59
C TRP A 294 -21.12 -24.41 -19.50
N THR A 295 -22.09 -23.81 -20.19
CA THR A 295 -23.44 -24.37 -20.20
C THR A 295 -23.56 -25.77 -20.84
N PRO A 296 -22.93 -26.09 -22.00
CA PRO A 296 -23.06 -27.48 -22.50
C PRO A 296 -22.46 -28.54 -21.61
N ILE A 297 -21.26 -28.32 -21.06
CA ILE A 297 -20.60 -29.36 -20.26
C ILE A 297 -21.34 -29.62 -18.95
N HIS A 298 -21.92 -28.59 -18.33
CA HIS A 298 -22.61 -28.79 -17.05
C HIS A 298 -23.93 -29.54 -17.22
N ILE A 299 -24.75 -29.13 -18.19
CA ILE A 299 -26.06 -29.76 -18.38
C ILE A 299 -25.92 -31.20 -18.88
N TYR A 300 -24.94 -31.45 -19.76
CA TYR A 300 -24.79 -32.79 -20.33
C TYR A 300 -24.34 -33.82 -19.29
N VAL A 301 -23.55 -33.40 -18.29
CA VAL A 301 -23.23 -34.29 -17.17
C VAL A 301 -24.48 -34.61 -16.36
N ILE A 302 -25.34 -33.60 -16.14
CA ILE A 302 -26.60 -33.79 -15.42
C ILE A 302 -27.52 -34.74 -16.18
N ILE A 303 -27.63 -34.55 -17.51
CA ILE A 303 -28.45 -35.45 -18.34
C ILE A 303 -27.87 -36.86 -18.34
N LYS A 304 -26.54 -36.98 -18.38
CA LYS A 304 -25.90 -38.29 -18.33
C LYS A 304 -26.12 -38.96 -16.98
N ALA A 305 -26.16 -38.17 -15.90
CA ALA A 305 -26.43 -38.73 -14.58
C ALA A 305 -27.89 -39.12 -14.43
N LEU A 306 -28.81 -38.26 -14.89
CA LEU A 306 -30.25 -38.52 -14.75
C LEU A 306 -30.69 -39.65 -15.67
N VAL A 307 -30.47 -39.52 -16.97
CA VAL A 307 -31.01 -40.43 -17.97
C VAL A 307 -29.85 -41.19 -18.59
N THR A 308 -29.91 -42.52 -18.52
CA THR A 308 -28.95 -43.36 -19.23
C THR A 308 -29.14 -43.20 -20.74
N ILE A 309 -28.05 -42.87 -21.43
CA ILE A 309 -28.10 -42.65 -22.86
C ILE A 309 -27.26 -43.70 -23.58
N PRO A 310 -27.71 -44.23 -24.71
CA PRO A 310 -26.92 -45.23 -25.44
C PRO A 310 -25.68 -44.62 -26.06
N GLU A 311 -24.58 -45.36 -25.97
CA GLU A 311 -23.33 -44.94 -26.60
C GLU A 311 -23.47 -44.94 -28.11
N THR A 312 -23.11 -43.82 -28.73
CA THR A 312 -23.27 -43.62 -30.16
C THR A 312 -22.03 -42.84 -30.62
N THR A 313 -21.75 -42.89 -31.93
CA THR A 313 -20.67 -42.10 -32.50
C THR A 313 -20.90 -40.60 -32.28
N PHE A 314 -22.13 -40.14 -32.48
CA PHE A 314 -22.47 -38.75 -32.17
C PHE A 314 -22.43 -38.49 -30.66
N GLN A 315 -22.87 -39.47 -29.86
CA GLN A 315 -22.82 -39.33 -28.41
C GLN A 315 -21.40 -39.27 -27.90
N THR A 316 -20.48 -40.02 -28.52
CA THR A 316 -19.08 -40.02 -28.11
C THR A 316 -18.41 -38.67 -28.42
N VAL A 317 -18.68 -38.10 -29.59
CA VAL A 317 -18.13 -36.80 -29.95
C VAL A 317 -18.69 -35.70 -29.05
N SER A 318 -20.00 -35.75 -28.77
CA SER A 318 -20.69 -34.77 -27.94
C SER A 318 -20.10 -34.64 -26.54
N TRP A 319 -19.70 -35.78 -25.93
CA TRP A 319 -19.07 -35.74 -24.61
C TRP A 319 -17.75 -34.97 -24.64
N HIS A 320 -16.89 -35.27 -25.61
CA HIS A 320 -15.60 -34.61 -25.69
C HIS A 320 -15.69 -33.20 -26.26
N PHE A 321 -16.71 -32.94 -27.10
CA PHE A 321 -16.91 -31.58 -27.63
C PHE A 321 -17.35 -30.62 -26.52
N CYS A 322 -18.19 -31.10 -25.59
CA CYS A 322 -18.56 -30.27 -24.44
C CYS A 322 -17.38 -30.07 -23.49
N ILE A 323 -16.49 -31.05 -23.38
CA ILE A 323 -15.25 -30.87 -22.62
C ILE A 323 -14.38 -29.82 -23.30
N ALA A 324 -14.29 -29.85 -24.63
CA ALA A 324 -13.47 -28.92 -25.38
C ALA A 324 -13.93 -27.47 -25.23
N LEU A 325 -15.26 -27.26 -25.20
CA LEU A 325 -15.80 -25.93 -24.94
C LEU A 325 -15.45 -25.41 -23.55
N GLY A 326 -15.42 -26.31 -22.56
CA GLY A 326 -15.03 -25.93 -21.20
C GLY A 326 -13.63 -25.34 -21.14
N TYR A 327 -12.68 -25.96 -21.82
CA TYR A 327 -11.33 -25.42 -21.91
C TYR A 327 -11.20 -24.29 -22.92
N THR A 328 -12.16 -24.16 -23.84
CA THR A 328 -12.13 -23.08 -24.84
C THR A 328 -12.25 -21.71 -24.18
N ASN A 329 -12.98 -21.61 -23.07
CA ASN A 329 -13.02 -20.37 -22.28
C ASN A 329 -11.63 -20.04 -21.76
N SER A 330 -10.93 -21.04 -21.19
CA SER A 330 -9.55 -20.87 -20.73
C SER A 330 -8.62 -20.46 -21.87
N CYS A 331 -8.90 -20.94 -23.10
CA CYS A 331 -8.16 -20.46 -24.26
C CYS A 331 -8.49 -19.00 -24.56
N LEU A 332 -9.75 -18.61 -24.38
CA LEU A 332 -10.22 -17.28 -24.78
C LEU A 332 -10.15 -16.28 -23.63
N ASN A 333 -9.82 -16.72 -22.42
CA ASN A 333 -9.59 -15.79 -21.32
C ASN A 333 -8.38 -14.87 -21.52
N PRO A 334 -7.23 -15.30 -22.10
CA PRO A 334 -6.23 -14.29 -22.50
C PRO A 334 -6.73 -13.28 -23.53
N VAL A 335 -7.52 -13.72 -24.50
CA VAL A 335 -8.02 -12.82 -25.55
C VAL A 335 -8.95 -11.77 -24.97
N LEU A 336 -9.92 -12.20 -24.16
CA LEU A 336 -10.87 -11.27 -23.58
C LEU A 336 -10.25 -10.42 -22.48
N TYR A 337 -9.71 -11.06 -21.44
CA TYR A 337 -9.33 -10.34 -20.24
C TYR A 337 -7.99 -9.62 -20.37
N ALA A 338 -7.04 -10.16 -21.14
CA ALA A 338 -5.70 -9.58 -21.20
C ALA A 338 -5.49 -8.72 -22.45
N PHE A 339 -5.66 -9.30 -23.64
CA PHE A 339 -5.34 -8.58 -24.87
C PHE A 339 -6.29 -7.41 -25.14
N LEU A 340 -7.56 -7.52 -24.73
CA LEU A 340 -8.51 -6.44 -24.97
C LEU A 340 -8.34 -5.26 -24.02
N ASP A 341 -7.67 -5.43 -22.88
CA ASP A 341 -7.37 -4.29 -22.01
C ASP A 341 -6.48 -3.28 -22.71
N GLU A 342 -6.79 -2.00 -22.50
CA GLU A 342 -6.04 -0.92 -23.13
C GLU A 342 -4.62 -0.82 -22.56
N ASN A 343 -4.42 -1.22 -21.31
CA ASN A 343 -3.09 -1.20 -20.71
C ASN A 343 -2.14 -2.15 -21.42
N PHE A 344 -2.60 -3.36 -21.73
CA PHE A 344 -1.78 -4.29 -22.50
C PHE A 344 -1.59 -3.83 -23.94
N LYS A 345 -2.60 -3.19 -24.53
CA LYS A 345 -2.51 -2.69 -25.89
C LYS A 345 -1.42 -1.62 -26.03
N ARG A 346 -1.20 -0.82 -24.99
CA ARG A 346 -0.10 0.14 -25.00
C ARG A 346 1.24 -0.56 -25.00
N CYS A 347 1.35 -1.71 -24.32
CA CYS A 347 2.60 -2.46 -24.25
C CYS A 347 2.99 -3.04 -25.61
N PHE A 348 2.03 -3.66 -26.31
CA PHE A 348 2.32 -4.22 -27.63
C PHE A 348 2.57 -3.14 -28.67
N ARG A 349 1.89 -2.00 -28.56
CA ARG A 349 2.14 -0.88 -29.47
C ARG A 349 3.54 -0.31 -29.28
N GLU A 350 3.91 -0.04 -28.02
CA GLU A 350 5.26 0.42 -27.70
C GLU A 350 6.32 -0.62 -28.10
N PHE A 351 6.12 -1.86 -27.70
CA PHE A 351 7.10 -2.92 -27.97
C PHE A 351 6.69 -3.74 -29.20
N THR B 4 27.49 -12.40 8.47
CA THR B 4 28.10 -11.41 7.59
C THR B 4 27.93 -10.00 8.15
N LEU B 5 26.67 -9.58 8.29
CA LEU B 5 26.37 -8.28 8.86
C LEU B 5 26.69 -8.26 10.35
N SER B 6 27.39 -7.22 10.79
CA SER B 6 27.68 -6.99 12.20
C SER B 6 26.41 -6.69 12.99
N ALA B 7 26.57 -6.56 14.31
CA ALA B 7 25.45 -6.39 15.22
C ALA B 7 24.74 -5.05 15.01
N GLU B 8 25.51 -4.00 14.70
CA GLU B 8 24.89 -2.72 14.36
C GLU B 8 24.26 -2.77 12.97
N ASP B 9 24.93 -3.43 12.02
CA ASP B 9 24.44 -3.50 10.65
C ASP B 9 23.11 -4.22 10.55
N LYS B 10 22.92 -5.28 11.36
CA LYS B 10 21.62 -5.94 11.43
C LYS B 10 20.57 -5.02 12.03
N ALA B 11 20.93 -4.28 13.08
CA ALA B 11 20.03 -3.28 13.65
C ALA B 11 19.79 -2.12 12.69
N ALA B 12 20.79 -1.74 11.90
CA ALA B 12 20.62 -0.67 10.91
C ALA B 12 19.66 -1.09 9.81
N VAL B 13 19.72 -2.35 9.38
CA VAL B 13 18.74 -2.87 8.43
C VAL B 13 17.35 -2.93 9.07
N GLU B 14 17.30 -3.33 10.35
CA GLU B 14 16.05 -3.41 11.09
C GLU B 14 15.39 -2.04 11.24
N ARG B 15 16.19 -1.00 11.49
CA ARG B 15 15.67 0.36 11.49
C ARG B 15 15.12 0.76 10.12
N SER B 16 15.82 0.36 9.05
CA SER B 16 15.37 0.65 7.69
C SER B 16 14.08 -0.09 7.35
N LYS B 17 13.89 -1.30 7.88
CA LYS B 17 12.66 -2.05 7.63
C LYS B 17 11.47 -1.42 8.35
N MET B 18 11.70 -0.86 9.53
CA MET B 18 10.63 -0.17 10.25
C MET B 18 10.22 1.11 9.54
N ILE B 19 11.19 1.81 8.95
CA ILE B 19 10.91 2.99 8.15
C ILE B 19 10.14 2.60 6.89
N ASP B 20 10.49 1.45 6.29
CA ASP B 20 9.74 0.92 5.15
C ASP B 20 8.29 0.62 5.50
N ARG B 21 8.04 0.13 6.73
CA ARG B 21 6.68 -0.08 7.19
C ARG B 21 5.93 1.24 7.37
N ASN B 22 6.63 2.26 7.88
CA ASN B 22 5.97 3.56 8.09
C ASN B 22 5.68 4.27 6.77
N LEU B 23 6.58 4.16 5.80
CA LEU B 23 6.38 4.84 4.51
C LEU B 23 5.26 4.21 3.70
N ARG B 24 5.17 2.87 3.70
CA ARG B 24 4.11 2.20 2.94
C ARG B 24 2.73 2.48 3.54
N GLU B 25 2.63 2.63 4.87
CA GLU B 25 1.36 3.01 5.48
C GLU B 25 0.97 4.44 5.14
N ASP B 26 1.95 5.35 5.12
CA ASP B 26 1.68 6.71 4.68
C ASP B 26 1.42 6.78 3.18
N GLY B 27 2.10 5.94 2.40
CA GLY B 27 1.87 5.90 0.97
C GLY B 27 0.49 5.39 0.60
N GLU B 28 0.01 4.35 1.30
CA GLU B 28 -1.34 3.85 1.07
C GLU B 28 -2.39 4.84 1.53
N LYS B 29 -2.13 5.53 2.65
CA LYS B 29 -3.04 6.57 3.13
C LYS B 29 -3.10 7.74 2.16
N ALA B 30 -1.96 8.12 1.57
CA ALA B 30 -1.92 9.25 0.63
C ALA B 30 -2.64 8.92 -0.67
N ALA B 31 -2.56 7.65 -1.11
CA ALA B 31 -3.25 7.24 -2.34
C ALA B 31 -4.76 7.32 -2.19
N ARG B 32 -5.28 6.98 -1.01
CA ARG B 32 -6.70 7.10 -0.73
C ARG B 32 -7.16 8.56 -0.72
N GLU B 33 -6.32 9.43 -0.17
CA GLU B 33 -6.67 10.85 -0.05
C GLU B 33 -6.72 11.52 -1.41
N VAL B 34 -7.81 12.25 -1.65
CA VAL B 34 -8.05 12.93 -2.92
C VAL B 34 -7.39 14.29 -2.91
N LYS B 35 -6.54 14.55 -3.90
CA LYS B 35 -5.88 15.83 -4.05
C LYS B 35 -6.64 16.67 -5.09
N LEU B 36 -6.95 17.91 -4.71
CA LEU B 36 -7.64 18.86 -5.57
C LEU B 36 -6.82 20.13 -5.69
N LEU B 37 -6.74 20.66 -6.90
CA LEU B 37 -6.04 21.92 -7.15
C LEU B 37 -7.04 23.07 -7.24
N LEU B 38 -6.80 24.12 -6.46
CA LEU B 38 -7.66 25.30 -6.44
C LEU B 38 -7.01 26.40 -7.26
N LEU B 39 -7.73 26.90 -8.27
CA LEU B 39 -7.23 27.91 -9.18
C LEU B 39 -8.26 29.01 -9.37
N GLY B 40 -7.83 30.12 -9.97
CA GLY B 40 -8.71 31.23 -10.24
C GLY B 40 -8.08 32.58 -9.93
N ALA B 41 -8.83 33.65 -10.19
CA ALA B 41 -8.39 34.99 -9.80
C ALA B 41 -8.49 35.18 -8.29
N GLY B 42 -7.92 36.29 -7.81
CA GLY B 42 -7.97 36.59 -6.39
C GLY B 42 -9.35 36.99 -5.91
N GLU B 43 -10.09 37.73 -6.73
CA GLU B 43 -11.43 38.19 -6.38
C GLU B 43 -12.51 37.19 -6.78
N SER B 44 -12.11 36.00 -7.23
CA SER B 44 -13.07 34.96 -7.59
C SER B 44 -13.90 34.49 -6.41
N GLY B 45 -13.28 34.41 -5.23
CA GLY B 45 -13.97 33.84 -4.08
C GLY B 45 -13.42 32.50 -3.67
N LYS B 46 -12.10 32.33 -3.85
CA LYS B 46 -11.39 31.19 -3.28
C LYS B 46 -11.59 31.08 -1.78
N SER B 47 -11.43 32.21 -1.07
CA SER B 47 -11.63 32.26 0.38
C SER B 47 -13.05 31.87 0.78
N THR B 48 -14.04 32.28 -0.03
CA THR B 48 -15.44 31.97 0.27
C THR B 48 -15.71 30.47 0.14
N ILE B 49 -15.32 29.88 -0.98
CA ILE B 49 -15.70 28.50 -1.29
C ILE B 49 -14.97 27.49 -0.39
N VAL B 50 -13.79 27.84 0.12
CA VAL B 50 -13.11 26.99 1.10
C VAL B 50 -13.89 26.95 2.41
N LYS B 51 -14.35 28.11 2.88
CA LYS B 51 -15.14 28.20 4.10
C LYS B 51 -16.49 27.48 3.99
N GLN B 52 -17.03 27.36 2.78
CA GLN B 52 -18.28 26.65 2.59
C GLN B 52 -18.10 25.15 2.79
N MET B 53 -16.95 24.61 2.39
CA MET B 53 -16.72 23.17 2.47
C MET B 53 -16.24 22.73 3.84
N LYS B 54 -15.51 23.60 4.55
CA LYS B 54 -15.14 23.31 5.93
C LYS B 54 -16.38 23.23 6.82
N ILE B 55 -17.30 24.16 6.67
CA ILE B 55 -18.52 24.18 7.47
C ILE B 55 -19.53 23.19 6.89
N THR B 182 1.19 32.80 2.97
CA THR B 182 2.29 32.78 2.02
C THR B 182 2.62 31.34 1.61
N GLY B 183 2.43 31.03 0.34
CA GLY B 183 2.76 29.71 -0.17
C GLY B 183 1.55 28.89 -0.56
N ILE B 184 1.37 27.74 0.08
CA ILE B 184 0.27 26.83 -0.20
C ILE B 184 -0.66 26.84 1.00
N VAL B 185 -1.95 27.06 0.75
CA VAL B 185 -2.98 26.89 1.75
C VAL B 185 -3.62 25.53 1.51
N GLU B 186 -3.47 24.63 2.49
CA GLU B 186 -3.95 23.26 2.36
C GLU B 186 -5.24 23.10 3.14
N THR B 187 -6.28 22.62 2.47
CA THR B 187 -7.60 22.44 3.06
C THR B 187 -7.91 20.95 3.14
N HIS B 188 -8.17 20.47 4.35
CA HIS B 188 -8.53 19.08 4.59
C HIS B 188 -9.99 19.02 5.05
N PHE B 189 -10.83 18.36 4.26
CA PHE B 189 -12.21 18.11 4.64
C PHE B 189 -12.61 16.72 4.21
N THR B 190 -13.48 16.09 5.00
CA THR B 190 -13.87 14.70 4.83
C THR B 190 -15.36 14.65 4.54
N PHE B 191 -15.72 14.22 3.33
CA PHE B 191 -17.12 14.11 2.93
C PHE B 191 -17.37 12.71 2.40
N LYS B 192 -18.29 11.98 3.06
CA LYS B 192 -18.74 10.64 2.69
C LYS B 192 -17.58 9.64 2.62
N ASP B 193 -16.78 9.63 3.71
CA ASP B 193 -15.65 8.70 3.93
C ASP B 193 -14.60 8.82 2.83
N LEU B 194 -14.41 10.05 2.33
CA LEU B 194 -13.41 10.32 1.30
C LEU B 194 -12.65 11.57 1.71
N HIS B 195 -11.33 11.44 1.87
CA HIS B 195 -10.49 12.54 2.33
C HIS B 195 -10.12 13.43 1.16
N PHE B 196 -10.31 14.74 1.31
CA PHE B 196 -9.99 15.71 0.27
C PHE B 196 -8.84 16.60 0.70
N LYS B 197 -7.92 16.85 -0.23
CA LYS B 197 -6.88 17.86 -0.08
C LYS B 197 -7.09 18.93 -1.14
N MET B 198 -7.27 20.18 -0.70
CA MET B 198 -7.41 21.31 -1.60
C MET B 198 -6.20 22.22 -1.43
N PHE B 199 -5.48 22.45 -2.53
CA PHE B 199 -4.24 23.23 -2.51
C PHE B 199 -4.51 24.58 -3.16
N ASP B 200 -4.49 25.64 -2.36
CA ASP B 200 -4.69 27.00 -2.84
C ASP B 200 -3.33 27.59 -3.18
N VAL B 201 -3.13 27.96 -4.45
CA VAL B 201 -1.85 28.44 -4.94
C VAL B 201 -1.93 29.92 -5.31
N GLY B 202 -2.99 30.62 -4.90
CA GLY B 202 -3.18 32.01 -5.28
C GLY B 202 -2.21 32.99 -4.67
N ALA B 203 -1.57 32.61 -3.55
CA ALA B 203 -0.66 33.51 -2.86
C ALA B 203 0.62 33.75 -3.65
N GLN B 204 1.03 32.78 -4.47
CA GLN B 204 2.30 32.89 -5.19
C GLN B 204 2.20 33.89 -6.34
N ARG B 205 3.22 34.74 -6.45
CA ARG B 205 3.33 35.74 -7.50
C ARG B 205 4.17 35.26 -8.68
N SER B 206 4.90 34.16 -8.51
CA SER B 206 5.86 33.64 -9.47
C SER B 206 5.18 33.20 -10.78
N GLU B 207 6.02 33.00 -11.80
CA GLU B 207 5.54 32.47 -13.07
C GLU B 207 5.09 31.04 -12.89
N ARG B 208 3.86 30.76 -13.31
CA ARG B 208 3.22 29.48 -13.01
C ARG B 208 3.79 28.34 -13.85
N LYS B 209 4.28 28.66 -15.06
CA LYS B 209 4.74 27.66 -16.03
C LYS B 209 5.84 26.76 -15.49
N LYS B 210 6.65 27.26 -14.57
CA LYS B 210 7.80 26.52 -14.07
C LYS B 210 7.46 25.58 -12.92
N TRP B 211 6.39 25.84 -12.17
CA TRP B 211 6.00 24.97 -11.08
C TRP B 211 4.66 24.26 -11.32
N ILE B 212 4.01 24.51 -12.47
CA ILE B 212 2.74 23.85 -12.77
C ILE B 212 2.94 22.36 -13.04
N HIS B 213 4.17 21.93 -13.35
CA HIS B 213 4.48 20.52 -13.58
C HIS B 213 4.34 19.68 -12.32
N CYS B 214 4.32 20.31 -11.15
CA CYS B 214 4.25 19.58 -9.88
C CYS B 214 2.91 18.90 -9.69
N PHE B 215 1.82 19.53 -10.14
CA PHE B 215 0.48 19.05 -9.87
C PHE B 215 -0.03 18.07 -10.93
N GLU B 216 0.89 17.32 -11.57
CA GLU B 216 0.49 16.39 -12.64
C GLU B 216 -0.40 15.27 -12.11
N GLY B 217 -0.02 14.68 -10.99
CA GLY B 217 -0.79 13.59 -10.43
C GLY B 217 -1.87 14.06 -9.49
N VAL B 218 -2.81 14.85 -10.01
CA VAL B 218 -3.90 15.41 -9.22
C VAL B 218 -5.19 14.82 -9.77
N THR B 219 -6.21 14.72 -8.91
CA THR B 219 -7.47 14.11 -9.33
C THR B 219 -8.28 15.05 -10.20
N ALA B 220 -8.47 16.29 -9.75
CA ALA B 220 -9.29 17.25 -10.47
C ALA B 220 -8.81 18.66 -10.18
N ILE B 221 -9.22 19.58 -11.04
CA ILE B 221 -8.90 21.00 -10.91
C ILE B 221 -10.18 21.73 -10.50
N ILE B 222 -10.14 22.40 -9.36
CA ILE B 222 -11.23 23.30 -8.98
C ILE B 222 -10.84 24.69 -9.46
N PHE B 223 -11.53 25.19 -10.48
CA PHE B 223 -11.26 26.48 -11.07
C PHE B 223 -12.44 27.39 -10.78
N CYS B 224 -12.24 28.39 -9.94
CA CYS B 224 -13.31 29.28 -9.50
C CYS B 224 -13.12 30.65 -10.13
N VAL B 225 -14.20 31.19 -10.70
CA VAL B 225 -14.27 32.58 -11.12
C VAL B 225 -15.62 33.14 -10.70
N ALA B 226 -15.71 34.46 -10.64
CA ALA B 226 -16.94 35.15 -10.26
C ALA B 226 -17.62 35.71 -11.50
N LEU B 227 -18.93 35.47 -11.61
CA LEU B 227 -19.67 35.90 -12.79
C LEU B 227 -19.81 37.41 -12.89
N SER B 228 -19.76 38.13 -11.76
CA SER B 228 -19.97 39.58 -11.75
C SER B 228 -18.74 40.37 -12.18
N ASP B 229 -17.68 39.72 -12.66
CA ASP B 229 -16.43 40.38 -13.00
C ASP B 229 -16.44 41.02 -14.39
N TYR B 230 -17.48 40.83 -15.18
CA TYR B 230 -17.51 41.46 -16.49
C TYR B 230 -17.52 42.98 -16.32
N ASP B 231 -18.32 43.45 -15.36
CA ASP B 231 -18.44 44.87 -15.05
C ASP B 231 -17.15 45.45 -14.48
N LEU B 232 -16.47 44.67 -13.64
CA LEU B 232 -15.24 45.08 -12.97
C LEU B 232 -14.08 45.40 -13.91
N VAL B 233 -13.29 46.40 -13.52
CA VAL B 233 -12.14 46.84 -14.29
C VAL B 233 -10.83 46.47 -13.58
N LEU B 234 -9.89 45.93 -14.34
CA LEU B 234 -8.60 45.50 -13.81
C LEU B 234 -7.74 46.64 -13.27
N ALA B 235 -6.90 46.31 -12.29
CA ALA B 235 -6.02 47.26 -11.63
C ALA B 235 -5.01 47.90 -12.59
N GLU B 236 -4.50 47.11 -13.54
CA GLU B 236 -3.51 47.60 -14.49
C GLU B 236 -4.08 48.76 -15.32
N ASP B 237 -3.21 49.73 -15.62
CA ASP B 237 -3.62 50.92 -16.36
C ASP B 237 -4.15 50.63 -17.75
N GLU B 238 -3.52 49.70 -18.46
CA GLU B 238 -3.98 49.35 -19.80
C GLU B 238 -5.38 48.74 -19.68
N GLU B 239 -6.26 49.09 -20.60
CA GLU B 239 -7.62 48.56 -20.54
C GLU B 239 -7.61 47.05 -20.70
N MET B 240 -8.38 46.37 -19.86
CA MET B 240 -8.46 44.92 -19.89
C MET B 240 -9.79 44.45 -19.29
N ASN B 241 -10.18 43.23 -19.62
CA ASN B 241 -11.42 42.67 -19.11
C ASN B 241 -11.15 41.45 -18.22
N ARG B 242 -11.78 41.41 -17.06
CA ARG B 242 -11.60 40.30 -16.13
C ARG B 242 -12.06 38.99 -16.75
N MET B 243 -13.16 39.02 -17.47
CA MET B 243 -13.68 37.83 -18.12
C MET B 243 -12.67 37.33 -19.14
N HIS B 244 -12.05 38.26 -19.86
CA HIS B 244 -11.05 37.90 -20.86
C HIS B 244 -9.74 37.45 -20.21
N GLU B 245 -9.45 37.94 -19.00
CA GLU B 245 -8.32 37.44 -18.25
C GLU B 245 -8.60 36.06 -17.69
N SER B 246 -9.83 35.83 -17.21
CA SER B 246 -10.20 34.52 -16.66
C SER B 246 -10.26 33.44 -17.75
N MET B 247 -10.71 33.81 -18.96
CA MET B 247 -10.72 32.85 -20.06
C MET B 247 -9.31 32.48 -20.50
N LYS B 248 -8.40 33.45 -20.53
CA LYS B 248 -6.99 33.15 -20.79
C LYS B 248 -6.37 32.40 -19.62
N LEU B 249 -6.84 32.65 -18.40
CA LEU B 249 -6.41 31.87 -17.25
C LEU B 249 -6.87 30.43 -17.35
N PHE B 250 -8.11 30.23 -17.83
CA PHE B 250 -8.63 28.88 -18.04
C PHE B 250 -7.99 28.21 -19.25
N ASP B 251 -7.59 29.00 -20.27
CA ASP B 251 -7.08 28.43 -21.51
C ASP B 251 -5.71 27.80 -21.30
N SER B 252 -4.85 28.43 -20.50
CA SER B 252 -3.52 27.87 -20.25
C SER B 252 -3.59 26.66 -19.32
N ILE B 253 -4.58 26.60 -18.44
CA ILE B 253 -4.74 25.45 -17.55
C ILE B 253 -5.35 24.27 -18.28
N CYS B 254 -6.40 24.51 -19.07
CA CYS B 254 -7.09 23.42 -19.75
C CYS B 254 -6.23 22.82 -20.86
N ASN B 255 -5.56 23.66 -21.64
CA ASN B 255 -4.72 23.18 -22.72
C ASN B 255 -3.29 22.87 -22.28
N ASN B 256 -3.05 22.78 -20.98
CA ASN B 256 -1.71 22.49 -20.46
C ASN B 256 -1.33 21.06 -20.78
N LYS B 257 -0.04 20.85 -21.08
CA LYS B 257 0.45 19.50 -21.34
C LYS B 257 0.47 18.64 -20.08
N TRP B 258 0.55 19.26 -18.90
CA TRP B 258 0.52 18.51 -17.66
C TRP B 258 -0.90 18.19 -17.22
N PHE B 259 -1.90 18.90 -17.73
CA PHE B 259 -3.30 18.62 -17.42
C PHE B 259 -3.99 18.25 -18.72
N THR B 260 -3.87 16.98 -19.09
CA THR B 260 -4.58 16.40 -20.22
C THR B 260 -5.60 15.36 -19.78
N ASP B 261 -5.27 14.59 -18.75
CA ASP B 261 -6.14 13.56 -18.21
C ASP B 261 -6.90 14.06 -16.98
N THR B 262 -6.69 15.31 -16.58
CA THR B 262 -7.30 15.88 -15.38
C THR B 262 -8.54 16.67 -15.77
N SER B 263 -9.67 16.32 -15.16
CA SER B 263 -10.90 17.06 -15.37
C SER B 263 -10.89 18.34 -14.54
N ILE B 264 -11.61 19.35 -15.00
CA ILE B 264 -11.68 20.64 -14.32
C ILE B 264 -13.08 20.83 -13.74
N ILE B 265 -13.14 21.04 -12.43
CA ILE B 265 -14.39 21.37 -11.75
C ILE B 265 -14.52 22.88 -11.79
N LEU B 266 -15.36 23.38 -12.70
CA LEU B 266 -15.53 24.81 -12.89
C LEU B 266 -16.58 25.34 -11.93
N PHE B 267 -16.22 26.40 -11.20
CA PHE B 267 -17.20 27.12 -10.39
C PHE B 267 -17.39 28.51 -10.96
N LEU B 268 -18.66 28.91 -11.08
CA LEU B 268 -19.03 30.25 -11.50
C LEU B 268 -19.68 30.91 -10.29
N ASN B 269 -18.96 31.85 -9.67
CA ASN B 269 -19.37 32.41 -8.40
C ASN B 269 -20.12 33.72 -8.60
N LYS B 270 -20.73 34.18 -7.51
CA LYS B 270 -21.41 35.49 -7.39
C LYS B 270 -22.55 35.63 -8.41
N LYS B 271 -23.36 34.59 -8.55
CA LYS B 271 -24.47 34.67 -9.50
C LYS B 271 -25.59 35.58 -9.00
N ASP B 272 -25.75 35.72 -7.68
CA ASP B 272 -26.73 36.67 -7.15
C ASP B 272 -26.32 38.10 -7.43
N LEU B 273 -25.02 38.39 -7.36
CA LEU B 273 -24.52 39.69 -7.79
C LEU B 273 -24.54 39.80 -9.31
N PHE B 274 -24.38 38.67 -10.02
CA PHE B 274 -24.53 38.65 -11.47
C PHE B 274 -25.97 38.95 -11.88
N GLU B 275 -26.95 38.44 -11.10
CA GLU B 275 -28.36 38.61 -11.44
C GLU B 275 -28.78 40.08 -11.36
N GLU B 276 -28.31 40.79 -10.33
CA GLU B 276 -28.60 42.21 -10.21
C GLU B 276 -27.91 43.03 -11.29
N LYS B 277 -26.64 42.73 -11.54
CA LYS B 277 -25.84 43.48 -12.50
C LYS B 277 -26.31 43.28 -13.94
N ILE B 278 -26.84 42.10 -14.28
CA ILE B 278 -27.20 41.84 -15.67
C ILE B 278 -28.49 42.56 -16.06
N LYS B 279 -29.35 42.90 -15.09
CA LYS B 279 -30.53 43.69 -15.39
C LYS B 279 -30.14 45.14 -15.69
N LYS B 280 -29.30 45.73 -14.84
CA LYS B 280 -28.85 47.10 -15.06
C LYS B 280 -27.92 47.20 -16.26
N SER B 281 -26.89 46.35 -16.30
CA SER B 281 -25.86 46.44 -17.32
C SER B 281 -25.87 45.20 -18.20
N PRO B 282 -25.98 45.34 -19.52
CA PRO B 282 -26.03 44.17 -20.39
C PRO B 282 -24.66 43.54 -20.60
N LEU B 283 -24.70 42.31 -21.14
CA LEU B 283 -23.48 41.60 -21.52
C LEU B 283 -23.01 41.98 -22.92
N THR B 284 -23.91 42.49 -23.77
CA THR B 284 -23.56 42.85 -25.13
C THR B 284 -22.56 44.00 -25.21
N ILE B 285 -22.56 44.90 -24.22
CA ILE B 285 -21.74 46.11 -24.30
C ILE B 285 -20.25 45.79 -24.19
N CYS B 286 -19.87 44.84 -23.33
CA CYS B 286 -18.44 44.60 -23.09
C CYS B 286 -17.78 43.88 -24.27
N TYR B 287 -18.53 43.06 -25.01
CA TYR B 287 -18.04 42.56 -26.30
C TYR B 287 -19.21 42.32 -27.23
N PRO B 288 -19.12 42.75 -28.50
CA PRO B 288 -20.28 42.69 -29.40
C PRO B 288 -20.68 41.30 -29.87
N GLU B 289 -19.88 40.27 -29.57
CA GLU B 289 -20.07 38.94 -30.16
C GLU B 289 -21.39 38.30 -29.73
N TYR B 290 -21.79 38.51 -28.48
CA TYR B 290 -23.01 37.90 -27.96
C TYR B 290 -24.22 38.74 -28.36
N ALA B 291 -25.06 38.18 -29.23
CA ALA B 291 -26.26 38.86 -29.70
C ALA B 291 -27.53 38.33 -29.05
N GLY B 292 -27.40 37.44 -28.07
CA GLY B 292 -28.56 36.94 -27.36
C GLY B 292 -29.24 38.00 -26.50
N SER B 293 -30.50 37.74 -26.17
CA SER B 293 -31.30 38.67 -25.39
C SER B 293 -30.79 38.78 -23.96
N ASN B 294 -31.08 39.91 -23.33
CA ASN B 294 -30.60 40.19 -21.97
C ASN B 294 -31.46 39.42 -20.99
N THR B 295 -31.13 38.15 -20.81
CA THR B 295 -31.80 37.26 -19.88
C THR B 295 -30.77 36.70 -18.90
N TYR B 296 -31.16 36.56 -17.64
CA TYR B 296 -30.28 35.98 -16.62
C TYR B 296 -29.94 34.52 -16.95
N GLU B 297 -30.95 33.73 -17.30
CA GLU B 297 -30.73 32.32 -17.59
C GLU B 297 -29.92 32.11 -18.87
N GLU B 298 -30.18 32.92 -19.90
CA GLU B 298 -29.46 32.81 -21.16
C GLU B 298 -27.99 33.22 -21.01
N ALA B 299 -27.73 34.30 -20.29
CA ALA B 299 -26.36 34.81 -20.14
C ALA B 299 -25.51 33.85 -19.30
N ALA B 300 -26.05 33.36 -18.19
CA ALA B 300 -25.34 32.40 -17.35
C ALA B 300 -25.06 31.10 -18.10
N ALA B 301 -26.00 30.67 -18.94
CA ALA B 301 -25.75 29.51 -19.79
C ALA B 301 -24.72 29.80 -20.88
N TYR B 302 -24.69 31.04 -21.38
CA TYR B 302 -23.75 31.39 -22.44
C TYR B 302 -22.32 31.48 -21.92
N ILE B 303 -22.14 32.09 -20.73
CA ILE B 303 -20.81 32.17 -20.12
C ILE B 303 -20.30 30.77 -19.78
N GLN B 304 -21.21 29.86 -19.41
CA GLN B 304 -20.86 28.48 -19.09
C GLN B 304 -20.24 27.75 -20.28
N CYS B 305 -20.86 27.86 -21.46
CA CYS B 305 -20.34 27.13 -22.61
C CYS B 305 -19.07 27.77 -23.19
N GLN B 306 -18.88 29.08 -22.99
CA GLN B 306 -17.69 29.75 -23.50
C GLN B 306 -16.42 29.25 -22.82
N PHE B 307 -16.50 28.96 -21.52
CA PHE B 307 -15.40 28.26 -20.87
C PHE B 307 -15.25 26.84 -21.43
N GLU B 308 -16.36 26.16 -21.65
CA GLU B 308 -16.34 24.81 -22.22
C GLU B 308 -15.90 24.80 -23.68
N ASP B 309 -16.07 25.91 -24.41
CA ASP B 309 -15.56 25.98 -25.77
C ASP B 309 -14.04 26.14 -25.81
N LEU B 310 -13.43 26.59 -24.71
CA LEU B 310 -11.98 26.70 -24.65
C LEU B 310 -11.30 25.34 -24.57
N ASN B 311 -12.02 24.30 -24.14
CA ASN B 311 -11.48 22.95 -24.11
C ASN B 311 -11.22 22.45 -25.53
N LYS B 312 -9.99 22.02 -25.77
CA LYS B 312 -9.59 21.50 -27.07
C LYS B 312 -9.52 19.98 -27.11
N ARG B 313 -9.61 19.32 -25.95
CA ARG B 313 -9.63 17.86 -25.84
C ARG B 313 -10.83 17.50 -24.98
N LYS B 314 -12.00 17.41 -25.62
CA LYS B 314 -13.26 17.22 -24.90
C LYS B 314 -13.52 15.76 -24.56
N ASP B 315 -12.89 14.82 -25.28
CA ASP B 315 -13.18 13.41 -25.07
C ASP B 315 -12.56 12.89 -23.79
N THR B 316 -11.36 13.35 -23.46
CA THR B 316 -10.61 12.82 -22.32
C THR B 316 -10.63 13.78 -21.14
N LYS B 317 -11.42 14.85 -21.21
CA LYS B 317 -11.45 15.86 -20.16
C LYS B 317 -12.84 16.44 -20.04
N GLU B 318 -13.48 16.23 -18.90
CA GLU B 318 -14.78 16.79 -18.61
C GLU B 318 -14.65 18.10 -17.85
N ILE B 319 -15.61 18.99 -18.06
CA ILE B 319 -15.69 20.25 -17.31
C ILE B 319 -16.97 20.23 -16.50
N TYR B 320 -16.83 20.23 -15.18
CA TYR B 320 -17.94 20.15 -14.23
C TYR B 320 -18.27 21.56 -13.75
N THR B 321 -19.41 22.10 -14.20
CA THR B 321 -19.78 23.48 -13.93
C THR B 321 -20.91 23.53 -12.91
N HIS B 322 -20.77 24.38 -11.89
CA HIS B 322 -21.79 24.57 -10.87
C HIS B 322 -21.89 26.03 -10.47
N PHE B 323 -23.11 26.56 -10.51
CA PHE B 323 -23.39 27.94 -10.12
C PHE B 323 -23.53 28.05 -8.60
N THR B 324 -22.67 28.85 -7.98
CA THR B 324 -22.60 28.96 -6.52
C THR B 324 -22.90 30.39 -6.05
N CYS B 325 -23.89 30.54 -5.16
CA CYS B 325 -24.12 31.81 -4.44
C CYS B 325 -24.27 31.54 -2.94
N SER B 326 -23.11 31.38 -2.27
CA SER B 326 -23.02 31.05 -0.84
C SER B 326 -23.82 29.80 -0.47
N THR B 327 -23.76 28.81 -1.35
CA THR B 327 -24.55 27.59 -1.19
C THR B 327 -23.93 26.71 -0.10
N ASP B 328 -24.74 25.79 0.43
CA ASP B 328 -24.40 24.85 1.48
C ASP B 328 -23.80 23.59 0.87
N THR B 329 -23.99 22.44 1.56
CA THR B 329 -23.42 21.13 1.23
C THR B 329 -23.57 20.71 -0.25
N LYS B 330 -24.49 21.33 -1.01
CA LYS B 330 -24.62 21.10 -2.45
C LYS B 330 -23.31 21.36 -3.19
N ASN B 331 -22.54 22.37 -2.76
CA ASN B 331 -21.22 22.60 -3.33
C ASN B 331 -20.28 21.43 -3.05
N VAL B 332 -20.30 20.95 -1.81
CA VAL B 332 -19.47 19.80 -1.43
C VAL B 332 -19.95 18.55 -2.17
N GLN B 333 -21.27 18.40 -2.30
CA GLN B 333 -21.86 17.29 -3.03
C GLN B 333 -21.47 17.30 -4.51
N PHE B 334 -21.44 18.50 -5.13
CA PHE B 334 -21.03 18.63 -6.52
C PHE B 334 -19.60 18.17 -6.73
N VAL B 335 -18.67 18.67 -5.91
CA VAL B 335 -17.27 18.24 -5.94
C VAL B 335 -17.16 16.74 -5.76
N PHE B 336 -17.86 16.19 -4.75
CA PHE B 336 -17.86 14.76 -4.50
C PHE B 336 -18.41 13.97 -5.68
N ASP B 337 -19.44 14.50 -6.34
CA ASP B 337 -19.96 13.84 -7.55
C ASP B 337 -18.96 13.89 -8.69
N ALA B 338 -18.30 15.04 -8.88
CA ALA B 338 -17.30 15.16 -9.94
C ALA B 338 -16.08 14.29 -9.67
N VAL B 339 -15.61 14.26 -8.41
CA VAL B 339 -14.47 13.42 -8.05
C VAL B 339 -14.80 11.94 -8.20
N THR B 340 -16.05 11.56 -7.88
CA THR B 340 -16.51 10.17 -8.01
C THR B 340 -16.38 9.66 -9.45
N ASP B 341 -16.73 10.49 -10.42
CA ASP B 341 -16.55 10.12 -11.83
C ASP B 341 -15.08 10.03 -12.21
N VAL B 342 -14.22 10.84 -11.60
CA VAL B 342 -12.79 10.76 -11.87
C VAL B 342 -12.20 9.46 -11.31
N ILE B 343 -12.66 9.05 -10.13
CA ILE B 343 -12.24 7.78 -9.55
C ILE B 343 -12.75 6.62 -10.39
N ILE B 344 -13.96 6.76 -10.95
CA ILE B 344 -14.45 5.80 -11.95
C ILE B 344 -13.57 5.81 -13.19
N LYS B 345 -13.20 7.01 -13.66
CA LYS B 345 -12.30 7.15 -14.81
C LYS B 345 -10.94 6.54 -14.55
N ASN B 346 -10.43 6.70 -13.33
CA ASN B 346 -9.16 6.07 -12.96
C ASN B 346 -9.30 4.56 -12.86
N ASN B 347 -10.34 4.09 -12.18
CA ASN B 347 -10.54 2.65 -11.98
C ASN B 347 -10.83 1.93 -13.30
N LEU B 348 -11.53 2.57 -14.22
CA LEU B 348 -11.76 1.98 -15.54
C LEU B 348 -10.45 1.89 -16.32
N LYS B 349 -9.60 2.92 -16.23
CA LYS B 349 -8.24 2.81 -16.76
C LYS B 349 -7.44 1.75 -16.01
N ASP B 350 -7.67 1.64 -14.70
CA ASP B 350 -7.02 0.61 -13.90
C ASP B 350 -7.48 -0.78 -14.32
N CYS B 351 -8.77 -0.94 -14.63
CA CYS B 351 -9.26 -2.21 -15.15
C CYS B 351 -8.77 -2.48 -16.57
N GLY B 352 -8.46 -1.42 -17.33
CA GLY B 352 -8.03 -1.56 -18.70
C GLY B 352 -9.13 -1.47 -19.73
N LEU B 353 -10.39 -1.45 -19.30
CA LEU B 353 -11.51 -1.34 -20.22
C LEU B 353 -11.54 0.02 -20.93
N PHE B 354 -11.19 1.08 -20.21
CA PHE B 354 -11.23 2.43 -20.76
C PHE B 354 -9.89 2.79 -21.39
N ASP C 18 15.24 57.56 -20.30
CA ASP C 18 15.49 57.91 -21.70
C ASP C 18 16.98 57.86 -22.00
N GLN C 19 17.72 58.83 -21.45
CA GLN C 19 19.17 58.86 -21.64
C GLN C 19 19.85 57.73 -20.88
N LEU C 20 19.35 57.42 -19.68
CA LEU C 20 19.90 56.33 -18.88
C LEU C 20 19.73 54.97 -19.57
N ARG C 21 18.51 54.66 -20.01
CA ARG C 21 18.25 53.37 -20.64
C ARG C 21 18.96 53.24 -21.98
N GLN C 22 19.15 54.35 -22.71
CA GLN C 22 19.93 54.30 -23.94
C GLN C 22 21.41 54.10 -23.64
N GLU C 23 21.89 54.65 -22.52
CA GLU C 23 23.27 54.41 -22.09
C GLU C 23 23.50 52.95 -21.72
N ALA C 24 22.49 52.32 -21.09
CA ALA C 24 22.56 50.89 -20.78
C ALA C 24 22.65 50.04 -22.03
N GLU C 25 22.01 50.47 -23.13
CA GLU C 25 22.18 49.79 -24.40
C GLU C 25 23.59 49.96 -24.94
N GLN C 26 24.17 51.15 -24.76
CA GLN C 26 25.55 51.40 -25.19
C GLN C 26 26.54 50.61 -24.34
N LEU C 27 26.31 50.54 -23.02
CA LEU C 27 27.19 49.77 -22.14
C LEU C 27 27.10 48.28 -22.43
N LYS C 28 25.90 47.80 -22.79
CA LYS C 28 25.73 46.38 -23.14
C LYS C 28 26.45 46.05 -24.44
N ASN C 29 26.44 46.98 -25.39
CA ASN C 29 27.20 46.78 -26.64
C ASN C 29 28.69 46.82 -26.39
N GLN C 30 29.14 47.66 -25.44
CA GLN C 30 30.55 47.71 -25.06
C GLN C 30 31.01 46.38 -24.48
N ILE C 31 30.16 45.73 -23.69
CA ILE C 31 30.49 44.41 -23.14
C ILE C 31 30.54 43.36 -24.26
N ARG C 32 29.59 43.42 -25.20
CA ARG C 32 29.61 42.54 -26.36
C ARG C 32 30.84 42.76 -27.22
N ASP C 33 31.30 44.01 -27.32
CA ASP C 33 32.54 44.31 -28.03
C ASP C 33 33.75 43.71 -27.31
N ALA C 34 33.79 43.84 -25.98
CA ALA C 34 34.87 43.26 -25.19
C ALA C 34 34.88 41.74 -25.25
N ARG C 35 33.70 41.12 -25.36
CA ARG C 35 33.63 39.66 -25.49
C ARG C 35 34.17 39.19 -26.83
N LYS C 36 33.75 39.85 -27.92
CA LYS C 36 34.25 39.50 -29.25
C LYS C 36 35.75 39.78 -29.39
N ALA C 37 36.26 40.79 -28.68
CA ALA C 37 37.68 41.12 -28.79
C ALA C 37 38.55 40.15 -28.00
N CYS C 38 38.07 39.73 -26.82
CA CYS C 38 38.85 38.82 -25.98
C CYS C 38 38.93 37.41 -26.59
N ALA C 39 37.94 37.03 -27.40
CA ALA C 39 37.92 35.71 -28.02
C ALA C 39 38.71 35.70 -29.32
N ASP C 40 39.64 34.76 -29.43
CA ASP C 40 40.37 34.51 -30.67
C ASP C 40 40.22 33.07 -31.15
N ALA C 41 40.38 32.10 -30.25
CA ALA C 41 40.37 30.68 -30.60
C ALA C 41 39.21 30.00 -29.90
N THR C 42 38.36 29.34 -30.69
CA THR C 42 37.30 28.49 -30.15
C THR C 42 37.89 27.37 -29.30
N LEU C 43 37.20 27.03 -28.20
CA LEU C 43 37.64 25.98 -27.29
C LEU C 43 37.74 24.62 -27.98
N SER C 44 36.79 24.33 -28.89
CA SER C 44 36.80 23.05 -29.62
C SER C 44 38.02 22.92 -30.52
N GLN C 45 38.57 24.04 -31.01
CA GLN C 45 39.80 23.98 -31.79
C GLN C 45 41.01 23.66 -30.92
N ILE C 46 41.03 24.18 -29.69
CA ILE C 46 42.19 24.01 -28.82
C ILE C 46 42.25 22.61 -28.25
N THR C 47 41.11 22.04 -27.88
CA THR C 47 41.04 20.72 -27.25
C THR C 47 41.11 19.57 -28.23
N ASN C 48 41.32 19.85 -29.53
CA ASN C 48 41.39 18.81 -30.55
C ASN C 48 42.58 17.86 -30.31
N ASN C 49 43.64 18.35 -29.69
CA ASN C 49 44.83 17.54 -29.44
C ASN C 49 44.55 16.41 -28.45
N ILE C 50 43.79 16.70 -27.40
CA ILE C 50 43.48 15.71 -26.37
C ILE C 50 42.59 14.62 -26.96
N ASP C 51 42.94 13.36 -26.69
CA ASP C 51 42.16 12.23 -27.16
C ASP C 51 40.81 12.17 -26.46
N PRO C 52 39.77 11.68 -27.14
CA PRO C 52 38.47 11.55 -26.48
C PRO C 52 38.48 10.45 -25.43
N VAL C 53 37.64 10.63 -24.41
CA VAL C 53 37.51 9.65 -23.34
C VAL C 53 36.86 8.35 -23.81
N GLY C 54 36.10 8.39 -24.91
CA GLY C 54 35.51 7.19 -25.45
C GLY C 54 34.23 6.81 -24.73
N ARG C 55 33.75 5.61 -25.06
CA ARG C 55 32.57 5.05 -24.43
C ARG C 55 32.81 4.82 -22.94
N ILE C 56 31.97 5.42 -22.10
CA ILE C 56 32.05 5.30 -20.65
C ILE C 56 30.76 4.66 -20.19
N GLN C 57 30.84 3.39 -19.81
CA GLN C 57 29.67 2.62 -19.40
C GLN C 57 29.62 2.53 -17.88
N MET C 58 28.50 2.95 -17.32
CA MET C 58 28.26 2.90 -15.88
C MET C 58 27.09 1.96 -15.61
N ARG C 59 27.28 1.03 -14.68
CA ARG C 59 26.26 0.06 -14.33
C ARG C 59 25.59 0.49 -13.03
N THR C 60 24.28 0.23 -12.94
CA THR C 60 23.54 0.45 -11.70
C THR C 60 24.12 -0.39 -10.57
N ARG C 61 24.37 0.26 -9.43
CA ARG C 61 24.96 -0.39 -8.27
C ARG C 61 23.99 -0.54 -7.12
N ARG C 62 23.19 0.49 -6.85
CA ARG C 62 22.14 0.44 -5.85
C ARG C 62 20.88 1.07 -6.44
N THR C 63 19.73 0.52 -6.08
CA THR C 63 18.43 1.11 -6.42
C THR C 63 17.69 1.36 -5.11
N LEU C 64 17.37 2.63 -4.86
CA LEU C 64 16.83 3.04 -3.58
C LEU C 64 15.32 3.16 -3.71
N ARG C 65 14.58 2.44 -2.87
CA ARG C 65 13.14 2.31 -2.99
C ARG C 65 12.45 2.73 -1.70
N GLY C 66 11.20 3.16 -1.82
CA GLY C 66 10.40 3.56 -0.68
C GLY C 66 9.90 4.99 -0.72
N HIS C 67 10.16 5.75 -1.79
CA HIS C 67 9.65 7.12 -1.86
C HIS C 67 8.16 7.14 -2.13
N LEU C 68 7.69 6.31 -3.07
CA LEU C 68 6.28 6.16 -3.48
C LEU C 68 5.68 7.45 -4.03
N ALA C 69 6.51 8.39 -4.47
CA ALA C 69 6.06 9.67 -4.96
C ALA C 69 7.18 10.32 -5.77
N LYS C 70 6.89 11.49 -6.31
CA LYS C 70 7.73 12.15 -7.30
C LYS C 70 8.94 12.80 -6.64
N ILE C 71 10.14 12.29 -6.96
CA ILE C 71 11.39 12.83 -6.41
C ILE C 71 11.76 14.11 -7.16
N TYR C 72 12.20 15.14 -6.42
CA TYR C 72 12.65 16.38 -7.05
C TYR C 72 14.13 16.69 -6.86
N ALA C 73 14.72 16.35 -5.72
CA ALA C 73 16.09 16.76 -5.45
C ALA C 73 16.80 15.74 -4.59
N MET C 74 18.12 15.69 -4.77
CA MET C 74 19.00 14.96 -3.87
C MET C 74 20.23 15.80 -3.61
N HIS C 75 20.95 15.47 -2.54
CA HIS C 75 22.21 16.11 -2.23
C HIS C 75 23.12 15.12 -1.52
N TRP C 76 24.37 15.03 -1.98
CA TRP C 76 25.35 14.14 -1.37
C TRP C 76 25.90 14.70 -0.07
N GLY C 77 26.27 13.78 0.82
CA GLY C 77 27.12 14.14 1.95
C GLY C 77 28.58 14.24 1.56
N THR C 78 29.36 14.85 2.45
CA THR C 78 30.78 15.02 2.20
C THR C 78 31.57 13.76 2.53
N ASP C 79 30.98 12.81 3.28
CA ASP C 79 31.60 11.52 3.53
C ASP C 79 31.39 10.53 2.39
N SER C 80 30.69 10.95 1.32
CA SER C 80 30.42 10.18 0.10
C SER C 80 29.55 8.95 0.35
N ARG C 81 28.86 8.89 1.48
CA ARG C 81 27.98 7.77 1.79
C ARG C 81 26.56 8.17 2.07
N LEU C 82 26.33 9.25 2.82
CA LEU C 82 24.98 9.70 3.13
C LEU C 82 24.46 10.64 2.05
N LEU C 83 23.17 10.50 1.72
CA LEU C 83 22.50 11.41 0.81
C LEU C 83 21.06 11.59 1.24
N VAL C 84 20.56 12.80 1.10
CA VAL C 84 19.17 13.14 1.39
C VAL C 84 18.42 13.18 0.06
N SER C 85 17.11 12.95 0.11
CA SER C 85 16.28 12.98 -1.08
C SER C 85 14.91 13.56 -0.73
N ALA C 86 14.36 14.36 -1.64
CA ALA C 86 13.10 15.04 -1.43
C ALA C 86 12.03 14.42 -2.34
N SER C 87 10.93 13.97 -1.73
CA SER C 87 9.84 13.34 -2.45
C SER C 87 8.54 14.07 -2.14
N GLN C 88 7.51 13.78 -2.92
CA GLN C 88 6.24 14.49 -2.81
C GLN C 88 5.25 13.83 -1.86
N ASP C 89 5.61 12.74 -1.21
CA ASP C 89 4.78 12.21 -0.13
C ASP C 89 4.91 13.01 1.16
N GLY C 90 5.78 14.02 1.20
CA GLY C 90 6.05 14.75 2.40
C GLY C 90 7.13 14.13 3.26
N LYS C 91 8.09 13.44 2.64
CA LYS C 91 9.12 12.68 3.35
C LYS C 91 10.49 12.99 2.76
N LEU C 92 11.35 13.62 3.54
CA LEU C 92 12.78 13.64 3.27
C LEU C 92 13.38 12.33 3.78
N ILE C 93 14.06 11.59 2.90
CA ILE C 93 14.66 10.32 3.27
C ILE C 93 16.17 10.46 3.15
N ILE C 94 16.87 10.19 4.25
CA ILE C 94 18.33 10.18 4.27
C ILE C 94 18.79 8.74 4.09
N TRP C 95 19.66 8.52 3.11
CA TRP C 95 20.00 7.19 2.64
C TRP C 95 21.41 6.79 3.05
N ASP C 96 21.55 5.52 3.45
CA ASP C 96 22.85 4.86 3.51
C ASP C 96 23.07 4.23 2.14
N SER C 97 23.95 4.84 1.34
CA SER C 97 24.08 4.44 -0.06
C SER C 97 24.77 3.08 -0.21
N TYR C 98 25.65 2.71 0.72
CA TYR C 98 26.41 1.48 0.56
C TYR C 98 25.57 0.25 0.89
N THR C 99 24.75 0.34 1.95
CA THR C 99 24.00 -0.80 2.46
C THR C 99 22.51 -0.74 2.16
N THR C 100 22.07 0.24 1.35
CA THR C 100 20.70 0.49 0.87
C THR C 100 19.75 0.89 2.01
N ASN C 101 20.25 1.02 3.25
CA ASN C 101 19.41 1.31 4.40
C ASN C 101 18.95 2.78 4.40
N LYS C 102 17.78 3.00 4.95
CA LYS C 102 17.27 4.34 5.22
C LYS C 102 17.74 4.80 6.59
N VAL C 103 18.37 5.97 6.64
CA VAL C 103 18.91 6.50 7.88
C VAL C 103 17.86 7.31 8.63
N HIS C 104 17.18 8.23 7.95
CA HIS C 104 16.09 9.00 8.55
C HIS C 104 14.95 9.13 7.55
N ALA C 105 13.75 9.32 8.08
CA ALA C 105 12.58 9.67 7.28
C ALA C 105 11.93 10.87 7.95
N ILE C 106 12.08 12.04 7.32
CA ILE C 106 11.69 13.31 7.92
C ILE C 106 10.28 13.64 7.45
N PRO C 107 9.27 13.62 8.32
CA PRO C 107 7.92 14.02 7.89
C PRO C 107 7.85 15.53 7.66
N LEU C 108 7.29 15.92 6.53
CA LEU C 108 7.24 17.32 6.14
C LEU C 108 5.83 17.85 6.35
N ARG C 109 5.74 19.13 6.75
CA ARG C 109 4.43 19.76 6.91
C ARG C 109 3.82 20.05 5.55
N SER C 110 4.60 20.65 4.65
CA SER C 110 4.18 20.92 3.29
C SER C 110 4.70 19.80 2.40
N SER C 111 3.80 19.10 1.73
CA SER C 111 4.19 18.02 0.84
C SER C 111 4.93 18.52 -0.39
N TRP C 112 4.72 19.78 -0.79
CA TRP C 112 5.26 20.31 -2.04
C TRP C 112 6.63 20.91 -1.73
N VAL C 113 7.68 20.12 -2.00
CA VAL C 113 9.05 20.47 -1.67
C VAL C 113 9.89 20.24 -2.92
N MET C 114 10.54 21.30 -3.41
CA MET C 114 11.24 21.26 -4.70
C MET C 114 12.76 21.20 -4.56
N THR C 115 13.29 21.19 -3.34
CA THR C 115 14.74 21.17 -3.16
C THR C 115 15.07 20.59 -1.80
N CYS C 116 16.32 20.14 -1.66
CA CYS C 116 16.81 19.63 -0.39
C CYS C 116 18.33 19.79 -0.35
N ALA C 117 18.84 20.14 0.83
CA ALA C 117 20.27 20.34 1.03
C ALA C 117 20.75 19.50 2.20
N TYR C 118 22.01 19.09 2.13
CA TYR C 118 22.69 18.38 3.22
C TYR C 118 23.91 19.19 3.62
N ALA C 119 24.04 19.46 4.92
CA ALA C 119 25.13 20.29 5.43
C ALA C 119 26.49 19.60 5.26
N PRO C 120 27.56 20.38 5.06
CA PRO C 120 28.89 19.74 4.92
C PRO C 120 29.37 19.05 6.18
N SER C 121 29.01 19.56 7.37
CA SER C 121 29.32 18.85 8.60
C SER C 121 28.45 17.63 8.80
N GLY C 122 27.28 17.60 8.16
CA GLY C 122 26.34 16.51 8.33
C GLY C 122 25.31 16.73 9.41
N ASN C 123 25.32 17.89 10.07
CA ASN C 123 24.42 18.14 11.18
C ASN C 123 23.01 18.49 10.72
N TYR C 124 22.88 19.27 9.65
CA TYR C 124 21.60 19.84 9.28
C TYR C 124 21.16 19.40 7.89
N VAL C 125 19.85 19.44 7.67
CA VAL C 125 19.21 19.13 6.39
C VAL C 125 18.18 20.21 6.09
N ALA C 126 18.27 20.81 4.91
CA ALA C 126 17.31 21.79 4.45
C ALA C 126 16.32 21.17 3.46
N CYS C 127 15.19 21.84 3.31
CA CYS C 127 14.25 21.56 2.23
C CYS C 127 13.45 22.82 1.94
N GLY C 128 12.93 22.89 0.73
CA GLY C 128 12.12 24.03 0.34
C GLY C 128 11.29 23.71 -0.88
N GLY C 129 10.22 24.48 -1.06
CA GLY C 129 9.32 24.24 -2.17
C GLY C 129 8.27 25.31 -2.35
N LEU C 130 7.03 24.90 -2.57
CA LEU C 130 5.94 25.82 -2.88
C LEU C 130 5.36 26.51 -1.65
N ASP C 131 5.74 26.09 -0.43
CA ASP C 131 5.29 26.74 0.79
C ASP C 131 6.05 28.02 1.12
N ASN C 132 7.08 28.35 0.34
CA ASN C 132 7.94 29.53 0.47
C ASN C 132 8.74 29.53 1.78
N ILE C 133 8.88 28.37 2.42
CA ILE C 133 9.56 28.26 3.72
C ILE C 133 10.74 27.30 3.57
N CYS C 134 11.93 27.78 3.91
CA CYS C 134 13.09 26.91 4.06
C CYS C 134 13.10 26.36 5.48
N SER C 135 13.06 25.03 5.61
CA SER C 135 13.04 24.37 6.90
C SER C 135 14.37 23.66 7.12
N ILE C 136 15.00 23.94 8.26
CA ILE C 136 16.27 23.34 8.63
C ILE C 136 16.02 22.26 9.66
N TYR C 137 16.52 21.05 9.39
CA TYR C 137 16.26 19.89 10.24
C TYR C 137 17.54 19.44 10.92
N ASN C 138 17.49 19.37 12.25
CA ASN C 138 18.64 18.97 13.06
C ASN C 138 18.69 17.44 13.15
N LEU C 139 19.85 16.87 12.82
CA LEU C 139 20.02 15.43 12.82
C LEU C 139 20.71 14.89 14.07
N LYS C 140 21.56 15.70 14.71
CA LYS C 140 22.36 15.25 15.84
C LYS C 140 21.79 15.73 17.18
N THR C 141 20.47 15.83 17.27
CA THR C 141 19.83 16.22 18.52
C THR C 141 19.86 15.07 19.52
N ARG C 142 19.79 15.43 20.80
CA ARG C 142 19.82 14.43 21.86
C ARG C 142 18.52 13.64 21.95
N GLU C 143 17.41 14.19 21.45
CA GLU C 143 16.12 13.50 21.55
C GLU C 143 16.03 12.32 20.59
N GLY C 144 16.78 12.35 19.49
CA GLY C 144 16.86 11.23 18.59
C GLY C 144 15.88 11.23 17.44
N ASN C 145 14.93 12.16 17.41
CA ASN C 145 14.02 12.33 16.29
C ASN C 145 14.37 13.61 15.53
N VAL C 146 14.28 13.56 14.22
CA VAL C 146 14.67 14.70 13.38
C VAL C 146 13.58 15.78 13.52
N ARG C 147 13.89 16.84 14.25
CA ARG C 147 12.95 17.91 14.52
C ARG C 147 13.38 19.18 13.82
N VAL C 148 12.44 20.11 13.70
CA VAL C 148 12.67 21.37 13.00
C VAL C 148 13.51 22.28 13.90
N SER C 149 14.67 22.71 13.38
CA SER C 149 15.50 23.66 14.11
C SER C 149 15.13 25.10 13.78
N ARG C 150 14.89 25.41 12.51
CA ARG C 150 14.59 26.77 12.08
C ARG C 150 13.75 26.72 10.81
N GLU C 151 12.69 27.53 10.77
CA GLU C 151 11.88 27.72 9.57
C GLU C 151 12.19 29.12 9.03
N LEU C 152 12.88 29.17 7.90
CA LEU C 152 13.23 30.43 7.26
C LEU C 152 12.07 30.88 6.37
N ALA C 153 11.61 32.11 6.58
CA ALA C 153 10.47 32.64 5.85
C ALA C 153 10.76 34.06 5.38
N GLY C 154 9.99 34.50 4.40
CA GLY C 154 10.17 35.82 3.82
C GLY C 154 10.53 35.79 2.34
N HIS C 155 10.25 34.68 1.66
CA HIS C 155 10.27 34.63 0.21
C HIS C 155 8.85 34.76 -0.34
N THR C 156 8.72 35.54 -1.41
CA THR C 156 7.43 35.73 -2.06
C THR C 156 7.18 34.65 -3.11
N GLY C 157 8.21 33.91 -3.52
CA GLY C 157 8.09 32.89 -4.54
C GLY C 157 8.57 31.53 -4.03
N TYR C 158 8.28 30.50 -4.84
CA TYR C 158 8.65 29.14 -4.51
C TYR C 158 10.17 28.96 -4.43
N LEU C 159 10.64 28.29 -3.38
CA LEU C 159 12.04 27.93 -3.31
C LEU C 159 12.36 26.82 -4.29
N SER C 160 13.43 27.01 -5.07
CA SER C 160 13.84 26.02 -6.06
C SER C 160 15.17 25.36 -5.74
N CYS C 161 16.06 26.02 -4.99
CA CYS C 161 17.34 25.44 -4.65
C CYS C 161 17.90 26.09 -3.39
N CYS C 162 18.63 25.31 -2.62
CA CYS C 162 19.29 25.78 -1.40
C CYS C 162 20.52 24.92 -1.14
N ARG C 163 21.59 25.55 -0.67
CA ARG C 163 22.85 24.87 -0.37
C ARG C 163 23.47 25.45 0.88
N PHE C 164 23.91 24.58 1.79
CA PHE C 164 24.55 25.00 3.04
C PHE C 164 25.97 25.50 2.79
N LEU C 165 26.23 26.78 3.12
CA LEU C 165 27.61 27.22 3.28
C LEU C 165 28.21 26.68 4.56
N ASP C 166 27.43 26.68 5.64
CA ASP C 166 27.91 26.35 6.97
C ASP C 166 26.71 25.82 7.74
N ASP C 167 26.93 25.46 9.01
CA ASP C 167 25.81 25.09 9.88
C ASP C 167 24.94 26.28 10.26
N ASN C 168 25.40 27.51 10.02
CA ASN C 168 24.65 28.71 10.35
C ASN C 168 24.29 29.55 9.14
N GLN C 169 24.93 29.33 7.99
CA GLN C 169 24.68 30.12 6.79
C GLN C 169 24.19 29.22 5.67
N ILE C 170 23.19 29.70 4.94
CA ILE C 170 22.63 28.99 3.79
C ILE C 170 22.11 30.00 2.78
N VAL C 171 22.39 29.77 1.50
CA VAL C 171 21.86 30.57 0.40
C VAL C 171 20.74 29.80 -0.27
N THR C 172 19.56 30.43 -0.36
CA THR C 172 18.39 29.82 -0.98
C THR C 172 18.01 30.63 -2.22
N SER C 173 17.52 29.94 -3.24
CA SER C 173 16.97 30.57 -4.42
C SER C 173 15.45 30.45 -4.38
N SER C 174 14.77 31.47 -4.90
CA SER C 174 13.32 31.53 -4.78
C SER C 174 12.72 31.99 -6.11
N GLY C 175 11.41 31.80 -6.22
CA GLY C 175 10.65 32.19 -7.39
C GLY C 175 10.21 33.63 -7.43
N ASP C 176 10.66 34.47 -6.50
CA ASP C 176 10.39 35.90 -6.56
C ASP C 176 11.56 36.68 -7.16
N THR C 177 12.33 36.02 -8.05
CA THR C 177 13.50 36.55 -8.76
C THR C 177 14.64 36.94 -7.81
N THR C 178 14.63 36.41 -6.59
CA THR C 178 15.51 36.85 -5.52
C THR C 178 16.23 35.65 -4.91
N CYS C 179 17.52 35.83 -4.64
CA CYS C 179 18.29 34.92 -3.81
C CYS C 179 18.61 35.63 -2.50
N ALA C 180 18.94 34.85 -1.48
CA ALA C 180 19.17 35.44 -0.16
C ALA C 180 20.17 34.62 0.63
N LEU C 181 20.94 35.32 1.47
CA LEU C 181 21.86 34.69 2.41
C LEU C 181 21.19 34.67 3.78
N TRP C 182 20.99 33.48 4.33
CA TRP C 182 20.23 33.30 5.55
C TRP C 182 21.13 33.02 6.74
N ASP C 183 20.82 33.67 7.86
CA ASP C 183 21.40 33.35 9.16
C ASP C 183 20.44 32.40 9.86
N ILE C 184 20.87 31.15 10.07
CA ILE C 184 19.99 30.11 10.59
C ILE C 184 19.68 30.37 12.07
N GLU C 185 20.68 30.78 12.84
CA GLU C 185 20.48 31.05 14.26
C GLU C 185 19.61 32.28 14.49
N THR C 186 19.89 33.37 13.76
CA THR C 186 19.06 34.57 13.88
C THR C 186 17.68 34.35 13.28
N GLY C 187 17.60 33.64 12.15
CA GLY C 187 16.34 33.37 11.50
C GLY C 187 15.92 34.37 10.45
N GLN C 188 16.78 35.32 10.08
CA GLN C 188 16.45 36.32 9.09
C GLN C 188 17.56 36.39 8.04
N GLN C 189 17.25 37.05 6.93
CA GLN C 189 18.16 37.12 5.80
C GLN C 189 19.17 38.25 5.99
N THR C 190 20.45 37.91 6.00
CA THR C 190 21.50 38.92 6.16
C THR C 190 21.71 39.69 4.86
N THR C 191 21.93 38.98 3.76
CA THR C 191 22.18 39.59 2.46
C THR C 191 21.09 39.15 1.49
N THR C 192 20.46 40.14 0.84
CA THR C 192 19.43 39.89 -0.17
C THR C 192 20.01 40.13 -1.55
N PHE C 193 19.97 39.11 -2.40
CA PHE C 193 20.50 39.18 -3.76
C PHE C 193 19.36 39.43 -4.72
N THR C 194 19.34 40.61 -5.34
CA THR C 194 18.24 41.03 -6.19
C THR C 194 18.82 41.54 -7.53
N GLY C 195 18.06 41.34 -8.60
CA GLY C 195 18.47 41.82 -9.91
C GLY C 195 18.10 40.90 -11.06
N HIS C 196 17.51 39.75 -10.76
CA HIS C 196 17.09 38.82 -11.79
C HIS C 196 15.78 39.28 -12.43
N THR C 197 15.72 39.24 -13.75
CA THR C 197 14.48 39.54 -14.46
C THR C 197 13.51 38.36 -14.45
N GLY C 198 14.02 37.14 -14.21
CA GLY C 198 13.19 35.96 -14.19
C GLY C 198 13.40 35.16 -12.92
N ASP C 199 12.53 34.17 -12.73
CA ASP C 199 12.52 33.40 -11.49
C ASP C 199 13.75 32.50 -11.41
N VAL C 200 14.44 32.54 -10.27
CA VAL C 200 15.67 31.77 -10.12
C VAL C 200 15.31 30.31 -9.86
N MET C 201 16.02 29.40 -10.52
CA MET C 201 15.68 27.97 -10.48
C MET C 201 16.76 27.10 -9.86
N SER C 202 18.01 27.54 -9.78
CA SER C 202 19.07 26.71 -9.23
C SER C 202 20.21 27.58 -8.73
N LEU C 203 21.00 27.01 -7.82
CA LEU C 203 22.22 27.64 -7.36
C LEU C 203 23.24 26.56 -7.05
N SER C 204 24.51 26.92 -7.12
CA SER C 204 25.60 26.03 -6.76
C SER C 204 26.62 26.82 -5.97
N LEU C 205 27.19 26.21 -4.94
CA LEU C 205 28.24 26.82 -4.16
C LEU C 205 29.61 26.47 -4.72
N ALA C 206 30.48 27.46 -4.79
CA ALA C 206 31.87 27.25 -5.14
C ALA C 206 32.58 26.52 -4.00
N PRO C 207 33.72 25.87 -4.28
CA PRO C 207 34.46 25.19 -3.19
C PRO C 207 34.95 26.11 -2.08
N ASP C 208 35.38 27.33 -2.40
CA ASP C 208 35.75 28.27 -1.35
C ASP C 208 34.55 28.88 -0.64
N THR C 209 33.35 28.76 -1.23
CA THR C 209 32.06 29.25 -0.72
C THR C 209 32.01 30.76 -0.55
N ARG C 210 32.93 31.49 -1.20
CA ARG C 210 32.89 32.94 -1.18
C ARG C 210 31.97 33.51 -2.26
N LEU C 211 31.81 32.77 -3.36
CA LEU C 211 31.00 33.21 -4.50
C LEU C 211 30.03 32.11 -4.87
N PHE C 212 28.87 32.49 -5.40
CA PHE C 212 27.95 31.53 -5.98
C PHE C 212 27.34 32.12 -7.24
N VAL C 213 26.85 31.24 -8.10
CA VAL C 213 26.20 31.64 -9.35
C VAL C 213 24.79 31.03 -9.37
N SER C 214 23.82 31.81 -9.86
CA SER C 214 22.42 31.41 -9.88
C SER C 214 21.83 31.65 -11.25
N GLY C 215 21.18 30.63 -11.80
CA GLY C 215 20.50 30.74 -13.09
C GLY C 215 19.02 30.97 -12.91
N ALA C 216 18.48 31.90 -13.69
CA ALA C 216 17.09 32.33 -13.58
C ALA C 216 16.35 32.03 -14.89
N CYS C 217 15.06 32.39 -14.91
CA CYS C 217 14.19 32.11 -16.05
C CYS C 217 14.25 33.18 -17.13
N ASP C 218 15.18 34.12 -17.06
CA ASP C 218 15.45 35.04 -18.15
C ASP C 218 16.64 34.59 -18.99
N ALA C 219 16.95 33.29 -18.94
CA ALA C 219 18.08 32.67 -19.63
C ALA C 219 19.42 33.28 -19.22
N SER C 220 19.52 33.75 -17.98
CA SER C 220 20.73 34.39 -17.49
C SER C 220 21.28 33.64 -16.28
N ALA C 221 22.61 33.65 -16.16
CA ALA C 221 23.32 33.08 -15.02
C ALA C 221 24.19 34.17 -14.43
N LYS C 222 23.91 34.58 -13.20
CA LYS C 222 24.55 35.73 -12.59
C LYS C 222 25.45 35.29 -11.45
N LEU C 223 26.72 35.69 -11.52
CA LEU C 223 27.66 35.46 -10.43
C LEU C 223 27.37 36.40 -9.27
N TRP C 224 27.26 35.84 -8.06
CA TRP C 224 27.00 36.63 -6.86
C TRP C 224 28.14 36.45 -5.87
N ASP C 225 28.50 37.54 -5.18
CA ASP C 225 29.50 37.50 -4.13
C ASP C 225 28.78 37.47 -2.79
N VAL C 226 29.15 36.50 -1.94
CA VAL C 226 28.48 36.31 -0.66
C VAL C 226 28.75 37.47 0.28
N ARG C 227 30.02 37.85 0.42
CA ARG C 227 30.40 38.87 1.40
C ARG C 227 29.95 40.26 0.96
N GLU C 228 30.22 40.62 -0.29
CA GLU C 228 29.82 41.93 -0.79
C GLU C 228 28.31 42.03 -0.95
N GLY C 229 27.72 41.10 -1.69
CA GLY C 229 26.28 41.09 -1.89
C GLY C 229 25.78 41.64 -3.21
N MET C 230 26.65 41.79 -4.20
CA MET C 230 26.27 42.35 -5.49
C MET C 230 26.62 41.38 -6.61
N CYS C 231 26.07 41.66 -7.79
CA CYS C 231 26.29 40.81 -8.94
C CYS C 231 27.61 41.20 -9.61
N ARG C 232 28.56 40.26 -9.64
CA ARG C 232 29.84 40.53 -10.27
C ARG C 232 29.76 40.39 -11.79
N GLN C 233 29.12 39.33 -12.28
CA GLN C 233 29.06 39.03 -13.71
C GLN C 233 27.69 38.47 -14.07
N THR C 234 27.28 38.70 -15.31
CA THR C 234 26.03 38.19 -15.85
C THR C 234 26.32 37.51 -17.18
N PHE C 235 25.80 36.28 -17.34
CA PHE C 235 26.04 35.46 -18.52
C PHE C 235 24.71 35.24 -19.23
N THR C 236 24.64 35.58 -20.51
CA THR C 236 23.39 35.57 -21.27
C THR C 236 23.56 34.77 -22.56
N GLY C 237 24.09 33.55 -22.44
CA GLY C 237 24.23 32.67 -23.58
C GLY C 237 22.96 31.93 -23.98
N HIS C 238 22.16 31.55 -22.99
CA HIS C 238 21.03 30.66 -23.19
C HIS C 238 19.87 31.37 -23.86
N GLU C 239 18.92 30.57 -24.37
CA GLU C 239 17.81 31.09 -25.15
C GLU C 239 16.54 31.30 -24.33
N SER C 240 15.98 30.23 -23.76
CA SER C 240 14.66 30.35 -23.15
C SER C 240 14.68 30.59 -21.64
N ASP C 241 15.11 29.58 -20.88
CA ASP C 241 15.17 29.67 -19.42
C ASP C 241 16.10 28.59 -18.89
N ILE C 242 16.61 28.84 -17.68
CA ILE C 242 17.63 28.01 -17.07
C ILE C 242 17.01 27.23 -15.91
N ASN C 243 17.30 25.93 -15.86
CA ASN C 243 16.84 25.05 -14.79
C ASN C 243 17.94 24.61 -13.84
N ALA C 244 19.18 24.45 -14.31
CA ALA C 244 20.24 23.90 -13.48
C ALA C 244 21.54 24.66 -13.67
N ILE C 245 22.40 24.57 -12.66
CA ILE C 245 23.71 25.22 -12.66
C ILE C 245 24.61 24.48 -11.68
N CYS C 246 25.86 24.26 -12.09
CA CYS C 246 26.84 23.60 -11.23
C CYS C 246 28.24 24.13 -11.52
N PHE C 247 29.00 24.45 -10.47
CA PHE C 247 30.39 24.89 -10.64
C PHE C 247 31.31 23.77 -11.11
N PHE C 248 32.34 24.16 -11.85
CA PHE C 248 33.47 23.31 -12.14
C PHE C 248 34.32 23.19 -10.87
N PRO C 249 34.97 22.03 -10.64
CA PRO C 249 35.64 21.79 -9.34
C PRO C 249 36.73 22.78 -8.93
N ASN C 250 37.45 23.42 -9.85
CA ASN C 250 38.46 24.40 -9.42
C ASN C 250 37.81 25.65 -8.84
N GLY C 251 36.63 26.02 -9.31
CA GLY C 251 35.94 27.20 -8.87
C GLY C 251 35.97 28.37 -9.84
N ASN C 252 36.37 28.15 -11.09
CA ASN C 252 36.42 29.21 -12.09
C ASN C 252 35.39 29.10 -13.19
N ALA C 253 34.85 27.91 -13.44
CA ALA C 253 33.90 27.70 -14.52
C ALA C 253 32.62 27.08 -13.97
N PHE C 254 31.57 27.09 -14.78
CA PHE C 254 30.31 26.45 -14.44
C PHE C 254 29.54 26.11 -15.71
N ALA C 255 29.14 24.85 -15.84
CA ALA C 255 28.18 24.49 -16.88
C ALA C 255 26.77 24.76 -16.39
N THR C 256 25.91 25.14 -17.33
CA THR C 256 24.54 25.53 -17.03
C THR C 256 23.57 24.74 -17.89
N GLY C 257 22.51 24.22 -17.27
CA GLY C 257 21.50 23.43 -17.96
C GLY C 257 20.22 24.23 -18.14
N SER C 258 19.65 24.15 -19.34
CA SER C 258 18.50 24.97 -19.72
C SER C 258 17.41 24.08 -20.31
N ASP C 259 16.31 24.70 -20.73
CA ASP C 259 15.17 24.02 -21.35
C ASP C 259 15.14 24.25 -22.86
N ASP C 260 16.32 24.26 -23.49
CA ASP C 260 16.41 24.38 -24.94
C ASP C 260 17.32 23.32 -25.53
N ALA C 261 17.45 22.19 -24.83
CA ALA C 261 18.27 21.03 -25.21
C ALA C 261 19.74 21.37 -25.41
N THR C 262 20.24 22.36 -24.66
CA THR C 262 21.64 22.74 -24.71
C THR C 262 22.19 22.85 -23.29
N CYS C 263 23.49 22.62 -23.16
CA CYS C 263 24.23 22.88 -21.94
C CYS C 263 25.40 23.76 -22.31
N ARG C 264 25.54 24.90 -21.65
CA ARG C 264 26.59 25.84 -21.98
C ARG C 264 27.54 25.99 -20.80
N LEU C 265 28.81 26.15 -21.11
CA LEU C 265 29.88 26.24 -20.12
C LEU C 265 30.41 27.67 -20.11
N PHE C 266 30.31 28.33 -18.98
CA PHE C 266 30.74 29.72 -18.84
C PHE C 266 31.93 29.80 -17.91
N ASP C 267 32.90 30.63 -18.27
CA ASP C 267 34.05 30.91 -17.44
C ASP C 267 33.87 32.27 -16.77
N LEU C 268 34.24 32.35 -15.49
CA LEU C 268 34.14 33.62 -14.78
C LEU C 268 35.17 34.61 -15.29
N ARG C 269 36.41 34.17 -15.47
CA ARG C 269 37.46 35.09 -15.90
C ARG C 269 37.33 35.46 -17.37
N ALA C 270 37.09 34.46 -18.23
CA ALA C 270 36.94 34.73 -19.66
C ALA C 270 35.64 35.48 -19.98
N ASP C 271 34.59 35.26 -19.17
CA ASP C 271 33.30 35.93 -19.27
C ASP C 271 32.61 35.65 -20.61
N GLN C 272 32.69 34.39 -21.05
CA GLN C 272 32.14 33.97 -22.34
C GLN C 272 31.62 32.54 -22.24
N GLU C 273 30.83 32.14 -23.22
CA GLU C 273 30.42 30.76 -23.36
C GLU C 273 31.58 29.94 -23.93
N LEU C 274 32.10 29.01 -23.13
CA LEU C 274 33.24 28.20 -23.57
C LEU C 274 32.81 27.15 -24.58
N MET C 275 31.70 26.46 -24.32
CA MET C 275 31.28 25.34 -25.16
C MET C 275 29.77 25.18 -25.01
N THR C 276 29.14 24.61 -26.03
CA THR C 276 27.73 24.30 -26.03
C THR C 276 27.56 22.80 -26.32
N TYR C 277 26.56 22.18 -25.70
CA TYR C 277 26.31 20.75 -25.84
C TYR C 277 24.91 20.57 -26.42
N SER C 278 24.80 20.63 -27.74
CA SER C 278 23.53 20.50 -28.45
C SER C 278 23.61 19.28 -29.36
N HIS C 279 22.74 18.31 -29.12
CA HIS C 279 22.63 17.12 -29.95
C HIS C 279 21.24 17.07 -30.57
N ASP C 280 21.18 16.62 -31.83
CA ASP C 280 20.04 16.92 -32.70
C ASP C 280 18.76 16.22 -32.27
N ASN C 281 18.81 14.91 -32.04
CA ASN C 281 17.56 14.15 -31.83
C ASN C 281 16.92 14.42 -30.47
N ILE C 282 17.66 14.98 -29.53
CA ILE C 282 17.15 15.30 -28.20
C ILE C 282 16.74 16.78 -28.22
N ILE C 283 15.45 17.03 -28.04
CA ILE C 283 14.92 18.39 -28.02
C ILE C 283 14.37 18.77 -26.65
N CYS C 284 14.36 17.84 -25.70
CA CYS C 284 13.81 18.07 -24.39
C CYS C 284 14.79 18.84 -23.50
N GLY C 285 14.33 19.22 -22.30
CA GLY C 285 15.10 20.08 -21.44
C GLY C 285 16.01 19.35 -20.46
N ILE C 286 16.82 20.15 -19.75
CA ILE C 286 17.79 19.66 -18.78
C ILE C 286 17.32 20.04 -17.39
N THR C 287 17.08 19.03 -16.54
CA THR C 287 16.68 19.30 -15.16
C THR C 287 17.87 19.57 -14.26
N SER C 288 18.95 18.79 -14.39
CA SER C 288 20.05 18.85 -13.45
C SER C 288 21.36 18.54 -14.15
N VAL C 289 22.44 19.22 -13.70
CA VAL C 289 23.79 19.00 -14.18
C VAL C 289 24.72 18.86 -12.98
N SER C 290 25.89 18.27 -13.23
CA SER C 290 26.95 18.13 -12.23
C SER C 290 28.24 17.75 -12.95
N PHE C 291 29.35 17.88 -12.23
CA PHE C 291 30.69 17.56 -12.74
C PHE C 291 31.28 16.38 -11.97
N SER C 292 32.20 15.67 -12.63
CA SER C 292 32.95 14.62 -11.97
C SER C 292 34.04 15.22 -11.08
N LYS C 293 34.77 14.35 -10.38
CA LYS C 293 35.84 14.78 -9.48
C LYS C 293 36.93 15.52 -10.24
N SER C 294 37.38 14.96 -11.37
CA SER C 294 38.31 15.68 -12.22
C SER C 294 37.66 16.88 -12.87
N GLY C 295 36.41 16.74 -13.32
CA GLY C 295 35.76 17.74 -14.12
C GLY C 295 35.70 17.40 -15.59
N ARG C 296 36.28 16.27 -16.00
CA ARG C 296 36.31 15.87 -17.41
C ARG C 296 34.92 15.46 -17.90
N LEU C 297 34.09 14.91 -17.02
CA LEU C 297 32.75 14.46 -17.40
C LEU C 297 31.71 15.45 -16.91
N LEU C 298 30.79 15.81 -17.79
CA LEU C 298 29.61 16.61 -17.45
C LEU C 298 28.39 15.71 -17.56
N LEU C 299 27.78 15.38 -16.43
CA LEU C 299 26.62 14.51 -16.39
C LEU C 299 25.37 15.37 -16.23
N ALA C 300 24.46 15.28 -17.20
CA ALA C 300 23.28 16.12 -17.25
C ALA C 300 22.04 15.25 -17.23
N GLY C 301 21.15 15.51 -16.28
CA GLY C 301 19.83 14.90 -16.33
C GLY C 301 18.96 15.58 -17.39
N TYR C 302 18.26 14.76 -18.16
CA TYR C 302 17.40 15.22 -19.25
C TYR C 302 15.95 14.82 -18.99
N ASP C 303 15.08 15.20 -19.91
CA ASP C 303 13.67 14.82 -19.86
C ASP C 303 13.34 13.60 -20.71
N ASP C 304 14.29 13.11 -21.52
CA ASP C 304 14.08 11.96 -22.39
C ASP C 304 14.28 10.62 -21.67
N PHE C 305 14.18 10.64 -20.33
CA PHE C 305 14.28 9.51 -19.40
C PHE C 305 15.72 9.01 -19.28
N ASN C 306 16.69 9.80 -19.72
CA ASN C 306 18.08 9.35 -19.84
C ASN C 306 19.04 10.42 -19.35
N CYS C 307 20.13 9.97 -18.73
CA CYS C 307 21.23 10.84 -18.32
C CYS C 307 22.41 10.64 -19.28
N ASN C 308 22.81 11.71 -19.96
CA ASN C 308 23.91 11.66 -20.91
C ASN C 308 25.18 12.20 -20.26
N VAL C 309 26.29 11.49 -20.45
CA VAL C 309 27.57 11.89 -19.91
C VAL C 309 28.32 12.64 -21.01
N TRP C 310 28.53 13.94 -20.79
CA TRP C 310 29.14 14.82 -21.78
C TRP C 310 30.60 15.06 -21.40
N ASP C 311 31.50 14.81 -22.35
CA ASP C 311 32.91 15.15 -22.14
C ASP C 311 33.06 16.66 -22.11
N ALA C 312 33.82 17.15 -21.12
CA ALA C 312 33.98 18.59 -20.89
C ALA C 312 34.67 19.29 -22.07
N LEU C 313 35.63 18.62 -22.70
CA LEU C 313 36.48 19.29 -23.68
C LEU C 313 36.33 18.76 -25.10
N LYS C 314 35.91 17.51 -25.27
CA LYS C 314 35.74 16.95 -26.60
C LYS C 314 34.35 17.16 -27.19
N ALA C 315 33.38 17.61 -26.37
CA ALA C 315 32.00 17.94 -26.78
C ALA C 315 31.28 16.72 -27.37
N ASP C 316 31.47 15.56 -26.75
CA ASP C 316 30.87 14.32 -27.22
C ASP C 316 30.04 13.70 -26.10
N ARG C 317 29.45 12.54 -26.38
CA ARG C 317 28.63 11.81 -25.43
C ARG C 317 29.42 10.60 -24.95
N ALA C 318 30.07 10.76 -23.79
CA ALA C 318 30.89 9.68 -23.22
C ALA C 318 30.04 8.47 -22.84
N GLY C 319 28.84 8.70 -22.32
CA GLY C 319 27.99 7.60 -21.90
C GLY C 319 26.56 8.04 -21.75
N VAL C 320 25.68 7.04 -21.69
CA VAL C 320 24.23 7.25 -21.57
C VAL C 320 23.72 6.37 -20.45
N LEU C 321 23.02 6.97 -19.50
CA LEU C 321 22.40 6.24 -18.40
C LEU C 321 20.92 6.08 -18.70
N ALA C 322 20.40 4.87 -18.53
CA ALA C 322 19.00 4.58 -18.83
C ALA C 322 18.33 3.96 -17.60
N GLY C 323 17.14 3.40 -17.81
CA GLY C 323 16.47 2.66 -16.77
C GLY C 323 15.52 3.45 -15.90
N HIS C 324 15.31 4.73 -16.18
CA HIS C 324 14.38 5.56 -15.43
C HIS C 324 13.06 5.63 -16.21
N ASP C 325 11.97 5.29 -15.54
CA ASP C 325 10.65 5.31 -16.18
C ASP C 325 10.24 6.72 -16.55
N ASN C 326 10.43 7.68 -15.65
CA ASN C 326 10.03 9.05 -15.91
C ASN C 326 11.29 9.92 -15.88
N ARG C 327 11.12 11.21 -16.17
CA ARG C 327 12.23 12.14 -16.33
C ARG C 327 13.07 12.29 -15.06
N VAL C 328 14.39 12.34 -15.26
CA VAL C 328 15.36 12.45 -14.17
C VAL C 328 15.31 13.87 -13.63
N SER C 329 14.76 14.03 -12.43
CA SER C 329 14.64 15.36 -11.83
C SER C 329 15.98 15.91 -11.37
N CYS C 330 16.82 15.07 -10.79
CA CYS C 330 18.01 15.55 -10.09
C CYS C 330 19.19 14.62 -10.34
N LEU C 331 20.39 15.18 -10.14
CA LEU C 331 21.63 14.47 -10.40
C LEU C 331 22.74 15.17 -9.64
N GLY C 332 23.39 14.47 -8.73
CA GLY C 332 24.56 14.99 -8.05
C GLY C 332 25.67 13.97 -8.05
N VAL C 333 26.88 14.43 -8.35
CA VAL C 333 28.07 13.60 -8.29
C VAL C 333 28.73 13.84 -6.94
N THR C 334 29.11 12.75 -6.26
CA THR C 334 29.57 12.79 -4.88
C THR C 334 30.95 13.47 -4.77
N ASP C 335 31.38 13.64 -3.53
CA ASP C 335 32.51 14.51 -3.20
C ASP C 335 33.82 13.94 -3.72
N ASP C 336 34.11 12.68 -3.39
CA ASP C 336 35.32 12.06 -3.92
C ASP C 336 35.18 11.67 -5.39
N GLY C 337 33.96 11.54 -5.89
CA GLY C 337 33.73 11.20 -7.28
C GLY C 337 33.47 9.74 -7.56
N MET C 338 33.25 8.92 -6.52
CA MET C 338 33.08 7.49 -6.71
C MET C 338 31.77 7.18 -7.43
N ALA C 339 30.66 7.75 -6.99
CA ALA C 339 29.36 7.36 -7.48
C ALA C 339 28.58 8.57 -7.98
N VAL C 340 27.54 8.27 -8.75
CA VAL C 340 26.58 9.26 -9.23
C VAL C 340 25.20 8.70 -8.97
N ALA C 341 24.37 9.45 -8.24
CA ALA C 341 23.00 9.05 -7.98
C ALA C 341 22.07 10.00 -8.71
N THR C 342 21.18 9.43 -9.53
CA THR C 342 20.24 10.21 -10.32
C THR C 342 18.84 9.90 -9.84
N GLY C 343 18.08 10.95 -9.54
CA GLY C 343 16.71 10.79 -9.08
C GLY C 343 15.71 11.12 -10.18
N SER C 344 14.65 10.32 -10.25
CA SER C 344 13.66 10.44 -11.29
C SER C 344 12.28 10.51 -10.65
N TRP C 345 11.27 10.76 -11.48
CA TRP C 345 9.91 10.93 -11.00
C TRP C 345 9.18 9.62 -10.76
N ASP C 346 9.84 8.48 -10.92
CA ASP C 346 9.23 7.18 -10.70
C ASP C 346 9.47 6.62 -9.30
N SER C 347 9.93 7.47 -8.37
CA SER C 347 10.22 7.14 -6.96
C SER C 347 11.39 6.16 -6.82
N PHE C 348 12.35 6.20 -7.76
CA PHE C 348 13.55 5.36 -7.68
C PHE C 348 14.79 6.24 -7.75
N LEU C 349 15.67 6.10 -6.76
CA LEU C 349 17.02 6.64 -6.83
C LEU C 349 17.95 5.53 -7.28
N LYS C 350 18.75 5.79 -8.32
CA LYS C 350 19.66 4.80 -8.86
C LYS C 350 21.08 5.35 -8.82
N ILE C 351 21.98 4.57 -8.22
CA ILE C 351 23.37 4.98 -7.99
C ILE C 351 24.24 4.35 -9.08
N TRP C 352 24.95 5.21 -9.82
CA TRP C 352 25.73 4.80 -10.99
C TRP C 352 27.22 4.89 -10.65
N ASN C 353 27.92 3.77 -10.75
CA ASN C 353 29.38 3.77 -10.65
C ASN C 353 29.94 3.03 -11.86
N ILE D 9 12.74 55.66 -14.17
CA ILE D 9 13.97 56.42 -14.31
C ILE D 9 14.90 56.09 -13.15
N ALA D 10 14.34 56.03 -11.94
CA ALA D 10 15.14 55.77 -10.76
C ALA D 10 15.58 54.30 -10.68
N GLN D 11 14.68 53.39 -11.04
CA GLN D 11 15.03 51.97 -11.03
C GLN D 11 15.96 51.62 -12.19
N ALA D 12 15.76 52.25 -13.35
CA ALA D 12 16.67 52.06 -14.47
C ALA D 12 18.06 52.62 -14.19
N ARG D 13 18.14 53.68 -13.38
CA ARG D 13 19.43 54.24 -12.97
C ARG D 13 20.24 53.24 -12.14
N LYS D 14 19.56 52.46 -11.29
CA LYS D 14 20.23 51.41 -10.54
C LYS D 14 20.77 50.31 -11.46
N LEU D 15 20.03 50.01 -12.54
CA LEU D 15 20.48 49.01 -13.50
C LEU D 15 21.74 49.46 -14.24
N VAL D 16 21.82 50.74 -14.59
CA VAL D 16 22.98 51.27 -15.30
C VAL D 16 24.23 51.22 -14.42
N GLU D 17 24.10 51.65 -13.16
CA GLU D 17 25.21 51.63 -12.20
C GLU D 17 25.72 50.22 -11.95
N GLN D 18 24.81 49.25 -11.89
CA GLN D 18 25.20 47.85 -11.78
C GLN D 18 25.90 47.37 -13.04
N LEU D 19 25.40 47.79 -14.21
CA LEU D 19 25.99 47.39 -15.49
C LEU D 19 27.38 48.01 -15.71
N LYS D 20 27.64 49.17 -15.11
CA LYS D 20 28.96 49.79 -15.19
C LYS D 20 30.04 48.92 -14.54
N MET D 21 29.74 48.35 -13.36
CA MET D 21 30.69 47.49 -12.66
C MET D 21 31.01 46.22 -13.45
N GLU D 22 30.04 45.70 -14.20
CA GLU D 22 30.26 44.49 -14.98
C GLU D 22 31.19 44.75 -16.15
N ALA D 23 31.09 45.93 -16.77
CA ALA D 23 32.02 46.32 -17.83
C ALA D 23 33.45 46.42 -17.32
N ASN D 24 33.65 47.09 -16.18
CA ASN D 24 34.99 47.33 -15.64
C ASN D 24 35.46 46.10 -14.85
N ILE D 25 35.78 45.04 -15.58
CA ILE D 25 36.40 43.85 -15.00
C ILE D 25 37.48 43.34 -15.95
N ASP D 26 38.61 42.92 -15.38
CA ASP D 26 39.66 42.31 -16.16
C ASP D 26 39.23 40.93 -16.69
N ARG D 27 39.79 40.55 -17.84
CA ARG D 27 39.43 39.31 -18.50
C ARG D 27 40.69 38.67 -19.08
N ILE D 28 40.77 37.34 -19.02
CA ILE D 28 41.91 36.59 -19.53
C ILE D 28 41.54 35.97 -20.86
N LYS D 29 42.56 35.76 -21.69
CA LYS D 29 42.43 35.10 -22.99
C LYS D 29 41.75 33.74 -22.88
N VAL D 30 40.84 33.48 -23.82
CA VAL D 30 40.14 32.20 -23.95
C VAL D 30 41.11 31.03 -24.01
N SER D 31 42.19 31.16 -24.80
CA SER D 31 43.18 30.09 -24.88
C SER D 31 43.93 29.91 -23.57
N LYS D 32 44.15 31.00 -22.82
CA LYS D 32 44.68 30.87 -21.46
C LYS D 32 43.66 30.22 -20.54
N ALA D 33 42.39 30.64 -20.64
CA ALA D 33 41.28 29.97 -19.97
C ALA D 33 41.17 28.51 -20.38
N ALA D 34 41.40 28.21 -21.67
CA ALA D 34 41.43 26.83 -22.14
C ALA D 34 42.53 26.01 -21.47
N ALA D 35 43.70 26.63 -21.25
CA ALA D 35 44.83 25.94 -20.62
C ALA D 35 44.50 25.54 -19.19
N ASP D 36 43.80 26.40 -18.44
CA ASP D 36 43.43 26.11 -17.06
C ASP D 36 42.50 24.90 -16.96
N LEU D 37 41.52 24.80 -17.85
CA LEU D 37 40.62 23.65 -17.87
C LEU D 37 41.37 22.36 -18.22
N MET D 38 42.28 22.43 -19.20
CA MET D 38 43.03 21.25 -19.61
C MET D 38 44.00 20.80 -18.52
N ALA D 39 44.64 21.75 -17.84
CA ALA D 39 45.62 21.41 -16.81
C ALA D 39 44.96 20.75 -15.60
N TYR D 40 43.84 21.30 -15.14
CA TYR D 40 43.13 20.77 -13.98
C TYR D 40 42.59 19.36 -14.24
N CYS D 41 42.00 19.15 -15.42
CA CYS D 41 41.42 17.85 -15.74
C CYS D 41 42.48 16.76 -15.90
N GLU D 42 43.61 17.08 -16.54
CA GLU D 42 44.66 16.09 -16.73
C GLU D 42 45.38 15.74 -15.43
N ALA D 43 45.52 16.70 -14.52
CA ALA D 43 46.12 16.43 -13.21
C ALA D 43 45.26 15.49 -12.39
N HIS D 44 43.94 15.68 -12.41
CA HIS D 44 43.01 14.90 -11.61
C HIS D 44 42.39 13.74 -12.38
N ALA D 45 42.92 13.42 -13.57
CA ALA D 45 42.34 12.39 -14.42
C ALA D 45 42.39 11.01 -13.78
N LYS D 46 43.56 10.62 -13.27
CA LYS D 46 43.70 9.31 -12.64
C LYS D 46 43.00 9.26 -11.29
N GLU D 47 42.84 10.41 -10.63
CA GLU D 47 42.14 10.45 -9.35
C GLU D 47 40.65 10.22 -9.49
N ASP D 48 40.07 10.63 -10.63
CA ASP D 48 38.64 10.52 -10.90
C ASP D 48 38.19 9.07 -10.99
N PRO D 49 37.29 8.60 -10.12
CA PRO D 49 36.80 7.21 -10.24
C PRO D 49 35.90 6.98 -11.44
N LEU D 50 35.34 8.03 -12.02
CA LEU D 50 34.42 7.85 -13.14
C LEU D 50 35.15 7.66 -14.47
N LEU D 51 36.29 8.32 -14.65
CA LEU D 51 37.09 8.13 -15.87
C LEU D 51 37.75 6.76 -15.88
N THR D 52 38.44 6.40 -14.79
CA THR D 52 39.10 5.12 -14.66
C THR D 52 38.33 4.27 -13.66
N PRO D 53 37.72 3.17 -14.09
CA PRO D 53 36.95 2.32 -13.16
C PRO D 53 37.82 1.71 -12.06
N VAL D 54 37.37 1.89 -10.82
CA VAL D 54 38.04 1.41 -9.62
C VAL D 54 37.91 -0.11 -9.59
N PRO D 55 38.93 -0.84 -9.12
CA PRO D 55 38.75 -2.27 -8.85
C PRO D 55 37.65 -2.52 -7.83
N ALA D 56 36.97 -3.66 -8.00
CA ALA D 56 35.76 -3.99 -7.25
C ALA D 56 36.01 -4.12 -5.75
N SER D 57 37.21 -4.56 -5.34
CA SER D 57 37.54 -4.63 -3.92
C SER D 57 37.62 -3.24 -3.31
N GLU D 58 38.30 -2.31 -3.99
CA GLU D 58 38.38 -0.94 -3.50
C GLU D 58 37.07 -0.19 -3.69
N ASN D 59 36.32 -0.54 -4.74
CA ASN D 59 34.98 0.01 -4.98
C ASN D 59 34.06 -0.31 -3.81
N PRO D 60 33.50 0.70 -3.12
CA PRO D 60 32.57 0.40 -2.02
C PRO D 60 31.24 -0.18 -2.47
N PHE D 61 30.84 0.04 -3.71
CA PHE D 61 29.62 -0.53 -4.26
C PHE D 61 29.96 -1.86 -4.93
N ARG D 62 29.31 -2.93 -4.47
CA ARG D 62 29.61 -4.27 -4.95
C ARG D 62 28.30 -5.03 -5.16
N GLU D 63 28.40 -6.11 -5.94
CA GLU D 63 27.25 -6.96 -6.23
C GLU D 63 26.75 -7.69 -4.99
N VAL E 2 16.14 14.49 28.31
CA VAL E 2 16.51 13.09 28.29
C VAL E 2 16.84 12.62 29.70
N GLN E 3 16.03 11.69 30.21
CA GLN E 3 16.20 11.17 31.56
C GLN E 3 15.64 9.77 31.64
N LEU E 4 16.38 8.89 32.32
CA LEU E 4 15.95 7.51 32.58
C LEU E 4 16.08 7.24 34.06
N VAL E 5 14.97 6.88 34.70
CA VAL E 5 14.93 6.56 36.12
C VAL E 5 14.30 5.17 36.28
N GLU E 6 14.96 4.34 37.08
CA GLU E 6 14.51 2.96 37.29
C GLU E 6 13.80 2.83 38.63
N SER E 7 12.87 1.88 38.69
CA SER E 7 12.12 1.61 39.91
C SER E 7 11.82 0.12 39.99
N GLY E 8 11.76 -0.40 41.22
CA GLY E 8 11.43 -1.79 41.42
C GLY E 8 12.48 -2.55 42.23
N GLY E 9 13.39 -1.84 42.88
CA GLY E 9 14.47 -2.45 43.61
C GLY E 9 14.06 -3.00 44.97
N GLY E 10 15.01 -3.00 45.90
CA GLY E 10 14.79 -3.53 47.22
C GLY E 10 15.27 -4.96 47.36
N LEU E 11 15.03 -5.51 48.55
CA LEU E 11 15.43 -6.87 48.85
C LEU E 11 14.45 -7.85 48.23
N VAL E 12 14.97 -8.86 47.53
CA VAL E 12 14.17 -9.86 46.85
C VAL E 12 14.61 -11.23 47.35
N GLN E 13 13.65 -12.07 47.69
CA GLN E 13 13.94 -13.43 48.12
C GLN E 13 14.42 -14.26 46.92
N PRO E 14 15.39 -15.17 47.11
CA PRO E 14 15.90 -15.95 45.97
C PRO E 14 14.86 -16.94 45.46
N GLY E 15 14.77 -17.02 44.13
CA GLY E 15 13.70 -17.75 43.48
C GLY E 15 12.39 -16.98 43.34
N GLY E 16 12.31 -15.77 43.89
CA GLY E 16 11.15 -14.94 43.74
C GLY E 16 11.07 -14.27 42.37
N SER E 17 10.05 -13.44 42.21
CA SER E 17 9.82 -12.71 40.96
C SER E 17 9.71 -11.22 41.24
N ARG E 18 10.30 -10.42 40.37
CA ARG E 18 10.28 -8.98 40.49
C ARG E 18 10.24 -8.38 39.09
N LYS E 19 9.45 -7.32 38.90
CA LYS E 19 9.26 -6.71 37.60
C LYS E 19 9.74 -5.26 37.67
N LEU E 20 10.84 -4.97 36.97
CA LEU E 20 11.37 -3.62 36.93
C LEU E 20 10.67 -2.79 35.85
N SER E 21 10.66 -1.47 36.07
CA SER E 21 10.11 -0.53 35.10
C SER E 21 11.00 0.71 35.09
N CYS E 22 11.39 1.14 33.90
CA CYS E 22 12.13 2.38 33.71
C CYS E 22 11.31 3.32 32.83
N SER E 23 11.03 4.50 33.34
CA SER E 23 10.22 5.49 32.63
C SER E 23 11.15 6.44 31.87
N ALA E 24 10.83 6.68 30.60
CA ALA E 24 11.63 7.54 29.75
C ALA E 24 10.95 8.88 29.55
N SER E 25 11.75 9.95 29.60
CA SER E 25 11.25 11.29 29.44
C SER E 25 12.23 12.10 28.59
N GLY E 26 11.68 12.96 27.72
CA GLY E 26 12.48 13.90 26.98
C GLY E 26 13.18 13.35 25.75
N PHE E 27 12.76 12.17 25.26
CA PHE E 27 13.25 11.66 23.98
C PHE E 27 12.26 10.64 23.46
N ALA E 28 12.30 10.44 22.13
CA ALA E 28 11.39 9.52 21.46
C ALA E 28 11.75 8.07 21.77
N PHE E 29 11.06 7.49 22.76
CA PHE E 29 11.35 6.15 23.26
C PHE E 29 11.21 5.08 22.19
N SER E 30 10.26 5.24 21.26
CA SER E 30 9.93 4.19 20.31
C SER E 30 11.02 3.97 19.26
N SER E 31 11.96 4.89 19.10
CA SER E 31 12.98 4.79 18.06
C SER E 31 14.32 4.29 18.57
N PHE E 32 14.51 4.18 19.88
CA PHE E 32 15.74 3.68 20.46
C PHE E 32 15.61 2.22 20.83
N GLY E 33 16.68 1.45 20.61
CA GLY E 33 16.80 0.16 21.23
C GLY E 33 17.22 0.30 22.69
N MET E 34 16.79 -0.66 23.51
CA MET E 34 16.95 -0.56 24.95
C MET E 34 17.74 -1.72 25.50
N HIS E 35 18.75 -1.41 26.31
CA HIS E 35 19.65 -2.38 26.92
C HIS E 35 19.44 -2.43 28.42
N TRP E 36 19.72 -3.60 29.01
CA TRP E 36 19.94 -3.74 30.44
C TRP E 36 21.39 -4.11 30.68
N VAL E 37 22.04 -3.39 31.59
CA VAL E 37 23.44 -3.64 31.97
C VAL E 37 23.50 -3.70 33.49
N ARG E 38 24.15 -4.72 34.03
CA ARG E 38 24.27 -4.89 35.47
C ARG E 38 25.70 -4.66 35.95
N GLN E 39 25.81 -4.27 37.22
CA GLN E 39 27.09 -4.00 37.86
C GLN E 39 27.08 -4.59 39.26
N ALA E 40 27.92 -5.60 39.48
CA ALA E 40 28.14 -6.12 40.82
C ALA E 40 28.78 -5.04 41.71
N PRO E 41 28.54 -5.09 43.03
CA PRO E 41 29.09 -4.05 43.92
C PRO E 41 30.61 -3.98 43.98
N GLU E 42 31.32 -5.10 43.78
CA GLU E 42 32.78 -5.07 43.76
C GLU E 42 33.34 -5.68 42.49
N LYS E 43 32.59 -5.64 41.39
CA LYS E 43 33.05 -6.11 40.09
C LYS E 43 32.58 -5.15 39.01
N GLY E 44 33.05 -5.37 37.79
CA GLY E 44 32.77 -4.49 36.67
C GLY E 44 31.36 -4.65 36.12
N LEU E 45 31.13 -3.98 35.00
CA LEU E 45 29.85 -4.04 34.33
C LEU E 45 29.62 -5.38 33.66
N GLU E 46 28.36 -5.64 33.31
CA GLU E 46 27.98 -6.89 32.65
C GLU E 46 26.65 -6.68 31.95
N TRP E 47 26.56 -7.13 30.70
CA TRP E 47 25.36 -6.94 29.90
C TRP E 47 24.31 -7.99 30.24
N VAL E 48 23.04 -7.60 30.19
CA VAL E 48 21.93 -8.49 30.54
C VAL E 48 21.07 -8.80 29.32
N ALA E 49 20.43 -7.80 28.73
CA ALA E 49 19.44 -8.05 27.70
C ALA E 49 19.32 -6.84 26.79
N TYR E 50 18.68 -7.06 25.64
CA TYR E 50 18.42 -6.00 24.66
C TYR E 50 17.11 -6.28 23.95
N ILE E 51 16.28 -5.24 23.82
CA ILE E 51 15.13 -5.26 22.94
C ILE E 51 15.29 -4.12 21.95
N SER E 52 15.03 -4.40 20.68
CA SER E 52 15.17 -3.38 19.65
C SER E 52 13.94 -2.47 19.62
N SER E 53 14.04 -1.40 18.85
CA SER E 53 12.88 -0.57 18.55
C SER E 53 11.84 -1.39 17.80
N GLY E 54 10.59 -1.29 18.25
CA GLY E 54 9.52 -2.07 17.64
C GLY E 54 9.49 -3.53 18.03
N SER E 55 10.33 -3.95 18.98
CA SER E 55 10.38 -5.31 19.54
C SER E 55 10.69 -6.35 18.47
N GLY E 56 11.48 -5.98 17.47
CA GLY E 56 11.75 -6.89 16.36
C GLY E 56 12.73 -7.99 16.66
N THR E 57 13.74 -7.71 17.49
CA THR E 57 14.69 -8.74 17.90
C THR E 57 14.99 -8.58 19.39
N ILE E 58 15.28 -9.71 20.03
CA ILE E 58 15.58 -9.77 21.45
C ILE E 58 16.82 -10.63 21.64
N TYR E 59 17.81 -10.12 22.37
CA TYR E 59 19.03 -10.87 22.67
C TYR E 59 19.25 -10.96 24.18
N TYR E 60 19.84 -12.07 24.61
CA TYR E 60 20.23 -12.28 26.00
C TYR E 60 21.66 -12.80 26.03
N ALA E 61 22.28 -12.67 27.20
CA ALA E 61 23.52 -13.38 27.48
C ALA E 61 23.22 -14.82 27.84
N ASP E 62 24.22 -15.70 27.63
CA ASP E 62 24.05 -17.13 27.89
C ASP E 62 23.79 -17.44 29.36
N THR E 63 24.33 -16.63 30.26
CA THR E 63 24.16 -16.86 31.70
C THR E 63 22.88 -16.27 32.26
N VAL E 64 22.10 -15.57 31.45
CA VAL E 64 20.84 -14.96 31.90
C VAL E 64 19.70 -15.42 31.00
N LYS E 65 20.00 -16.37 30.12
CA LYS E 65 19.02 -16.86 29.15
C LYS E 65 17.88 -17.60 29.84
N GLY E 66 16.66 -17.27 29.46
CA GLY E 66 15.47 -17.97 29.95
C GLY E 66 14.82 -17.42 31.19
N ARG E 67 15.61 -17.13 32.22
CA ARG E 67 15.05 -16.64 33.49
C ARG E 67 14.53 -15.22 33.34
N PHE E 68 15.24 -14.37 32.59
CA PHE E 68 14.90 -12.97 32.44
C PHE E 68 14.03 -12.76 31.22
N THR E 69 13.05 -11.87 31.33
CA THR E 69 12.17 -11.50 30.24
C THR E 69 12.19 -9.98 30.07
N ILE E 70 12.45 -9.52 28.86
CA ILE E 70 12.48 -8.10 28.53
C ILE E 70 11.32 -7.78 27.60
N SER E 71 10.62 -6.68 27.90
CA SER E 71 9.54 -6.18 27.06
C SER E 71 9.58 -4.67 27.08
N ARG E 72 8.85 -4.05 26.15
CA ARG E 72 8.78 -2.60 26.11
C ARG E 72 7.39 -2.18 25.66
N ASP E 73 6.95 -1.02 26.15
CA ASP E 73 5.68 -0.44 25.74
C ASP E 73 5.94 0.96 25.19
N ASP E 74 5.70 1.12 23.90
CA ASP E 74 5.90 2.39 23.19
C ASP E 74 4.87 3.49 23.50
N PRO E 75 3.54 3.24 23.62
CA PRO E 75 2.65 4.35 24.00
C PRO E 75 2.87 4.91 25.41
N LYS E 76 3.36 4.11 26.35
CA LYS E 76 3.57 4.58 27.71
C LYS E 76 5.03 4.92 28.00
N ASN E 77 5.94 4.60 27.08
CA ASN E 77 7.37 4.95 27.14
C ASN E 77 8.05 4.35 28.37
N THR E 78 7.80 3.08 28.62
CA THR E 78 8.33 2.38 29.78
C THR E 78 8.95 1.06 29.37
N LEU E 79 10.17 0.80 29.86
CA LEU E 79 10.87 -0.45 29.60
C LEU E 79 10.66 -1.41 30.77
N PHE E 80 10.11 -2.58 30.48
CA PHE E 80 9.77 -3.55 31.51
C PHE E 80 10.74 -4.73 31.46
N LEU E 81 11.36 -5.03 32.59
CA LEU E 81 12.16 -6.25 32.76
C LEU E 81 11.44 -7.17 33.72
N GLN E 82 11.06 -8.36 33.24
CA GLN E 82 10.42 -9.38 34.06
C GLN E 82 11.46 -10.42 34.46
N MET E 83 11.54 -10.71 35.75
CA MET E 83 12.57 -11.57 36.31
C MET E 83 11.93 -12.76 37.00
N THR E 84 12.38 -13.96 36.64
CA THR E 84 11.87 -15.20 37.20
C THR E 84 13.03 -15.99 37.78
N SER E 85 12.89 -16.43 39.04
CA SER E 85 13.83 -17.31 39.74
C SER E 85 15.21 -16.68 39.87
N LEU E 86 15.25 -15.55 40.59
CA LEU E 86 16.50 -14.83 40.78
C LEU E 86 17.44 -15.59 41.70
N ARG E 87 18.70 -15.71 41.28
CA ARG E 87 19.72 -16.45 42.01
C ARG E 87 20.63 -15.48 42.76
N SER E 88 21.56 -16.04 43.53
CA SER E 88 22.44 -15.26 44.39
C SER E 88 23.49 -14.45 43.63
N GLU E 89 23.67 -14.69 42.33
CA GLU E 89 24.62 -13.95 41.52
C GLU E 89 24.00 -12.72 40.87
N ASP E 90 22.71 -12.48 41.05
CA ASP E 90 22.02 -11.36 40.43
C ASP E 90 21.96 -10.12 41.31
N THR E 91 22.71 -10.09 42.40
CA THR E 91 22.77 -8.93 43.28
C THR E 91 23.59 -7.81 42.63
N ALA E 92 22.96 -7.10 41.70
CA ALA E 92 23.63 -6.07 40.93
C ALA E 92 22.68 -4.91 40.68
N MET E 93 23.28 -3.75 40.42
CA MET E 93 22.52 -2.56 40.05
C MET E 93 22.24 -2.57 38.55
N TYR E 94 20.98 -2.50 38.17
CA TYR E 94 20.57 -2.69 36.79
C TYR E 94 20.32 -1.33 36.14
N TYR E 95 20.99 -1.08 35.00
CA TYR E 95 20.88 0.18 34.29
C TYR E 95 20.06 0.02 33.01
N CYS E 96 19.35 1.09 32.65
CA CYS E 96 18.66 1.18 31.37
C CYS E 96 19.47 2.07 30.42
N VAL E 97 19.62 1.62 29.17
CA VAL E 97 20.45 2.30 28.19
C VAL E 97 19.64 2.50 26.92
N ARG E 98 19.69 3.70 26.34
CA ARG E 98 19.12 3.93 25.02
C ARG E 98 20.22 3.82 23.97
N SER E 99 19.87 3.19 22.85
CA SER E 99 20.82 2.96 21.76
C SER E 99 20.10 3.04 20.42
N ILE E 100 20.41 4.08 19.63
CA ILE E 100 19.96 4.17 18.25
C ILE E 100 21.05 3.60 17.36
N TYR E 101 20.64 2.95 16.26
CA TYR E 101 21.58 2.31 15.36
C TYR E 101 21.33 2.76 13.92
N TYR E 102 22.30 3.51 13.39
CA TYR E 102 22.36 3.88 11.98
C TYR E 102 23.81 4.27 11.69
N TYR E 103 24.10 4.56 10.42
CA TYR E 103 25.45 4.96 10.03
C TYR E 103 25.76 6.33 10.62
N GLY E 104 26.72 6.38 11.54
CA GLY E 104 27.08 7.61 12.21
C GLY E 104 26.37 7.82 13.53
N SER E 105 25.55 6.86 13.95
CA SER E 105 24.85 6.97 15.22
C SER E 105 25.82 6.79 16.38
N SER E 106 25.40 7.27 17.56
CA SER E 106 26.15 7.12 18.80
C SER E 106 25.29 6.33 19.78
N PRO E 107 25.28 5.01 19.70
CA PRO E 107 24.53 4.21 20.67
C PRO E 107 25.26 4.17 22.00
N PHE E 108 24.53 3.72 23.03
CA PHE E 108 24.97 3.69 24.43
C PHE E 108 25.32 5.08 24.95
N ASP E 109 24.65 6.11 24.42
CA ASP E 109 25.03 7.48 24.73
C ASP E 109 24.47 7.97 26.07
N PHE E 110 23.25 7.57 26.41
CA PHE E 110 22.65 7.96 27.68
C PHE E 110 22.31 6.71 28.49
N TRP E 111 22.78 6.70 29.73
CA TRP E 111 22.60 5.62 30.68
C TRP E 111 21.64 6.05 31.78
N GLY E 112 20.90 5.08 32.33
CA GLY E 112 19.99 5.35 33.41
C GLY E 112 20.71 5.53 34.74
N GLN E 113 19.90 5.64 35.80
CA GLN E 113 20.45 5.89 37.13
C GLN E 113 20.80 4.61 37.87
N GLY E 114 20.06 3.53 37.63
CA GLY E 114 20.37 2.27 38.28
C GLY E 114 19.52 1.97 39.48
N THR E 115 18.98 0.75 39.54
CA THR E 115 18.16 0.29 40.66
C THR E 115 18.90 -0.80 41.42
N THR E 116 19.17 -0.54 42.70
CA THR E 116 19.86 -1.50 43.54
C THR E 116 18.98 -2.72 43.79
N LEU E 117 19.54 -3.91 43.56
CA LEU E 117 18.84 -5.17 43.79
C LEU E 117 19.72 -6.06 44.66
N THR E 118 19.21 -6.41 45.85
CA THR E 118 19.92 -7.28 46.78
C THR E 118 19.13 -8.56 46.97
N VAL E 119 19.81 -9.70 46.78
CA VAL E 119 19.25 -11.02 47.08
C VAL E 119 20.02 -11.62 48.23
N SER E 120 19.30 -12.10 49.24
CA SER E 120 19.88 -12.69 50.45
C SER E 120 19.63 -14.19 50.44
N ALA E 121 20.71 -14.97 50.40
CA ALA E 121 20.60 -16.43 50.37
C ALA E 121 20.42 -17.00 51.76
N ASP E 138 32.37 -16.49 22.18
CA ASP E 138 32.12 -15.34 23.04
C ASP E 138 33.39 -14.52 23.24
N ILE E 139 33.36 -13.27 22.76
CA ILE E 139 34.51 -12.40 22.84
C ILE E 139 34.74 -11.97 24.29
N VAL E 140 35.99 -12.00 24.74
CA VAL E 140 36.35 -11.70 26.12
C VAL E 140 37.30 -10.52 26.11
N MET E 141 36.91 -9.43 26.76
CA MET E 141 37.71 -8.22 26.81
C MET E 141 38.60 -8.28 28.04
N THR E 142 39.89 -7.96 27.86
CA THR E 142 40.90 -8.11 28.90
C THR E 142 41.49 -6.76 29.25
N GLN E 143 41.63 -6.51 30.55
CA GLN E 143 42.25 -5.31 31.08
C GLN E 143 43.64 -5.66 31.61
N ALA E 144 44.66 -4.98 31.09
CA ALA E 144 46.03 -5.23 31.50
C ALA E 144 46.26 -4.84 32.96
N THR E 145 45.81 -3.64 33.34
CA THR E 145 46.02 -3.11 34.68
C THR E 145 44.69 -2.85 35.37
N SER E 146 44.61 -3.25 36.64
CA SER E 146 43.42 -2.94 37.44
C SER E 146 43.38 -1.47 37.84
N SER E 147 44.50 -0.93 38.32
CA SER E 147 44.52 0.44 38.82
C SER E 147 45.92 1.01 38.70
N VAL E 148 46.03 2.15 38.04
CA VAL E 148 47.27 2.92 37.95
C VAL E 148 47.07 4.24 38.69
N PRO E 149 47.93 4.60 39.65
CA PRO E 149 47.83 5.93 40.25
C PRO E 149 48.33 7.00 39.30
N VAL E 150 47.63 8.14 39.29
CA VAL E 150 47.89 9.22 38.34
C VAL E 150 47.81 10.57 39.05
N THR E 151 48.36 11.57 38.40
CA THR E 151 48.39 12.96 38.84
C THR E 151 47.81 13.84 37.74
N PRO E 152 47.11 14.93 38.10
CA PRO E 152 46.58 15.84 37.08
C PRO E 152 47.69 16.51 36.28
N GLY E 153 47.59 16.41 34.96
CA GLY E 153 48.54 17.05 34.05
C GLY E 153 49.45 16.11 33.30
N GLU E 154 49.32 14.79 33.47
CA GLU E 154 50.11 13.82 32.75
C GLU E 154 49.22 12.98 31.85
N SER E 155 49.77 12.55 30.72
CA SER E 155 49.05 11.66 29.82
C SER E 155 48.79 10.31 30.48
N VAL E 156 47.58 9.80 30.30
CA VAL E 156 47.15 8.53 30.87
C VAL E 156 46.90 7.56 29.73
N SER E 157 47.73 6.51 29.64
CA SER E 157 47.55 5.46 28.66
C SER E 157 46.73 4.33 29.26
N ILE E 158 45.56 4.06 28.70
CA ILE E 158 44.69 2.98 29.13
C ILE E 158 44.54 2.01 27.96
N SER E 159 44.78 0.72 28.22
CA SER E 159 44.78 -0.28 27.16
C SER E 159 43.84 -1.41 27.51
N CYS E 160 42.98 -1.78 26.57
CA CYS E 160 42.11 -2.93 26.65
C CYS E 160 42.40 -3.84 25.47
N ARG E 161 42.40 -5.16 25.71
CA ARG E 161 42.64 -6.14 24.66
C ARG E 161 41.44 -7.06 24.53
N SER E 162 41.32 -7.67 23.36
CA SER E 162 40.15 -8.45 22.99
C SER E 162 40.56 -9.88 22.66
N SER E 163 39.60 -10.79 22.81
CA SER E 163 39.81 -12.19 22.45
C SER E 163 39.58 -12.45 20.97
N LYS E 164 39.13 -11.45 20.22
CA LYS E 164 38.81 -11.61 18.80
C LYS E 164 39.06 -10.27 18.12
N SER E 165 39.50 -10.32 16.86
CA SER E 165 39.71 -9.12 16.08
C SER E 165 38.37 -8.46 15.78
N LEU E 166 38.17 -7.26 16.29
CA LEU E 166 36.91 -6.54 16.18
C LEU E 166 36.79 -5.75 14.89
N LEU E 167 37.84 -5.71 14.07
CA LEU E 167 37.82 -5.01 12.79
C LEU E 167 36.90 -5.74 11.82
N HIS E 168 35.71 -5.19 11.61
CA HIS E 168 34.76 -5.75 10.67
C HIS E 168 35.16 -5.34 9.24
N SER E 169 34.58 -6.02 8.25
CA SER E 169 34.97 -5.82 6.86
C SER E 169 34.52 -4.48 6.31
N ASN E 170 33.52 -3.83 6.92
CA ASN E 170 33.09 -2.51 6.50
C ASN E 170 33.97 -1.39 7.05
N GLY E 171 35.00 -1.72 7.83
CA GLY E 171 35.90 -0.74 8.38
C GLY E 171 35.52 -0.19 9.73
N ASN E 172 34.44 -0.68 10.33
CA ASN E 172 33.96 -0.19 11.62
C ASN E 172 34.37 -1.17 12.72
N THR E 173 35.22 -0.71 13.63
CA THR E 173 35.64 -1.50 14.78
C THR E 173 34.79 -1.09 15.98
N TYR E 174 34.03 -2.04 16.53
CA TYR E 174 32.97 -1.72 17.49
C TYR E 174 33.48 -1.85 18.92
N LEU E 175 34.24 -0.83 19.36
CA LEU E 175 34.68 -0.72 20.74
C LEU E 175 34.12 0.55 21.36
N TYR E 176 33.62 0.43 22.60
CA TYR E 176 33.02 1.55 23.32
C TYR E 176 33.78 1.75 24.62
N TRP E 177 34.19 3.00 24.86
CA TRP E 177 34.91 3.38 26.07
C TRP E 177 33.93 4.09 27.00
N PHE E 178 33.64 3.49 28.14
CA PHE E 178 32.75 4.07 29.13
C PHE E 178 33.52 4.51 30.35
N LEU E 179 33.16 5.67 30.90
CA LEU E 179 33.70 6.17 32.16
C LEU E 179 32.59 6.18 33.21
N GLN E 180 32.84 5.51 34.32
CA GLN E 180 31.91 5.49 35.46
C GLN E 180 32.58 6.18 36.64
N ARG E 181 32.19 7.43 36.90
CA ARG E 181 32.65 8.12 38.08
C ARG E 181 32.01 7.50 39.32
N PRO E 182 32.73 7.49 40.46
CA PRO E 182 32.19 6.86 41.67
C PRO E 182 30.94 7.57 42.19
N GLY E 183 29.89 6.79 42.39
CA GLY E 183 28.59 7.33 42.76
C GLY E 183 27.82 7.96 41.63
N GLN E 184 28.22 7.74 40.38
CA GLN E 184 27.51 8.26 39.22
C GLN E 184 27.34 7.16 38.17
N SER E 185 26.41 7.40 37.26
CA SER E 185 26.17 6.48 36.17
C SER E 185 27.34 6.48 35.18
N PRO E 186 27.62 5.34 34.55
CA PRO E 186 28.67 5.32 33.52
C PRO E 186 28.22 6.07 32.27
N GLN E 187 29.15 6.83 31.69
CA GLN E 187 28.85 7.64 30.51
C GLN E 187 29.72 7.20 29.35
N LEU E 188 29.15 7.31 28.15
CA LEU E 188 29.91 7.05 26.94
C LEU E 188 30.95 8.14 26.71
N LEU E 189 32.17 7.71 26.35
CA LEU E 189 33.22 8.65 25.96
C LEU E 189 33.50 8.56 24.46
N ILE E 190 33.89 7.38 23.98
CA ILE E 190 34.25 7.17 22.59
C ILE E 190 33.42 6.01 22.06
N TYR E 191 32.78 6.22 20.91
CA TYR E 191 31.99 5.18 20.27
C TYR E 191 32.67 4.77 18.96
N ARG E 192 32.79 3.45 18.77
CA ARG E 192 33.42 2.81 17.60
C ARG E 192 34.90 3.18 17.48
N MET E 193 35.55 3.38 18.64
CA MET E 193 36.97 3.51 18.95
C MET E 193 37.65 4.76 18.37
N SER E 194 36.94 5.54 17.55
CA SER E 194 37.54 6.72 16.95
C SER E 194 36.72 7.99 17.07
N ASN E 195 35.45 7.89 17.47
CA ASN E 195 34.53 9.02 17.42
C ASN E 195 34.14 9.43 18.83
N LEU E 196 34.28 10.73 19.12
CA LEU E 196 33.92 11.25 20.43
C LEU E 196 32.42 11.44 20.54
N ALA E 197 31.86 11.00 21.66
CA ALA E 197 30.43 11.18 21.92
C ALA E 197 30.12 12.65 22.20
N SER E 198 28.84 12.99 22.04
CA SER E 198 28.37 14.36 22.25
C SER E 198 28.52 14.76 23.72
N GLY E 199 29.33 15.78 23.97
CA GLY E 199 29.60 16.25 25.32
C GLY E 199 30.94 15.82 25.88
N VAL E 200 31.71 15.04 25.13
CA VAL E 200 33.01 14.54 25.58
C VAL E 200 34.07 15.52 25.13
N PRO E 201 35.02 15.89 26.00
CA PRO E 201 36.10 16.79 25.58
C PRO E 201 37.02 16.17 24.53
N ASP E 202 37.76 17.05 23.85
CA ASP E 202 38.70 16.65 22.79
C ASP E 202 39.90 15.89 23.35
N ARG E 203 40.15 15.99 24.66
CA ARG E 203 41.33 15.38 25.28
C ARG E 203 41.31 13.85 25.17
N PHE E 204 40.13 13.25 25.34
CA PHE E 204 39.99 11.82 25.12
C PHE E 204 40.22 11.48 23.65
N SER E 205 40.93 10.39 23.40
CA SER E 205 41.21 9.96 22.04
C SER E 205 41.49 8.46 22.03
N GLY E 206 40.82 7.74 21.12
CA GLY E 206 40.96 6.29 21.01
C GLY E 206 41.66 5.91 19.72
N SER E 207 42.45 4.85 19.77
CA SER E 207 43.17 4.35 18.61
C SER E 207 43.37 2.86 18.78
N GLY E 208 43.97 2.24 17.76
CA GLY E 208 44.33 0.84 17.80
C GLY E 208 43.74 0.07 16.63
N SER E 209 43.78 -1.25 16.77
CA SER E 209 43.23 -2.16 15.78
C SER E 209 42.63 -3.34 16.53
N GLY E 210 42.36 -4.42 15.79
CA GLY E 210 41.91 -5.65 16.43
C GLY E 210 42.95 -6.17 17.42
N THR E 211 42.44 -6.63 18.59
CA THR E 211 43.13 -7.33 19.67
C THR E 211 44.04 -6.39 20.48
N ALA E 212 44.21 -5.15 20.04
CA ALA E 212 45.08 -4.19 20.71
C ALA E 212 44.47 -2.80 20.59
N PHE E 213 44.01 -2.26 21.72
CA PHE E 213 43.37 -0.94 21.74
C PHE E 213 44.07 -0.05 22.76
N THR E 214 43.93 1.26 22.57
CA THR E 214 44.55 2.25 23.43
C THR E 214 43.58 3.39 23.70
N LEU E 215 43.51 3.82 24.95
CA LEU E 215 42.78 5.03 25.35
C LEU E 215 43.77 6.02 25.93
N THR E 216 43.68 7.28 25.48
CA THR E 216 44.60 8.32 25.92
C THR E 216 43.83 9.54 26.39
N ILE E 217 44.39 10.20 27.41
CA ILE E 217 43.88 11.47 27.93
C ILE E 217 45.02 12.47 27.86
N SER E 218 44.81 13.56 27.11
CA SER E 218 45.87 14.54 26.87
C SER E 218 46.24 15.29 28.15
N ARG E 219 45.25 15.93 28.79
CA ARG E 219 45.46 16.81 29.95
C ARG E 219 44.47 16.36 31.02
N LEU E 220 44.93 15.47 31.90
CA LEU E 220 44.07 14.85 32.91
C LEU E 220 43.50 15.88 33.88
N GLU E 221 42.21 15.70 34.21
CA GLU E 221 41.47 16.58 35.09
C GLU E 221 40.99 15.75 36.28
N ALA E 222 40.57 16.44 37.35
CA ALA E 222 40.06 15.74 38.53
C ALA E 222 38.73 15.04 38.25
N GLU E 223 37.91 15.61 37.36
CA GLU E 223 36.62 15.01 37.03
C GLU E 223 36.76 13.80 36.10
N ASP E 224 37.91 13.64 35.44
CA ASP E 224 38.15 12.48 34.59
C ASP E 224 38.38 11.22 35.39
N VAL E 225 38.66 11.34 36.70
CA VAL E 225 38.90 10.19 37.57
C VAL E 225 37.66 9.29 37.64
N GLY E 226 37.87 7.99 37.51
CA GLY E 226 36.78 7.05 37.55
C GLY E 226 37.23 5.68 37.05
N VAL E 227 36.25 4.87 36.64
CA VAL E 227 36.50 3.52 36.15
C VAL E 227 36.25 3.50 34.65
N TYR E 228 37.24 3.05 33.89
CA TYR E 228 37.21 3.06 32.43
C TYR E 228 36.94 1.65 31.91
N TYR E 229 35.81 1.47 31.23
CA TYR E 229 35.38 0.18 30.71
C TYR E 229 35.58 0.11 29.20
N CYS E 230 35.85 -1.10 28.70
CA CYS E 230 35.86 -1.40 27.28
C CYS E 230 34.78 -2.43 26.96
N MET E 231 34.03 -2.19 25.89
CA MET E 231 32.94 -3.06 25.49
C MET E 231 33.01 -3.33 23.99
N GLN E 232 33.11 -4.59 23.61
CA GLN E 232 32.96 -4.99 22.21
C GLN E 232 31.48 -4.97 21.81
N HIS E 233 31.23 -4.71 20.52
CA HIS E 233 29.88 -4.79 19.97
C HIS E 233 29.92 -5.46 18.60
N LEU E 234 30.77 -6.48 18.44
CA LEU E 234 30.85 -7.18 17.17
C LEU E 234 29.74 -8.22 17.05
N GLU E 235 29.59 -9.07 18.05
CA GLU E 235 28.51 -10.05 18.09
C GLU E 235 27.99 -10.16 19.51
N TYR E 236 26.75 -10.62 19.63
CA TYR E 236 26.14 -10.84 20.93
C TYR E 236 26.64 -12.15 21.53
N PRO E 237 26.67 -12.27 22.87
CA PRO E 237 26.41 -11.31 23.94
C PRO E 237 27.51 -10.26 24.12
N LEU E 238 27.10 -9.06 24.55
CA LEU E 238 28.05 -7.99 24.80
C LEU E 238 28.82 -8.27 26.09
N THR E 239 30.13 -8.02 26.06
CA THR E 239 31.00 -8.29 27.19
C THR E 239 31.81 -7.05 27.52
N PHE E 240 31.69 -6.60 28.77
CA PHE E 240 32.45 -5.47 29.29
C PHE E 240 33.82 -5.93 29.80
N GLY E 241 34.75 -4.99 29.87
CA GLY E 241 36.01 -5.25 30.51
C GLY E 241 35.89 -5.27 32.02
N ALA E 242 36.99 -5.65 32.67
CA ALA E 242 37.07 -5.57 34.12
C ALA E 242 37.08 -4.13 34.62
N GLY E 243 37.58 -3.21 33.81
CA GLY E 243 37.68 -1.81 34.14
C GLY E 243 39.07 -1.43 34.63
N THR E 244 39.39 -0.15 34.47
CA THR E 244 40.64 0.42 34.97
C THR E 244 40.30 1.63 35.83
N LYS E 245 40.86 1.67 37.04
CA LYS E 245 40.56 2.70 38.01
C LYS E 245 41.73 3.66 38.14
N LEU E 246 41.44 4.96 38.12
CA LEU E 246 42.43 5.98 38.36
C LEU E 246 42.25 6.55 39.76
N GLU E 247 43.36 6.83 40.44
CA GLU E 247 43.35 7.46 41.75
C GLU E 247 44.37 8.59 41.76
N LEU E 248 44.14 9.55 42.66
CA LEU E 248 45.00 10.72 42.75
C LEU E 248 45.91 10.64 43.98
N SER F 65 -38.65 2.03 27.68
CA SER F 65 -37.56 2.17 28.64
C SER F 65 -37.43 0.92 29.50
N MET F 66 -38.43 0.67 30.34
CA MET F 66 -38.45 -0.47 31.25
C MET F 66 -39.39 -1.57 30.79
N ILE F 67 -40.59 -1.21 30.29
CA ILE F 67 -41.53 -2.20 29.78
C ILE F 67 -40.98 -2.87 28.52
N THR F 68 -40.26 -2.11 27.69
CA THR F 68 -39.58 -2.67 26.52
C THR F 68 -38.50 -3.66 26.93
N ALA F 69 -37.73 -3.33 27.98
CA ALA F 69 -36.68 -4.22 28.47
C ALA F 69 -37.25 -5.52 29.03
N ILE F 70 -38.37 -5.45 29.76
CA ILE F 70 -38.97 -6.65 30.32
C ILE F 70 -39.61 -7.49 29.22
N THR F 71 -40.04 -6.86 28.13
CA THR F 71 -40.64 -7.60 27.02
C THR F 71 -39.60 -8.40 26.25
N ILE F 72 -38.45 -7.79 25.95
CA ILE F 72 -37.42 -8.47 25.17
C ILE F 72 -36.74 -9.55 25.99
N MET F 73 -36.46 -9.28 27.27
CA MET F 73 -35.78 -10.26 28.12
C MET F 73 -36.66 -11.48 28.39
N ALA F 74 -37.97 -11.28 28.56
CA ALA F 74 -38.88 -12.41 28.67
C ALA F 74 -38.99 -13.19 27.37
N LEU F 75 -38.97 -12.48 26.23
CA LEU F 75 -38.99 -13.10 24.91
C LEU F 75 -37.82 -14.07 24.73
N TYR F 76 -36.62 -13.64 25.12
CA TYR F 76 -35.48 -14.56 25.15
C TYR F 76 -35.68 -15.66 26.18
N SER F 77 -36.24 -15.32 27.35
CA SER F 77 -36.40 -16.28 28.44
C SER F 77 -37.37 -17.40 28.09
N ILE F 78 -38.51 -17.07 27.46
CA ILE F 78 -39.47 -18.08 27.03
C ILE F 78 -38.84 -19.02 26.01
N VAL F 79 -38.13 -18.44 25.03
CA VAL F 79 -37.43 -19.24 24.02
C VAL F 79 -36.33 -20.09 24.66
N CYS F 80 -35.64 -19.56 25.67
CA CYS F 80 -34.53 -20.30 26.28
C CYS F 80 -35.04 -21.46 27.15
N VAL F 81 -36.05 -21.20 27.98
CA VAL F 81 -36.54 -22.24 28.90
C VAL F 81 -37.21 -23.37 28.14
N VAL F 82 -38.10 -23.03 27.20
CA VAL F 82 -38.77 -24.05 26.39
C VAL F 82 -37.79 -24.73 25.45
N GLY F 83 -36.76 -24.01 25.00
CA GLY F 83 -35.77 -24.59 24.11
C GLY F 83 -34.86 -25.59 24.81
N LEU F 84 -34.36 -25.23 26.00
CA LEU F 84 -33.53 -26.15 26.76
C LEU F 84 -34.33 -27.34 27.29
N PHE F 85 -35.61 -27.13 27.61
CA PHE F 85 -36.46 -28.23 28.08
C PHE F 85 -36.68 -29.26 26.98
N GLY F 86 -37.18 -28.81 25.82
CA GLY F 86 -37.47 -29.71 24.72
C GLY F 86 -36.26 -30.45 24.17
N ASN F 87 -35.14 -29.75 24.00
CA ASN F 87 -33.95 -30.34 23.37
C ASN F 87 -33.33 -31.42 24.25
N PHE F 88 -33.15 -31.13 25.53
CA PHE F 88 -32.57 -32.12 26.44
C PHE F 88 -33.53 -33.28 26.73
N LEU F 89 -34.85 -33.05 26.60
CA LEU F 89 -35.79 -34.14 26.79
C LEU F 89 -35.73 -35.15 25.65
N VAL F 90 -35.37 -34.69 24.45
CA VAL F 90 -35.28 -35.61 23.31
C VAL F 90 -33.97 -36.39 23.35
N MET F 91 -32.88 -35.74 23.76
CA MET F 91 -31.62 -36.45 23.99
C MET F 91 -31.70 -37.40 25.19
N TYR F 92 -32.65 -37.21 26.09
CA TYR F 92 -32.82 -38.14 27.20
C TYR F 92 -33.54 -39.40 26.76
N VAL F 93 -34.68 -39.25 26.06
CA VAL F 93 -35.49 -40.39 25.63
C VAL F 93 -34.73 -41.28 24.66
N ILE F 94 -33.93 -40.69 23.77
CA ILE F 94 -33.19 -41.47 22.78
C ILE F 94 -32.08 -42.29 23.45
N VAL F 95 -31.30 -41.65 24.33
CA VAL F 95 -30.16 -42.35 24.94
C VAL F 95 -30.64 -43.40 25.95
N ARG F 96 -31.69 -43.09 26.72
CA ARG F 96 -32.19 -44.03 27.71
C ARG F 96 -32.90 -45.22 27.06
N TYR F 97 -33.80 -44.95 26.12
CA TYR F 97 -34.69 -45.99 25.59
C TYR F 97 -34.27 -46.48 24.20
N THR F 98 -34.18 -45.56 23.23
CA THR F 98 -33.84 -45.93 21.86
C THR F 98 -32.41 -46.47 21.77
N LYS F 99 -31.46 -45.78 22.41
CA LYS F 99 -30.02 -46.11 22.44
C LYS F 99 -29.40 -46.06 21.04
N MET F 100 -29.96 -45.19 20.18
CA MET F 100 -29.48 -44.90 18.83
C MET F 100 -29.24 -46.16 17.99
N LYS F 101 -30.21 -47.06 18.02
CA LYS F 101 -30.17 -48.29 17.24
C LYS F 101 -30.77 -48.13 15.85
N THR F 102 -31.36 -46.97 15.56
CA THR F 102 -32.09 -46.73 14.34
C THR F 102 -31.46 -45.54 13.62
N ALA F 103 -31.41 -45.60 12.29
CA ALA F 103 -30.75 -44.57 11.49
C ALA F 103 -31.41 -43.20 11.64
N THR F 104 -32.75 -43.16 11.59
CA THR F 104 -33.50 -41.91 11.69
C THR F 104 -33.30 -41.24 13.05
N ASN F 105 -33.33 -42.02 14.12
CA ASN F 105 -33.16 -41.50 15.48
C ASN F 105 -31.79 -40.89 15.71
N ILE F 106 -30.77 -41.34 14.97
CA ILE F 106 -29.44 -40.73 15.04
C ILE F 106 -29.49 -39.28 14.57
N TYR F 107 -30.23 -39.03 13.48
CA TYR F 107 -30.38 -37.65 12.97
C TYR F 107 -31.12 -36.76 13.95
N ILE F 108 -32.14 -37.31 14.62
CA ILE F 108 -32.92 -36.54 15.59
C ILE F 108 -32.07 -36.20 16.81
N PHE F 109 -31.19 -37.11 17.22
CA PHE F 109 -30.25 -36.85 18.31
C PHE F 109 -29.27 -35.73 17.95
N ASN F 110 -28.71 -35.78 16.74
CA ASN F 110 -27.84 -34.70 16.27
C ASN F 110 -28.61 -33.39 16.08
N LEU F 111 -29.91 -33.47 15.76
CA LEU F 111 -30.72 -32.27 15.67
C LEU F 111 -30.95 -31.64 17.03
N ALA F 112 -31.29 -32.47 18.03
CA ALA F 112 -31.52 -31.98 19.38
C ALA F 112 -30.24 -31.45 20.02
N LEU F 113 -29.10 -32.08 19.70
CA LEU F 113 -27.82 -31.64 20.25
C LEU F 113 -27.42 -30.27 19.68
N ALA F 114 -27.58 -30.09 18.37
CA ALA F 114 -27.25 -28.81 17.73
C ALA F 114 -28.17 -27.69 18.21
N ASP F 115 -29.46 -28.01 18.41
CA ASP F 115 -30.40 -27.00 18.88
C ASP F 115 -30.14 -26.61 20.33
N ALA F 116 -29.75 -27.58 21.17
CA ALA F 116 -29.49 -27.30 22.58
C ALA F 116 -28.27 -26.40 22.77
N LEU F 117 -27.22 -26.62 21.98
CA LEU F 117 -26.06 -25.75 22.02
C LEU F 117 -26.39 -24.34 21.56
N ALA F 118 -27.19 -24.22 20.50
CA ALA F 118 -27.65 -22.91 20.04
C ALA F 118 -28.54 -22.24 21.09
N THR F 119 -29.39 -23.02 21.76
CA THR F 119 -30.22 -22.49 22.84
C THR F 119 -29.38 -22.04 24.04
N SER F 120 -28.24 -22.71 24.26
CA SER F 120 -27.31 -22.34 25.34
C SER F 120 -26.73 -20.94 25.14
N THR F 121 -26.63 -20.48 23.89
CA THR F 121 -26.13 -19.14 23.60
C THR F 121 -27.09 -18.04 24.08
N LEU F 122 -28.39 -18.37 24.20
CA LEU F 122 -29.40 -17.38 24.55
C LEU F 122 -29.25 -16.65 25.90
N PRO F 123 -28.87 -17.30 27.02
CA PRO F 123 -28.62 -16.49 28.23
C PRO F 123 -27.47 -15.51 28.08
N PHE F 124 -26.42 -15.88 27.35
CA PHE F 124 -25.31 -14.96 27.09
C PHE F 124 -25.78 -13.77 26.26
N GLN F 125 -26.62 -14.01 25.24
CA GLN F 125 -27.19 -12.93 24.45
C GLN F 125 -28.13 -12.06 25.29
N SER F 126 -28.89 -12.69 26.18
CA SER F 126 -29.80 -11.97 27.09
C SER F 126 -29.05 -10.95 27.95
N VAL F 127 -28.01 -11.41 28.66
CA VAL F 127 -27.14 -10.54 29.46
C VAL F 127 -26.55 -9.40 28.63
N ASN F 128 -26.17 -9.70 27.37
CA ASN F 128 -25.54 -8.71 26.49
C ASN F 128 -26.48 -7.54 26.20
N TYR F 129 -27.75 -7.82 25.90
CA TYR F 129 -28.71 -6.73 25.65
C TYR F 129 -29.08 -6.00 26.93
N LEU F 130 -29.35 -6.74 28.02
CA LEU F 130 -29.81 -6.16 29.27
C LEU F 130 -28.79 -5.21 29.87
N MET F 131 -27.56 -5.69 30.09
CA MET F 131 -26.51 -4.82 30.61
C MET F 131 -26.07 -3.79 29.58
N GLY F 132 -26.19 -4.10 28.30
CA GLY F 132 -25.68 -3.22 27.26
C GLY F 132 -24.21 -3.39 26.96
N THR F 133 -23.54 -4.34 27.61
CA THR F 133 -22.13 -4.62 27.39
C THR F 133 -21.92 -6.12 27.58
N TRP F 134 -20.74 -6.59 27.16
CA TRP F 134 -20.36 -7.98 27.30
C TRP F 134 -19.41 -8.15 28.49
N PRO F 135 -19.88 -8.65 29.63
CA PRO F 135 -19.01 -8.78 30.81
C PRO F 135 -18.24 -10.10 30.88
N PHE F 136 -18.47 -11.01 29.94
CA PHE F 136 -17.95 -12.37 30.05
C PHE F 136 -16.47 -12.48 29.68
N GLY F 137 -15.90 -11.47 29.02
CA GLY F 137 -14.50 -11.48 28.68
C GLY F 137 -14.23 -12.01 27.28
N THR F 138 -12.99 -11.81 26.84
CA THR F 138 -12.60 -12.05 25.45
C THR F 138 -12.60 -13.54 25.10
N ILE F 139 -12.06 -14.37 25.99
CA ILE F 139 -11.90 -15.80 25.70
C ILE F 139 -13.26 -16.51 25.63
N LEU F 140 -14.25 -16.05 26.40
CA LEU F 140 -15.57 -16.66 26.32
C LEU F 140 -16.36 -16.09 25.15
N CYS F 141 -16.17 -14.80 24.85
CA CYS F 141 -16.72 -14.17 23.63
C CYS F 141 -16.34 -14.95 22.37
N LYS F 142 -15.11 -15.44 22.30
CA LYS F 142 -14.69 -16.29 21.19
C LYS F 142 -15.49 -17.59 21.16
N ILE F 143 -15.79 -18.15 22.33
CA ILE F 143 -16.50 -19.42 22.41
C ILE F 143 -17.98 -19.24 22.11
N VAL F 144 -18.61 -18.21 22.71
CA VAL F 144 -20.06 -18.05 22.64
C VAL F 144 -20.52 -17.68 21.23
N ILE F 145 -19.76 -16.81 20.54
CA ILE F 145 -20.07 -16.48 19.15
C ILE F 145 -19.88 -17.70 18.25
N SER F 146 -18.82 -18.49 18.51
CA SER F 146 -18.56 -19.70 17.72
C SER F 146 -19.69 -20.71 17.86
N ILE F 147 -20.15 -20.97 19.10
CA ILE F 147 -21.27 -21.88 19.34
C ILE F 147 -22.55 -21.39 18.67
N ASP F 148 -22.72 -20.06 18.58
CA ASP F 148 -23.89 -19.48 17.93
C ASP F 148 -23.92 -19.78 16.42
N TYR F 149 -22.84 -19.45 15.71
CA TYR F 149 -22.81 -19.61 14.26
C TYR F 149 -22.68 -21.07 13.84
N TYR F 150 -21.77 -21.82 14.48
CA TYR F 150 -21.49 -23.21 14.11
C TYR F 150 -22.72 -24.10 14.29
N ASN F 151 -23.38 -24.01 15.44
CA ASN F 151 -24.54 -24.84 15.70
C ASN F 151 -25.80 -24.35 14.97
N MET F 152 -25.81 -23.12 14.48
CA MET F 152 -26.85 -22.70 13.56
C MET F 152 -26.77 -23.47 12.25
N PHE F 153 -25.58 -23.48 11.64
CA PHE F 153 -25.36 -24.25 10.41
C PHE F 153 -25.50 -25.74 10.63
N THR F 154 -25.11 -26.23 11.81
CA THR F 154 -25.23 -27.66 12.11
C THR F 154 -26.68 -28.09 12.21
N SER F 155 -27.52 -27.29 12.89
CA SER F 155 -28.95 -27.58 13.01
C SER F 155 -29.63 -27.56 11.65
N ILE F 156 -29.37 -26.52 10.85
CA ILE F 156 -30.05 -26.35 9.57
C ILE F 156 -29.60 -27.43 8.57
N PHE F 157 -28.31 -27.80 8.59
CA PHE F 157 -27.84 -28.89 7.73
C PHE F 157 -28.43 -30.23 8.15
N THR F 158 -28.72 -30.39 9.45
CA THR F 158 -29.44 -31.58 9.89
C THR F 158 -30.88 -31.58 9.40
N LEU F 159 -31.49 -30.39 9.31
CA LEU F 159 -32.81 -30.26 8.69
C LEU F 159 -32.76 -30.62 7.21
N CYS F 160 -31.70 -30.19 6.53
CA CYS F 160 -31.49 -30.56 5.13
C CYS F 160 -31.26 -32.06 4.98
N THR F 161 -30.50 -32.66 5.90
CA THR F 161 -30.15 -34.07 5.78
C THR F 161 -31.37 -34.96 6.02
N MET F 162 -32.21 -34.60 6.99
CA MET F 162 -33.46 -35.34 7.20
C MET F 162 -34.43 -35.13 6.05
N SER F 163 -34.35 -33.98 5.37
CA SER F 163 -35.08 -33.80 4.12
C SER F 163 -34.55 -34.71 3.03
N VAL F 164 -33.23 -34.86 2.95
CA VAL F 164 -32.61 -35.80 2.02
C VAL F 164 -32.92 -37.25 2.44
N ASP F 165 -32.96 -37.50 3.75
CA ASP F 165 -33.28 -38.82 4.27
C ASP F 165 -34.71 -39.24 3.90
N ARG F 166 -35.68 -38.37 4.16
CA ARG F 166 -37.07 -38.70 3.86
C ARG F 166 -37.36 -38.71 2.36
N TYR F 167 -36.56 -38.00 1.56
CA TYR F 167 -36.71 -38.06 0.11
C TYR F 167 -36.27 -39.41 -0.44
N ILE F 168 -35.08 -39.87 -0.04
CA ILE F 168 -34.56 -41.16 -0.51
C ILE F 168 -35.39 -42.32 0.02
N ALA F 169 -35.96 -42.17 1.23
CA ALA F 169 -36.79 -43.21 1.84
C ALA F 169 -38.01 -43.53 0.99
N VAL F 170 -38.65 -42.52 0.41
CA VAL F 170 -39.87 -42.71 -0.37
C VAL F 170 -39.58 -42.85 -1.85
N CYS F 171 -38.87 -41.88 -2.43
CA CYS F 171 -38.76 -41.81 -3.89
C CYS F 171 -37.79 -42.85 -4.45
N HIS F 172 -36.71 -43.15 -3.72
CA HIS F 172 -35.70 -44.11 -4.18
C HIS F 172 -35.55 -45.25 -3.18
N PRO F 173 -36.52 -46.17 -3.12
CA PRO F 173 -36.56 -47.14 -2.00
C PRO F 173 -35.46 -48.19 -2.05
N VAL F 174 -35.00 -48.58 -3.24
CA VAL F 174 -33.98 -49.62 -3.36
C VAL F 174 -32.64 -49.09 -2.87
N LYS F 175 -32.26 -47.89 -3.34
CA LYS F 175 -31.04 -47.24 -2.87
C LYS F 175 -31.16 -46.73 -1.44
N ALA F 176 -32.39 -46.57 -0.94
CA ALA F 176 -32.59 -46.22 0.48
C ALA F 176 -32.08 -47.30 1.41
N LEU F 177 -32.12 -48.57 0.97
CA LEU F 177 -31.55 -49.66 1.75
C LEU F 177 -30.06 -49.46 1.99
N ASP F 178 -29.33 -48.99 0.97
CA ASP F 178 -27.94 -48.59 1.17
C ASP F 178 -27.86 -47.33 2.03
N PHE F 179 -28.80 -46.40 1.84
CA PHE F 179 -28.72 -45.09 2.48
C PHE F 179 -29.15 -45.16 3.94
N ARG F 180 -30.32 -45.73 4.22
CA ARG F 180 -30.89 -45.73 5.57
C ARG F 180 -30.33 -46.90 6.39
N THR F 181 -29.05 -46.76 6.76
CA THR F 181 -28.42 -47.67 7.68
C THR F 181 -27.83 -46.85 8.83
N PRO F 182 -27.76 -47.43 10.04
CA PRO F 182 -27.09 -46.73 11.15
C PRO F 182 -25.62 -46.42 10.90
N ARG F 183 -24.95 -47.18 10.04
CA ARG F 183 -23.55 -46.88 9.71
C ARG F 183 -23.45 -45.65 8.83
N ASN F 184 -24.35 -45.51 7.85
CA ASN F 184 -24.29 -44.37 6.93
C ASN F 184 -24.77 -43.10 7.61
N ALA F 185 -25.76 -43.21 8.51
CA ALA F 185 -26.29 -42.06 9.23
C ALA F 185 -25.23 -41.40 10.10
N LYS F 186 -24.33 -42.20 10.68
CA LYS F 186 -23.23 -41.65 11.48
C LYS F 186 -22.21 -40.92 10.61
N ILE F 187 -21.99 -41.39 9.38
CA ILE F 187 -20.99 -40.78 8.51
C ILE F 187 -21.46 -39.42 8.01
N ILE F 188 -22.72 -39.34 7.56
CA ILE F 188 -23.26 -38.12 6.99
C ILE F 188 -23.43 -37.04 8.06
N ASN F 189 -23.81 -37.46 9.29
CA ASN F 189 -23.92 -36.51 10.40
C ASN F 189 -22.57 -35.90 10.77
N VAL F 190 -21.50 -36.72 10.83
CA VAL F 190 -20.17 -36.21 11.10
C VAL F 190 -19.72 -35.23 10.00
N CYS F 191 -20.10 -35.52 8.75
CA CYS F 191 -19.83 -34.60 7.64
C CYS F 191 -20.56 -33.27 7.81
N ASN F 192 -21.78 -33.30 8.39
CA ASN F 192 -22.51 -32.06 8.66
C ASN F 192 -21.78 -31.19 9.68
N TRP F 193 -21.26 -31.80 10.74
CA TRP F 193 -20.45 -31.04 11.71
C TRP F 193 -19.14 -30.57 11.09
N ILE F 194 -18.58 -31.34 10.14
CA ILE F 194 -17.36 -30.93 9.45
C ILE F 194 -17.64 -29.78 8.48
N LEU F 195 -18.77 -29.84 7.76
CA LEU F 195 -19.11 -28.75 6.84
C LEU F 195 -19.40 -27.45 7.60
N SER F 196 -20.03 -27.56 8.77
CA SER F 196 -20.23 -26.37 9.60
C SER F 196 -18.92 -25.86 10.19
N SER F 197 -17.93 -26.75 10.38
CA SER F 197 -16.62 -26.34 10.86
C SER F 197 -15.90 -25.42 9.88
N ALA F 198 -16.20 -25.55 8.58
CA ALA F 198 -15.65 -24.65 7.56
C ALA F 198 -15.99 -23.18 7.82
N ILE F 199 -17.15 -22.91 8.42
CA ILE F 199 -17.45 -21.56 8.89
C ILE F 199 -17.32 -21.46 10.42
N GLY F 200 -17.39 -22.59 11.14
CA GLY F 200 -17.26 -22.56 12.59
C GLY F 200 -15.90 -22.12 13.06
N LEU F 201 -14.83 -22.67 12.48
CA LEU F 201 -13.47 -22.29 12.87
C LEU F 201 -13.09 -20.84 12.58
N PRO F 202 -13.39 -20.25 11.39
CA PRO F 202 -13.07 -18.80 11.24
C PRO F 202 -13.84 -17.88 12.17
N VAL F 203 -15.08 -18.24 12.55
CA VAL F 203 -15.83 -17.45 13.52
C VAL F 203 -15.14 -17.45 14.89
N MET F 204 -14.53 -18.59 15.25
CA MET F 204 -13.72 -18.67 16.48
C MET F 204 -12.55 -17.69 16.46
N PHE F 205 -11.86 -17.55 15.33
CA PHE F 205 -10.73 -16.63 15.25
C PHE F 205 -11.20 -15.17 15.22
N MET F 206 -12.12 -14.84 14.30
CA MET F 206 -12.49 -13.45 14.04
C MET F 206 -13.19 -12.77 15.21
N ALA F 207 -13.85 -13.55 16.08
CA ALA F 207 -14.58 -12.97 17.20
C ALA F 207 -13.62 -12.40 18.23
N THR F 208 -13.75 -11.10 18.50
CA THR F 208 -12.99 -10.41 19.55
C THR F 208 -13.90 -9.41 20.23
N THR F 209 -13.39 -8.79 21.28
CA THR F 209 -14.10 -7.75 22.02
C THR F 209 -13.58 -6.38 21.64
N LYS F 210 -14.50 -5.48 21.27
CA LYS F 210 -14.16 -4.13 20.86
C LYS F 210 -14.82 -3.13 21.81
N TYR F 211 -14.02 -2.19 22.31
CA TYR F 211 -14.52 -1.16 23.22
C TYR F 211 -15.22 -0.07 22.41
N ARG F 212 -16.52 0.07 22.61
CA ARG F 212 -17.32 1.12 21.98
C ARG F 212 -18.04 1.90 23.06
N GLN F 213 -17.66 3.18 23.23
CA GLN F 213 -18.23 4.11 24.20
C GLN F 213 -18.09 3.57 25.63
N GLY F 214 -16.94 2.95 25.90
CA GLY F 214 -16.70 2.31 27.18
C GLY F 214 -17.48 1.05 27.44
N SER F 215 -18.18 0.51 26.44
CA SER F 215 -18.94 -0.72 26.56
C SER F 215 -18.30 -1.80 25.71
N ILE F 216 -17.98 -2.93 26.32
CA ILE F 216 -17.43 -4.07 25.60
C ILE F 216 -18.49 -4.62 24.65
N ASP F 217 -18.10 -4.88 23.40
CA ASP F 217 -19.01 -5.40 22.38
C ASP F 217 -18.42 -6.70 21.85
N CYS F 218 -19.25 -7.75 21.88
CA CYS F 218 -18.83 -9.10 21.52
C CYS F 218 -19.31 -9.33 20.08
N THR F 219 -18.40 -9.20 19.12
CA THR F 219 -18.77 -9.22 17.72
C THR F 219 -17.61 -9.70 16.87
N LEU F 220 -17.92 -10.05 15.62
CA LEU F 220 -16.94 -10.53 14.66
C LEU F 220 -16.21 -9.36 14.02
N THR F 221 -14.93 -9.21 14.33
CA THR F 221 -14.09 -8.22 13.66
C THR F 221 -13.41 -8.85 12.45
N PHE F 222 -13.40 -8.11 11.34
CA PHE F 222 -12.92 -8.61 10.06
C PHE F 222 -11.63 -7.92 9.66
N SER F 223 -10.83 -8.62 8.86
CA SER F 223 -9.61 -8.05 8.32
C SER F 223 -9.93 -7.00 7.26
N HIS F 224 -8.98 -6.10 7.04
CA HIS F 224 -9.15 -5.05 6.04
C HIS F 224 -9.17 -5.65 4.64
N PRO F 225 -10.11 -5.25 3.77
CA PRO F 225 -11.22 -4.29 3.98
C PRO F 225 -12.38 -4.85 4.81
N THR F 226 -12.77 -4.07 5.82
CA THR F 226 -13.80 -4.50 6.76
C THR F 226 -15.16 -4.63 6.07
N TRP F 227 -15.48 -3.69 5.19
CA TRP F 227 -16.78 -3.67 4.52
C TRP F 227 -16.97 -4.86 3.58
N TYR F 228 -15.88 -5.33 2.96
CA TYR F 228 -15.99 -6.43 2.00
C TYR F 228 -16.24 -7.76 2.69
N TRP F 229 -15.42 -8.09 3.68
CA TRP F 229 -15.52 -9.40 4.34
C TRP F 229 -16.75 -9.51 5.24
N GLU F 230 -17.19 -8.40 5.84
CA GLU F 230 -18.37 -8.44 6.69
C GLU F 230 -19.64 -8.74 5.89
N ASN F 231 -19.81 -8.07 4.75
CA ASN F 231 -20.95 -8.36 3.90
C ASN F 231 -20.83 -9.71 3.21
N LEU F 232 -19.60 -10.16 2.92
CA LEU F 232 -19.40 -11.46 2.29
C LEU F 232 -19.83 -12.60 3.21
N LEU F 233 -19.60 -12.46 4.51
CA LEU F 233 -20.09 -13.45 5.46
C LEU F 233 -21.61 -13.43 5.54
N LYS F 234 -22.21 -12.23 5.45
CA LYS F 234 -23.67 -12.10 5.49
C LYS F 234 -24.33 -12.77 4.29
N ILE F 235 -23.68 -12.72 3.13
CA ILE F 235 -24.21 -13.39 1.95
C ILE F 235 -24.14 -14.90 2.11
N CYS F 236 -23.03 -15.41 2.65
CA CYS F 236 -22.85 -16.85 2.85
C CYS F 236 -23.86 -17.40 3.86
N VAL F 237 -24.11 -16.67 4.95
CA VAL F 237 -25.15 -17.04 5.90
C VAL F 237 -26.53 -17.00 5.23
N PHE F 238 -26.74 -15.99 4.37
CA PHE F 238 -27.99 -15.91 3.60
C PHE F 238 -28.13 -17.08 2.63
N ILE F 239 -27.07 -17.38 1.88
CA ILE F 239 -27.16 -18.46 0.89
C ILE F 239 -27.16 -19.83 1.56
N PHE F 240 -26.12 -20.13 2.35
CA PHE F 240 -25.90 -21.49 2.81
C PHE F 240 -26.82 -21.90 3.95
N ALA F 241 -27.33 -20.95 4.74
CA ALA F 241 -28.26 -21.30 5.81
C ALA F 241 -29.71 -20.96 5.52
N PHE F 242 -30.01 -20.16 4.48
CA PHE F 242 -31.40 -19.92 4.12
C PHE F 242 -31.72 -20.29 2.68
N ILE F 243 -30.99 -19.78 1.69
CA ILE F 243 -31.39 -19.93 0.29
C ILE F 243 -31.22 -21.37 -0.18
N MET F 244 -30.03 -21.93 -0.01
CA MET F 244 -29.81 -23.34 -0.34
C MET F 244 -30.63 -24.32 0.52
N PRO F 245 -30.81 -24.14 1.85
CA PRO F 245 -31.72 -25.06 2.56
C PRO F 245 -33.17 -25.00 2.14
N VAL F 246 -33.70 -23.82 1.79
CA VAL F 246 -35.08 -23.75 1.28
C VAL F 246 -35.20 -24.51 -0.04
N LEU F 247 -34.17 -24.45 -0.89
CA LEU F 247 -34.13 -25.28 -2.09
C LEU F 247 -34.08 -26.77 -1.74
N ILE F 248 -33.31 -27.14 -0.72
CA ILE F 248 -33.25 -28.54 -0.30
C ILE F 248 -34.59 -28.99 0.29
N ILE F 249 -35.15 -28.20 1.22
CA ILE F 249 -36.34 -28.63 1.95
C ILE F 249 -37.58 -28.65 1.07
N THR F 250 -37.83 -27.57 0.32
CA THR F 250 -39.06 -27.47 -0.47
C THR F 250 -39.11 -28.50 -1.60
N VAL F 251 -38.02 -28.66 -2.34
CA VAL F 251 -38.02 -29.56 -3.50
C VAL F 251 -38.10 -31.02 -3.04
N CYS F 252 -37.26 -31.41 -2.07
CA CYS F 252 -37.20 -32.81 -1.65
C CYS F 252 -38.49 -33.26 -0.96
N TYR F 253 -39.04 -32.43 -0.07
CA TYR F 253 -40.34 -32.74 0.50
C TYR F 253 -41.46 -32.59 -0.52
N GLY F 254 -41.34 -31.64 -1.46
CA GLY F 254 -42.35 -31.47 -2.48
C GLY F 254 -42.46 -32.65 -3.42
N LEU F 255 -41.32 -33.15 -3.88
CA LEU F 255 -41.31 -34.36 -4.70
C LEU F 255 -41.71 -35.59 -3.89
N MET F 256 -41.49 -35.56 -2.57
CA MET F 256 -41.90 -36.65 -1.70
C MET F 256 -43.43 -36.79 -1.65
N ILE F 257 -44.14 -35.67 -1.56
CA ILE F 257 -45.60 -35.69 -1.53
C ILE F 257 -46.17 -36.19 -2.85
N LEU F 258 -45.53 -35.82 -3.96
CA LEU F 258 -45.96 -36.29 -5.28
C LEU F 258 -45.83 -37.80 -5.41
N ARG F 259 -44.74 -38.37 -4.89
CA ARG F 259 -44.57 -39.82 -4.92
C ARG F 259 -45.56 -40.52 -4.00
N LEU F 260 -45.86 -39.92 -2.84
CA LEU F 260 -46.80 -40.53 -1.89
C LEU F 260 -48.22 -40.61 -2.44
N LYS F 261 -48.63 -39.59 -3.22
CA LYS F 261 -49.91 -39.64 -3.89
C LYS F 261 -49.96 -40.76 -4.93
N SER F 262 -48.82 -41.05 -5.58
CA SER F 262 -48.75 -42.16 -6.53
C SER F 262 -48.84 -43.50 -5.83
N VAL F 263 -48.28 -43.62 -4.62
CA VAL F 263 -48.33 -44.85 -3.86
C VAL F 263 -49.77 -45.21 -3.52
N ARG F 264 -50.15 -46.45 -3.83
CA ARG F 264 -51.52 -46.91 -3.67
C ARG F 264 -51.85 -47.37 -2.25
N MET F 265 -50.89 -47.37 -1.33
CA MET F 265 -51.21 -47.69 0.06
C MET F 265 -51.96 -46.54 0.72
N LEU F 266 -51.48 -45.32 0.53
CA LEU F 266 -52.13 -44.16 1.11
C LEU F 266 -53.40 -43.79 0.34
N SER F 267 -53.45 -44.09 -0.96
CA SER F 267 -54.68 -43.97 -1.70
C SER F 267 -55.63 -45.11 -1.36
N GLY F 268 -56.91 -44.91 -1.69
CA GLY F 268 -57.91 -45.96 -1.50
C GLY F 268 -59.04 -45.61 -0.56
N SER F 269 -59.14 -46.34 0.55
CA SER F 269 -60.18 -46.10 1.54
C SER F 269 -59.96 -44.77 2.25
N LYS F 270 -61.04 -44.26 2.86
CA LYS F 270 -61.01 -42.99 3.57
C LYS F 270 -60.03 -43.00 4.75
N GLU F 271 -59.96 -44.12 5.47
CA GLU F 271 -59.00 -44.24 6.57
C GLU F 271 -57.57 -44.18 6.07
N LYS F 272 -57.27 -44.88 4.98
CA LYS F 272 -55.95 -44.81 4.37
C LYS F 272 -55.71 -43.42 3.77
N ASP F 273 -56.74 -42.82 3.16
CA ASP F 273 -56.61 -41.47 2.61
C ASP F 273 -56.34 -40.43 3.70
N ARG F 274 -56.96 -40.60 4.87
CA ARG F 274 -56.74 -39.68 5.98
C ARG F 274 -55.30 -39.70 6.46
N ASN F 275 -54.66 -40.87 6.42
CA ASN F 275 -53.25 -40.97 6.80
C ASN F 275 -52.36 -40.24 5.80
N LEU F 276 -52.74 -40.23 4.51
CA LEU F 276 -52.05 -39.39 3.53
C LEU F 276 -52.16 -37.91 3.88
N ARG F 277 -53.33 -37.47 4.35
CA ARG F 277 -53.52 -36.07 4.72
C ARG F 277 -52.63 -35.66 5.90
N ARG F 278 -52.58 -36.48 6.95
CA ARG F 278 -51.79 -36.12 8.13
C ARG F 278 -50.29 -36.09 7.84
N ILE F 279 -49.81 -37.00 6.98
CA ILE F 279 -48.40 -36.96 6.57
C ILE F 279 -48.12 -35.72 5.73
N THR F 280 -49.02 -35.41 4.79
CA THR F 280 -48.84 -34.22 3.94
C THR F 280 -48.91 -32.93 4.76
N ARG F 281 -49.83 -32.86 5.73
CA ARG F 281 -49.90 -31.69 6.61
C ARG F 281 -48.66 -31.57 7.49
N MET F 282 -48.17 -32.71 8.01
CA MET F 282 -46.98 -32.69 8.85
C MET F 282 -45.74 -32.28 8.06
N VAL F 283 -45.67 -32.70 6.78
CA VAL F 283 -44.59 -32.26 5.90
C VAL F 283 -44.68 -30.76 5.62
N LEU F 284 -45.89 -30.26 5.33
CA LEU F 284 -46.07 -28.85 4.99
C LEU F 284 -45.78 -27.93 6.17
N VAL F 285 -46.17 -28.34 7.38
CA VAL F 285 -45.84 -27.55 8.58
C VAL F 285 -44.32 -27.51 8.78
N VAL F 286 -43.65 -28.64 8.57
CA VAL F 286 -42.19 -28.72 8.68
C VAL F 286 -41.51 -27.78 7.69
N VAL F 287 -42.01 -27.74 6.45
CA VAL F 287 -41.51 -26.78 5.47
C VAL F 287 -41.84 -25.35 5.89
N ALA F 288 -43.06 -25.12 6.40
CA ALA F 288 -43.51 -23.78 6.76
C ALA F 288 -42.74 -23.21 7.94
N VAL F 289 -42.54 -24.02 9.00
CA VAL F 289 -41.88 -23.57 10.22
C VAL F 289 -40.45 -23.12 9.94
N PHE F 290 -39.73 -23.84 9.08
CA PHE F 290 -38.42 -23.38 8.62
C PHE F 290 -38.53 -22.06 7.87
N ILE F 291 -39.56 -21.91 7.02
CA ILE F 291 -39.76 -20.67 6.29
C ILE F 291 -40.20 -19.55 7.23
N VAL F 292 -41.16 -19.82 8.13
CA VAL F 292 -41.69 -18.77 9.01
C VAL F 292 -40.62 -18.26 9.98
N CYS F 293 -39.75 -19.15 10.47
CA CYS F 293 -38.75 -18.75 11.46
C CYS F 293 -37.58 -17.98 10.85
N TRP F 294 -36.95 -18.52 9.81
CA TRP F 294 -35.67 -17.99 9.35
C TRP F 294 -35.78 -16.87 8.31
N THR F 295 -36.94 -16.69 7.67
CA THR F 295 -37.10 -15.59 6.73
C THR F 295 -37.01 -14.19 7.36
N PRO F 296 -37.61 -13.88 8.54
CA PRO F 296 -37.42 -12.51 9.08
C PRO F 296 -35.98 -12.18 9.46
N ILE F 297 -35.26 -13.09 10.09
CA ILE F 297 -33.91 -12.79 10.56
C ILE F 297 -32.94 -12.59 9.40
N HIS F 298 -33.09 -13.37 8.31
CA HIS F 298 -32.17 -13.25 7.19
C HIS F 298 -32.37 -11.95 6.40
N ILE F 299 -33.62 -11.62 6.07
CA ILE F 299 -33.89 -10.42 5.28
C ILE F 299 -33.58 -9.15 6.06
N TYR F 300 -33.87 -9.14 7.37
CA TYR F 300 -33.66 -7.93 8.16
C TYR F 300 -32.18 -7.60 8.34
N VAL F 301 -31.31 -8.61 8.38
CA VAL F 301 -29.86 -8.37 8.36
C VAL F 301 -29.44 -7.74 7.03
N ILE F 302 -30.01 -8.23 5.92
CA ILE F 302 -29.72 -7.69 4.59
C ILE F 302 -30.20 -6.25 4.48
N ILE F 303 -31.40 -5.96 4.98
CA ILE F 303 -31.93 -4.59 4.96
C ILE F 303 -31.09 -3.68 5.86
N LYS F 304 -30.64 -4.20 7.02
CA LYS F 304 -29.77 -3.43 7.91
C LYS F 304 -28.41 -3.17 7.26
N ALA F 305 -27.91 -4.12 6.47
CA ALA F 305 -26.65 -3.92 5.78
C ALA F 305 -26.81 -2.95 4.61
N LEU F 306 -27.88 -3.10 3.83
CA LEU F 306 -28.09 -2.24 2.66
C LEU F 306 -28.45 -0.81 3.07
N VAL F 307 -29.52 -0.65 3.85
CA VAL F 307 -30.08 0.65 4.16
C VAL F 307 -29.86 0.92 5.64
N THR F 308 -29.21 2.04 5.95
CA THR F 308 -29.08 2.48 7.33
C THR F 308 -30.45 2.89 7.86
N ILE F 309 -30.84 2.31 8.99
CA ILE F 309 -32.15 2.57 9.58
C ILE F 309 -31.96 3.25 10.94
N PRO F 310 -32.79 4.25 11.25
CA PRO F 310 -32.66 4.92 12.56
C PRO F 310 -33.07 4.01 13.71
N GLU F 311 -32.30 4.08 14.79
CA GLU F 311 -32.62 3.32 16.00
C GLU F 311 -33.91 3.85 16.62
N THR F 312 -34.84 2.92 16.88
CA THR F 312 -36.17 3.25 17.39
C THR F 312 -36.51 2.16 18.40
N THR F 313 -37.47 2.45 19.28
CA THR F 313 -37.98 1.45 20.21
C THR F 313 -38.58 0.26 19.47
N PHE F 314 -39.35 0.51 18.42
CA PHE F 314 -39.86 -0.57 17.58
C PHE F 314 -38.73 -1.26 16.81
N GLN F 315 -37.75 -0.48 16.34
CA GLN F 315 -36.61 -1.04 15.63
C GLN F 315 -35.76 -1.92 16.55
N THR F 316 -35.64 -1.54 17.82
CA THR F 316 -34.85 -2.32 18.78
C THR F 316 -35.52 -3.66 19.07
N VAL F 317 -36.84 -3.67 19.25
CA VAL F 317 -37.58 -4.90 19.50
C VAL F 317 -37.54 -5.81 18.28
N SER F 318 -37.69 -5.23 17.07
CA SER F 318 -37.70 -5.98 15.82
C SER F 318 -36.41 -6.78 15.59
N TRP F 319 -35.25 -6.20 15.96
CA TRP F 319 -33.98 -6.92 15.82
C TRP F 319 -33.95 -8.17 16.69
N HIS F 320 -34.34 -8.03 17.96
CA HIS F 320 -34.31 -9.18 18.87
C HIS F 320 -35.48 -10.13 18.66
N PHE F 321 -36.61 -9.62 18.15
CA PHE F 321 -37.74 -10.50 17.84
C PHE F 321 -37.43 -11.42 16.66
N CYS F 322 -36.70 -10.90 15.65
CA CYS F 322 -36.27 -11.75 14.55
C CYS F 322 -35.21 -12.76 15.00
N ILE F 323 -34.37 -12.39 15.96
CA ILE F 323 -33.44 -13.35 16.56
C ILE F 323 -34.21 -14.44 17.30
N ALA F 324 -35.27 -14.06 18.02
CA ALA F 324 -36.07 -15.00 18.80
C ALA F 324 -36.78 -16.02 17.90
N LEU F 325 -37.27 -15.58 16.74
CA LEU F 325 -37.86 -16.52 15.78
C LEU F 325 -36.84 -17.51 15.24
N GLY F 326 -35.59 -17.08 15.04
CA GLY F 326 -34.54 -17.98 14.60
C GLY F 326 -34.32 -19.15 15.54
N TYR F 327 -34.28 -18.88 16.84
CA TYR F 327 -34.18 -19.94 17.83
C TYR F 327 -35.51 -20.65 18.10
N THR F 328 -36.64 -20.03 17.72
CA THR F 328 -37.95 -20.64 17.91
C THR F 328 -38.10 -21.92 17.09
N ASN F 329 -37.46 -21.98 15.91
CA ASN F 329 -37.41 -23.22 15.15
C ASN F 329 -36.69 -24.31 15.92
N SER F 330 -35.54 -23.98 16.52
CA SER F 330 -34.81 -24.91 17.38
C SER F 330 -35.65 -25.35 18.58
N CYS F 331 -36.51 -24.46 19.09
CA CYS F 331 -37.46 -24.86 20.11
C CYS F 331 -38.50 -25.83 19.56
N LEU F 332 -38.93 -25.61 18.33
CA LEU F 332 -40.03 -26.38 17.74
C LEU F 332 -39.55 -27.59 16.95
N ASN F 333 -38.23 -27.72 16.76
CA ASN F 333 -37.70 -28.94 16.14
C ASN F 333 -37.92 -30.21 16.96
N PRO F 334 -37.83 -30.23 18.31
CA PRO F 334 -38.32 -31.43 19.03
C PRO F 334 -39.79 -31.72 18.82
N VAL F 335 -40.64 -30.69 18.77
CA VAL F 335 -42.08 -30.89 18.61
C VAL F 335 -42.39 -31.51 17.26
N LEU F 336 -41.82 -30.92 16.19
CA LEU F 336 -42.09 -31.41 14.84
C LEU F 336 -41.39 -32.74 14.57
N TYR F 337 -40.07 -32.76 14.70
CA TYR F 337 -39.31 -33.91 14.23
C TYR F 337 -39.33 -35.09 15.18
N ALA F 338 -39.40 -34.87 16.49
CA ALA F 338 -39.31 -35.97 17.45
C ALA F 338 -40.67 -36.41 17.98
N PHE F 339 -41.43 -35.49 18.59
CA PHE F 339 -42.68 -35.88 19.24
C PHE F 339 -43.75 -36.32 18.24
N LEU F 340 -43.77 -35.75 17.03
CA LEU F 340 -44.78 -36.14 16.05
C LEU F 340 -44.50 -37.48 15.37
N ASP F 341 -43.26 -37.99 15.42
CA ASP F 341 -43.00 -39.32 14.91
C ASP F 341 -43.76 -40.39 15.68
N GLU F 342 -44.30 -41.37 14.95
CA GLU F 342 -45.09 -42.44 15.55
C GLU F 342 -44.23 -43.35 16.41
N ASN F 343 -42.93 -43.47 16.09
CA ASN F 343 -42.02 -44.30 16.88
C ASN F 343 -41.86 -43.77 18.30
N PHE F 344 -41.70 -42.44 18.42
CA PHE F 344 -41.63 -41.83 19.75
C PHE F 344 -42.96 -41.87 20.46
N LYS F 345 -44.08 -41.75 19.72
CA LYS F 345 -45.41 -41.81 20.32
C LYS F 345 -45.68 -43.17 20.97
N ARG F 346 -45.13 -44.25 20.40
CA ARG F 346 -45.25 -45.56 21.04
C ARG F 346 -44.48 -45.61 22.36
N CYS F 347 -43.36 -44.91 22.45
CA CYS F 347 -42.55 -44.90 23.67
C CYS F 347 -43.28 -44.20 24.82
N PHE F 348 -43.86 -43.02 24.55
CA PHE F 348 -44.59 -42.30 25.59
C PHE F 348 -45.87 -43.02 25.98
N ARG F 349 -46.54 -43.68 25.03
CA ARG F 349 -47.73 -44.45 25.35
C ARG F 349 -47.40 -45.64 26.24
N GLU F 350 -46.37 -46.42 25.86
CA GLU F 350 -45.90 -47.53 26.68
C GLU F 350 -45.40 -47.05 28.04
N PHE F 351 -44.55 -46.04 28.05
CA PHE F 351 -43.98 -45.54 29.31
C PHE F 351 -44.72 -44.30 29.79
N VAL G 335 -44.91 -57.77 -9.59
CA VAL G 335 -44.86 -58.01 -8.15
C VAL G 335 -43.72 -57.16 -7.61
N PHE G 336 -42.86 -56.71 -8.53
CA PHE G 336 -41.79 -55.77 -8.19
C PHE G 336 -42.34 -54.46 -7.64
N ASP G 337 -43.45 -53.97 -8.23
CA ASP G 337 -44.15 -52.81 -7.68
C ASP G 337 -44.63 -53.07 -6.26
N ALA G 338 -45.17 -54.26 -6.01
CA ALA G 338 -45.67 -54.61 -4.68
C ALA G 338 -44.52 -54.74 -3.67
N VAL G 339 -43.38 -55.31 -4.08
CA VAL G 339 -42.22 -55.42 -3.20
C VAL G 339 -41.65 -54.04 -2.86
N THR G 340 -41.55 -53.17 -3.87
CA THR G 340 -41.14 -51.78 -3.67
C THR G 340 -42.10 -51.05 -2.75
N ASP G 341 -43.42 -51.30 -2.93
CA ASP G 341 -44.45 -50.68 -2.11
C ASP G 341 -44.29 -51.00 -0.62
N VAL G 342 -43.89 -52.24 -0.31
CA VAL G 342 -43.65 -52.63 1.09
C VAL G 342 -42.44 -51.90 1.66
N ILE G 343 -41.38 -51.75 0.85
CA ILE G 343 -40.16 -51.05 1.26
C ILE G 343 -40.46 -49.58 1.59
N ILE G 344 -41.35 -48.95 0.81
CA ILE G 344 -41.82 -47.60 1.11
C ILE G 344 -42.52 -47.55 2.46
N LYS G 345 -43.37 -48.54 2.76
CA LYS G 345 -44.04 -48.60 4.05
C LYS G 345 -43.05 -48.84 5.18
N ASN G 346 -42.05 -49.69 4.95
CA ASN G 346 -41.00 -49.91 5.95
C ASN G 346 -40.18 -48.65 6.17
N ASN G 347 -39.87 -47.91 5.10
CA ASN G 347 -39.11 -46.66 5.24
C ASN G 347 -39.93 -45.57 5.91
N LEU G 348 -41.24 -45.52 5.64
CA LEU G 348 -42.09 -44.55 6.33
C LEU G 348 -42.24 -44.88 7.80
N LYS G 349 -42.31 -46.17 8.15
CA LYS G 349 -42.27 -46.57 9.55
C LYS G 349 -40.89 -46.33 10.16
N ASP G 350 -39.84 -46.42 9.34
CA ASP G 350 -38.49 -46.09 9.78
C ASP G 350 -38.37 -44.61 10.12
N CYS G 351 -38.96 -43.74 9.28
CA CYS G 351 -38.93 -42.31 9.56
C CYS G 351 -39.82 -41.95 10.74
N GLY G 352 -40.87 -42.72 10.99
CA GLY G 352 -41.83 -42.40 12.02
C GLY G 352 -43.03 -41.61 11.55
N LEU G 353 -43.07 -41.23 10.28
CA LEU G 353 -44.22 -40.50 9.73
C LEU G 353 -45.46 -41.38 9.66
N PHE G 354 -45.30 -42.65 9.30
CA PHE G 354 -46.42 -43.56 9.17
C PHE G 354 -46.83 -44.12 10.53
C02 8QY H . -13.29 -34.53 -17.49
C04 8QY H . -12.48 -36.83 -17.36
C05 8QY H . -11.62 -37.46 -16.24
C06 8QY H . -10.18 -36.99 -16.22
C07 8QY H . -9.17 -37.59 -16.96
C09 8QY H . -8.36 -35.70 -15.60
C10 8QY H . -9.71 -35.90 -15.44
C11 8QY H . -12.22 -37.53 -18.71
C13 8QY H . -14.13 -32.23 -17.61
C14 8QY H . -14.30 -31.61 -16.22
C15 8QY H . -15.55 -30.69 -16.14
C16 8QY H . -16.65 -31.24 -15.25
C17 8QY H . -17.98 -30.85 -15.48
C18 8QY H . -19.00 -31.35 -14.67
C19 8QY H . -18.70 -32.23 -13.64
C21 8QY H . -17.38 -32.63 -13.41
C22 8QY H . -16.36 -32.13 -14.22
C24 8QY H . -12.91 -29.63 -16.58
C25 8QY H . -12.95 -30.73 -14.40
N03 8QY H . -12.22 -35.43 -17.50
N12 8QY H . -13.04 -33.15 -17.63
N23 8QY H . -13.06 -30.90 -15.86
O01 8QY H . -14.41 -34.94 -17.35
O20 8QY H . -19.72 -32.73 -12.83
S08 8QY H . -7.66 -36.82 -16.70
C1 CLR I . 2.32 -13.47 -4.93
C2 CLR I . 2.40 -11.97 -5.19
C3 CLR I . 2.45 -11.71 -6.70
C4 CLR I . 1.10 -12.14 -7.28
C5 CLR I . 0.95 -13.63 -7.00
C6 CLR I . 0.72 -14.41 -8.00
C7 CLR I . 0.55 -15.90 -7.88
C8 CLR I . 0.21 -16.31 -6.45
C9 CLR I . 1.14 -15.61 -5.44
C10 CLR I . 1.07 -14.09 -5.57
C11 CLR I . 0.86 -16.09 -4.01
C12 CLR I . 0.96 -17.62 -3.90
C13 CLR I . 0.07 -18.35 -4.93
C14 CLR I . 0.49 -17.81 -6.32
C15 CLR I . -0.27 -18.72 -7.28
C16 CLR I . 0.00 -20.11 -6.63
C17 CLR I . 0.29 -19.86 -5.12
C18 CLR I . -1.41 -18.00 -4.71
C19 CLR I . -0.18 -13.57 -4.84
C20 CLR I . -0.57 -20.85 -4.28
C21 CLR I . -0.21 -20.88 -2.79
C22 CLR I . -0.31 -22.28 -4.75
C23 CLR I . -1.60 -23.03 -5.09
C24 CLR I . -1.29 -24.50 -5.34
C25 CLR I . -0.30 -24.69 -6.50
C26 CLR I . 0.12 -26.15 -6.59
C27 CLR I . -0.95 -24.28 -7.83
O1 CLR I . 2.66 -10.32 -6.95
C1 CLR J . -29.53 -36.03 -26.61
C2 CLR J . -29.52 -37.57 -26.57
C3 CLR J . -28.36 -38.11 -27.41
C4 CLR J . -27.05 -37.65 -26.76
C5 CLR J . -27.07 -36.13 -26.65
C6 CLR J . -26.05 -35.48 -27.14
C7 CLR J . -25.92 -33.99 -27.11
C8 CLR J . -26.80 -33.40 -25.99
C9 CLR J . -28.22 -33.94 -26.16
C10 CLR J . -28.25 -35.46 -26.01
C11 CLR J . -29.21 -33.22 -25.21
C12 CLR J . -29.10 -31.69 -25.29
C13 CLR J . -27.67 -31.20 -25.08
C14 CLR J . -26.81 -31.88 -26.19
C15 CLR J . -25.46 -31.17 -26.06
C16 CLR J . -25.89 -29.70 -25.87
C17 CLR J . -27.37 -29.71 -25.35
C18 CLR J . -27.12 -31.62 -23.71
C19 CLR J . -28.21 -35.81 -24.52
C20 CLR J . -27.56 -28.78 -24.12
C21 CLR J . -29.01 -28.26 -24.06
C22 CLR J . -26.56 -27.62 -24.04
C23 CLR J . -26.99 -26.36 -24.80
C24 CLR J . -25.98 -25.23 -24.55
C25 CLR J . -26.40 -23.96 -25.28
C26 CLR J . -27.74 -23.49 -24.75
C27 CLR J . -25.35 -22.87 -25.04
O1 CLR J . -28.41 -39.54 -27.42
C1 CLR K . -16.21 -34.33 -1.24
C2 CLR K . -16.51 -35.78 -0.84
C3 CLR K . -15.91 -36.07 0.54
C4 CLR K . -16.65 -35.20 1.56
C5 CLR K . -16.53 -33.74 1.15
C6 CLR K . -16.14 -32.89 2.06
C7 CLR K . -15.97 -31.41 1.79
C8 CLR K . -16.76 -30.97 0.56
C9 CLR K . -16.44 -31.93 -0.61
C10 CLR K . -16.86 -33.35 -0.26
C11 CLR K . -17.05 -31.44 -1.93
C12 CLR K . -16.68 -30.00 -2.26
C13 CLR K . -17.02 -29.05 -1.09
C14 CLR K . -16.28 -29.58 0.17
C15 CLR K . -16.55 -28.47 1.19
C16 CLR K . -16.39 -27.18 0.35
C17 CLR K . -16.49 -27.61 -1.15
C18 CLR K . -18.54 -29.06 -0.84
C19 CLR K . -18.39 -33.45 -0.39
C20 CLR K . -17.34 -26.68 -2.05
C21 CLR K . -16.62 -26.50 -3.40
C22 CLR K . -17.67 -25.33 -1.36
C23 CLR K . -17.35 -24.06 -2.17
C24 CLR K . -17.74 -22.82 -1.35
C25 CLR K . -17.50 -21.57 -2.20
C26 CLR K . -16.02 -21.43 -2.55
C27 CLR K . -17.95 -20.32 -1.43
O1 CLR K . -16.10 -37.44 0.86
C1 CLR L . -31.19 -41.70 -8.70
C2 CLR L . -30.88 -42.77 -9.75
C3 CLR L . -30.51 -42.10 -11.07
C4 CLR L . -29.17 -41.39 -10.86
C5 CLR L . -29.37 -40.35 -9.76
C6 CLR L . -29.01 -39.13 -10.01
C7 CLR L . -29.14 -38.00 -9.04
C8 CLR L . -29.35 -38.49 -7.61
C9 CLR L . -30.41 -39.61 -7.59
C10 CLR L . -29.98 -40.78 -8.46
C11 CLR L . -30.76 -40.04 -6.17
C12 CLR L . -31.21 -38.84 -5.31
C13 CLR L . -30.19 -37.70 -5.32
C14 CLR L . -29.94 -37.33 -6.82
C15 CLR L . -29.08 -36.08 -6.71
C16 CLR L . -29.89 -35.28 -5.66
C17 CLR L . -30.61 -36.33 -4.76
C18 CLR L . -28.86 -38.19 -4.72
C19 CLR L . -28.90 -41.57 -7.72
C20 CLR L . -30.27 -36.09 -3.27
C21 CLR L . -31.35 -36.67 -2.37
C22 CLR L . -30.18 -34.61 -2.91
C23 CLR L . -28.85 -34.32 -2.23
C24 CLR L . -28.85 -32.90 -1.68
C25 CLR L . -27.47 -32.61 -1.10
C26 CLR L . -27.52 -31.32 -0.27
C27 CLR L . -26.52 -32.40 -2.27
O1 CLR L . -30.37 -43.09 -12.10
C1 CLR M . -26.74 -4.66 -5.02
C2 CLR M . -26.23 -3.23 -4.80
C3 CLR M . -26.20 -2.90 -3.31
C4 CLR M . -25.19 -3.83 -2.63
C5 CLR M . -25.59 -5.28 -2.90
C6 CLR M . -25.68 -6.10 -1.89
C7 CLR M . -26.06 -7.55 -2.02
C8 CLR M . -25.76 -8.03 -3.45
C9 CLR M . -26.49 -7.07 -4.42
C10 CLR M . -25.85 -5.70 -4.32
C11 CLR M . -26.49 -7.59 -5.86
C12 CLR M . -26.87 -9.08 -5.97
C13 CLR M . -26.02 -9.96 -5.07
C14 CLR M . -26.29 -9.45 -3.62
C15 CLR M . -25.64 -10.54 -2.77
C16 CLR M . -26.05 -11.84 -3.50
C17 CLR M . -26.40 -11.45 -4.97
C18 CLR M . -24.52 -9.81 -5.39
C19 CLR M . -24.48 -5.74 -5.00
C20 CLR M . -25.70 -12.35 -6.02
C21 CLR M . -26.59 -12.51 -7.27
C22 CLR M . -25.39 -13.77 -5.53
C23 CLR M . -23.88 -14.01 -5.51
C24 CLR M . -23.62 -15.47 -5.14
C25 CLR M . -22.18 -15.66 -4.66
C26 CLR M . -21.95 -14.82 -3.40
C27 CLR M . -21.93 -17.13 -4.32
O1 CLR M . -25.80 -1.55 -3.12
C1 CLR N . -22.10 -0.68 -0.09
C2 CLR N . -22.41 0.38 0.98
C3 CLR N . -23.69 0.00 1.71
C4 CLR N . -23.42 -1.27 2.50
C5 CLR N . -23.03 -2.36 1.50
C6 CLR N . -23.67 -3.49 1.55
C7 CLR N . -23.40 -4.65 0.64
C8 CLR N . -22.04 -4.52 -0.06
C9 CLR N . -21.87 -3.10 -0.61
C10 CLR N . -21.94 -2.07 0.51
C11 CLR N . -20.59 -2.97 -1.45
C12 CLR N . -20.55 -4.00 -2.58
C13 CLR N . -20.75 -5.43 -2.07
C14 CLR N . -22.09 -5.45 -1.28
C15 CLR N . -22.29 -6.93 -0.98
C16 CLR N . -22.03 -7.51 -2.40
C17 CLR N . -21.02 -6.54 -3.10
C18 CLR N . -19.60 -5.81 -1.11
C19 CLR N . -20.62 -2.12 1.31
C20 CLR N . -19.78 -7.31 -3.59
C21 CLR N . -19.10 -6.57 -4.74
C22 CLR N . -20.12 -8.70 -4.15
C23 CLR N . -19.25 -9.75 -3.46
C24 CLR N . -19.44 -11.09 -4.15
C25 CLR N . -18.65 -12.14 -3.37
C26 CLR N . -18.55 -13.42 -4.19
C27 CLR N . -19.42 -12.44 -2.09
O1 CLR N . -24.07 1.05 2.61
C02 8QY O . -26.87 -12.75 16.77
C04 8QY O . -25.42 -11.26 18.04
C05 8QY O . -23.93 -11.47 18.39
C06 8QY O . -23.68 -12.54 19.43
C07 8QY O . -23.68 -12.31 20.80
C09 8QY O . -23.20 -14.66 20.25
C10 8QY O . -23.39 -13.91 19.12
C11 8QY O . -26.12 -10.40 19.12
C13 8QY O . -28.32 -14.23 15.45
C14 8QY O . -27.52 -15.07 14.45
C15 8QY O . -28.29 -15.27 13.12
C16 8QY O . -27.65 -14.56 11.94
C17 8QY O . -28.44 -14.18 10.85
C18 8QY O . -27.86 -13.53 9.75
C19 8QY O . -26.49 -13.24 9.77
C21 8QY O . -25.71 -13.61 10.86
C22 8QY O . -26.28 -14.27 11.94
C24 8QY O . -28.31 -17.27 15.19
C25 8QY O . -26.01 -16.98 14.43
N03 8QY O . -26.12 -12.50 17.92
N12 8QY O . -27.56 -13.97 16.63
N23 8QY O . -27.16 -16.36 15.10
O01 8QY O . -26.91 -11.92 15.88
O20 8QY O . -25.91 -12.59 8.68
S08 8QY O . -23.35 -13.74 21.68
C1 CLR P . -34.86 -34.77 -9.17
C2 CLR P . -35.18 -36.26 -9.24
C3 CLR P . -34.09 -37.00 -10.02
C4 CLR P . -32.79 -36.88 -9.22
C5 CLR P . -32.46 -35.41 -9.03
C6 CLR P . -31.27 -34.99 -9.35
C7 CLR P . -30.82 -33.56 -9.20
C8 CLR P . -31.69 -32.86 -8.15
C9 CLR P . -33.16 -33.03 -8.57
C10 CLR P . -33.52 -34.51 -8.47
C11 CLR P . -34.11 -32.16 -7.76
C12 CLR P . -33.63 -30.70 -7.61
C13 CLR P . -32.20 -30.62 -7.08
C14 CLR P . -31.33 -31.36 -8.13
C15 CLR P . -29.91 -31.01 -7.68
C16 CLR P . -30.04 -29.50 -7.32
C17 CLR P . -31.54 -29.23 -7.02
C18 CLR P . -32.06 -31.33 -5.71
C19 CLR P . -33.63 -34.88 -6.98
C20 CLR P . -31.78 -28.46 -5.70
C21 CLR P . -33.01 -27.57 -5.81
C22 CLR P . -30.60 -27.57 -5.28
C23 CLR P . -30.01 -28.04 -3.95
C24 CLR P . -28.95 -27.03 -3.51
C25 CLR P . -28.01 -27.67 -2.48
C26 CLR P . -27.29 -28.86 -3.11
C27 CLR P . -26.97 -26.66 -2.01
O1 CLR P . -34.44 -38.38 -10.13
C1 CLR Q . -21.13 -41.05 17.27
C2 CLR Q . -22.00 -42.29 17.01
C3 CLR Q . -23.37 -42.12 17.68
C4 CLR Q . -24.08 -40.96 16.97
C5 CLR Q . -23.22 -39.72 17.16
C6 CLR Q . -23.78 -38.68 17.69
C7 CLR Q . -23.07 -37.38 17.94
C8 CLR Q . -21.79 -37.26 17.10
C9 CLR Q . -20.97 -38.57 17.19
C10 CLR Q . -21.78 -39.78 16.73
C11 CLR Q . -19.64 -38.44 16.44
C12 CLR Q . -18.83 -37.22 16.93
C13 CLR Q . -19.64 -35.91 16.91
C14 CLR Q . -20.93 -36.18 17.75
C15 CLR Q . -21.56 -34.79 17.84
C16 CLR Q . -20.31 -33.94 18.18
C17 CLR Q . -19.06 -34.68 17.64
C18 CLR Q . -20.07 -35.58 15.47
C19 CLR Q . -21.80 -39.84 15.19
C20 CLR Q . -18.18 -33.69 16.83
C21 CLR Q . -16.81 -34.24 16.43
C22 CLR Q . -17.86 -32.49 17.71
C23 CLR Q . -18.20 -31.16 17.02
C24 CLR Q . -17.66 -29.99 17.85
C25 CLR Q . -18.24 -29.98 19.26
C26 CLR Q . -17.53 -28.92 20.10
C27 CLR Q . -19.73 -29.65 19.22
O1 CLR Q . -24.12 -43.32 17.55
C1 CLR R . -39.12 -1.27 7.99
C2 CLR R . -38.40 0.01 8.45
C3 CLR R . -38.49 0.15 9.97
C4 CLR R . -37.75 -1.02 10.61
C5 CLR R . -38.35 -2.31 10.09
C6 CLR R . -38.72 -3.21 10.96
C7 CLR R . -39.33 -4.52 10.59
C8 CLR R . -38.94 -4.92 9.17
C9 CLR R . -39.27 -3.76 8.23
C10 CLR R . -38.47 -2.51 8.60
C11 CLR R . -39.11 -4.16 6.75
C12 CLR R . -39.82 -5.47 6.41
C13 CLR R . -39.43 -6.61 7.36
C14 CLR R . -39.77 -6.13 8.79
C15 CLR R . -39.57 -7.39 9.64
C16 CLR R . -40.21 -8.48 8.74
C17 CLR R . -40.23 -7.93 7.28
C18 CLR R . -37.92 -6.89 7.28
C19 CLR R . -37.05 -2.65 8.04
C20 CLR R . -39.67 -8.96 6.25
C21 CLR R . -40.31 -8.75 4.86
C22 CLR R . -39.81 -10.43 6.69
C23 CLR R . -41.15 -11.08 6.31
C24 CLR R . -41.13 -12.56 6.69
C25 CLR R . -42.44 -13.24 6.29
C26 CLR R . -42.63 -13.16 4.77
C27 CLR R . -42.39 -14.71 6.71
O1 CLR R . -37.88 1.38 10.38
C1 CLR S . -14.48 -15.90 6.55
C2 CLR S . -13.59 -14.66 6.56
C3 CLR S . -12.12 -15.08 6.48
C4 CLR S . -11.88 -15.75 5.13
C5 CLR S . -12.84 -16.92 4.97
C6 CLR S . -12.35 -18.07 4.61
C7 CLR S . -13.17 -19.31 4.42
C8 CLR S . -14.65 -18.97 4.22
C9 CLR S . -15.10 -18.00 5.32
C10 CLR S . -14.30 -16.70 5.25
C11 CLR S . -16.61 -17.75 5.30
C12 CLR S . -17.42 -19.06 5.32
C13 CLR S . -16.97 -20.01 4.21
C14 CLR S . -15.45 -20.26 4.38
C15 CLR S . -15.16 -21.35 3.33
C16 CLR S . -16.41 -22.27 3.48
C17 CLR S . -17.50 -21.45 4.23
C18 CLR S . -17.23 -19.37 2.83
C19 CLR S . -14.83 -15.87 4.07
C20 CLR S . -18.93 -21.60 3.67
C21 CLR S . -19.92 -21.71 4.84
C22 CLR S . -19.07 -22.76 2.65
C23 CLR S . -20.21 -23.75 2.91
C24 CLR S . -20.21 -24.84 1.83
C25 CLR S . -21.41 -25.77 2.05
C26 CLR S . -21.30 -26.48 3.40
C27 CLR S . -21.47 -26.82 0.93
O1 CLR S . -11.29 -13.92 6.60
#